data_4H09
#
_entry.id   4H09
#
_cell.length_a   105.513
_cell.length_b   105.513
_cell.length_c   361.567
_cell.angle_alpha   90.000
_cell.angle_beta   90.000
_cell.angle_gamma   120.000
#
_symmetry.space_group_name_H-M   'P 61'
#
loop_
_entity.id
_entity.type
_entity.pdbx_description
1 polymer 'Hypothetical leucine rich repeat protein'
2 non-polymer DI(HYDROXYETHYL)ETHER
3 non-polymer 1,2-ETHANEDIOL
4 water water
#
_entity_poly.entity_id   1
_entity_poly.type   'polypeptide(L)'
_entity_poly.pdbx_seq_one_letter_code
;GASITYNVSSTIKGVLTDDGVLTISGTGA(MSE)PDYTKIANIPWYKDRDRISEVRVNSGITSIGEANFNSCYN(MSE)T
KVTVASTVTSIGDGAFADTKLQSYTG(MSE)ERVKKFGDYVFQGTDLDDFEFPGATTEIGNYIFYNSSVKRIVIPKSVTT
IKDGIGYKAENLEKIEVSSNNKNYVAENYVLYNKNKTILESYPAAKTGTEFTIPSTVKTVTAYGFSYGKNLKKITITSGV
TTLGDGAFYG(MSE)KALDEIAIPKNVTSIGSFLLQNCTALKTLNFYAKVKTVPYLLCSGCSNLTKVV(MSE)DNSAIET
LEPRVF(MSE)DCVKLSSVTLPTALKTIQVYAFKNCKALSTISYPKSITLIESGAFEGSSITKYPTWLSKGNNGDYGIFT
KIK
;
_entity_poly.pdbx_strand_id   A,B,C,D,E
#
# COMPACT_ATOMS: atom_id res chain seq x y z
N GLY A 1 -36.49 37.30 -17.14
CA GLY A 1 -36.12 35.95 -16.76
C GLY A 1 -34.66 35.77 -16.40
N ALA A 2 -34.41 35.10 -15.28
CA ALA A 2 -33.05 34.85 -14.86
C ALA A 2 -32.42 33.81 -15.76
N SER A 3 -31.22 34.12 -16.21
CA SER A 3 -30.40 33.24 -17.01
C SER A 3 -28.98 33.37 -16.48
N ILE A 4 -28.41 32.26 -16.02
CA ILE A 4 -27.09 32.27 -15.37
C ILE A 4 -26.06 31.65 -16.29
N THR A 5 -24.95 32.36 -16.45
CA THR A 5 -23.80 31.96 -17.25
C THR A 5 -22.67 31.54 -16.35
N TYR A 6 -22.04 30.40 -16.69
CA TYR A 6 -20.92 29.81 -15.96
C TYR A 6 -19.69 29.76 -16.81
N ASN A 7 -18.58 30.24 -16.24
CA ASN A 7 -17.30 30.16 -16.93
C ASN A 7 -16.76 28.76 -16.72
N VAL A 8 -16.72 27.94 -17.77
CA VAL A 8 -16.24 26.57 -17.54
C VAL A 8 -14.75 26.55 -17.89
N SER A 9 -14.41 27.01 -19.10
CA SER A 9 -13.02 27.11 -19.59
C SER A 9 -13.00 28.21 -20.63
N SER A 10 -11.83 28.43 -21.25
CA SER A 10 -11.67 29.46 -22.28
C SER A 10 -12.44 29.14 -23.54
N THR A 11 -12.90 27.87 -23.69
CA THR A 11 -13.62 27.43 -24.89
C THR A 11 -14.98 26.81 -24.54
N ILE A 12 -15.33 26.73 -23.24
CA ILE A 12 -16.58 26.12 -22.82
C ILE A 12 -17.34 27.03 -21.85
N LYS A 13 -18.64 27.11 -22.02
CA LYS A 13 -19.54 27.83 -21.11
C LYS A 13 -20.75 26.96 -20.76
N GLY A 14 -21.39 27.34 -19.67
CA GLY A 14 -22.62 26.75 -19.20
C GLY A 14 -23.66 27.86 -19.07
N VAL A 15 -24.89 27.57 -19.50
CA VAL A 15 -26.03 28.50 -19.35
C VAL A 15 -27.19 27.73 -18.73
N LEU A 16 -27.65 28.20 -17.56
CA LEU A 16 -28.80 27.66 -16.84
C LEU A 16 -29.94 28.62 -17.03
N THR A 17 -30.98 28.19 -17.77
CA THR A 17 -32.16 28.97 -18.09
C THR A 17 -33.29 28.69 -17.08
N ASP A 18 -34.28 29.61 -16.99
CA ASP A 18 -35.47 29.56 -16.14
C ASP A 18 -36.24 28.25 -16.16
N ASP A 19 -36.13 27.49 -17.28
CA ASP A 19 -36.81 26.21 -17.53
C ASP A 19 -36.06 25.03 -16.82
N GLY A 20 -34.96 25.33 -16.13
CA GLY A 20 -34.17 24.35 -15.40
C GLY A 20 -33.16 23.59 -16.24
N VAL A 21 -32.89 24.08 -17.45
CA VAL A 21 -31.94 23.40 -18.34
C VAL A 21 -30.56 24.05 -18.19
N LEU A 22 -29.54 23.22 -17.94
CA LEU A 22 -28.15 23.60 -17.93
C LEU A 22 -27.55 23.09 -19.27
N THR A 23 -27.20 24.04 -20.14
CA THR A 23 -26.65 23.76 -21.45
C THR A 23 -25.17 24.07 -21.46
N ILE A 24 -24.36 23.03 -21.77
CA ILE A 24 -22.92 23.14 -21.91
C ILE A 24 -22.64 23.32 -23.40
N SER A 25 -22.00 24.44 -23.76
CA SER A 25 -21.66 24.72 -25.14
C SER A 25 -20.21 25.15 -25.24
N GLY A 26 -19.65 24.97 -26.44
CA GLY A 26 -18.28 25.31 -26.76
C GLY A 26 -17.53 24.16 -27.39
N THR A 27 -16.19 24.11 -27.17
CA THR A 27 -15.38 23.04 -27.76
C THR A 27 -14.35 22.48 -26.80
N GLY A 28 -14.08 21.19 -26.93
CA GLY A 28 -13.06 20.51 -26.17
C GLY A 28 -13.49 19.74 -24.93
N ALA A 29 -12.50 19.44 -24.12
CA ALA A 29 -12.63 18.67 -22.90
C ALA A 29 -13.11 19.52 -21.74
N PRO A 31 -13.43 20.46 -17.81
CA PRO A 31 -12.47 20.24 -16.72
C PRO A 31 -12.88 19.14 -15.76
N ASP A 32 -11.92 18.66 -15.00
CA ASP A 32 -12.13 17.68 -13.95
C ASP A 32 -12.25 18.44 -12.64
N TYR A 33 -13.27 18.16 -11.85
CA TYR A 33 -13.36 18.81 -10.54
C TYR A 33 -13.04 17.83 -9.46
N THR A 34 -12.09 18.17 -8.57
CA THR A 34 -11.65 17.25 -7.49
C THR A 34 -12.50 17.44 -6.23
N LYS A 35 -13.17 18.59 -6.10
CA LYS A 35 -14.06 18.89 -5.00
C LYS A 35 -15.42 19.29 -5.58
N ILE A 36 -16.49 18.63 -5.09
CA ILE A 36 -17.89 18.88 -5.49
C ILE A 36 -18.20 20.38 -5.39
N ALA A 37 -17.71 21.07 -4.35
CA ALA A 37 -17.96 22.51 -4.18
C ALA A 37 -17.22 23.40 -5.20
N ASN A 38 -16.39 22.82 -6.07
CA ASN A 38 -15.64 23.59 -7.09
C ASN A 38 -16.37 23.65 -8.44
N ILE A 39 -17.44 22.81 -8.59
CA ILE A 39 -18.19 22.78 -9.85
C ILE A 39 -18.88 24.14 -10.01
N PRO A 40 -18.82 24.79 -11.18
CA PRO A 40 -19.35 26.16 -11.30
C PRO A 40 -20.82 26.37 -10.83
N TRP A 41 -21.67 25.41 -11.10
CA TRP A 41 -23.10 25.50 -10.78
C TRP A 41 -23.42 24.90 -9.39
N TYR A 42 -22.41 24.68 -8.50
CA TYR A 42 -22.59 24.11 -7.16
C TYR A 42 -23.70 24.79 -6.36
N LYS A 43 -23.71 26.14 -6.36
CA LYS A 43 -24.70 26.90 -5.61
C LYS A 43 -26.10 26.87 -6.27
N ASP A 44 -26.25 26.34 -7.51
CA ASP A 44 -27.51 26.34 -8.26
C ASP A 44 -28.03 24.95 -8.58
N ARG A 45 -27.55 23.93 -7.86
CA ARG A 45 -27.95 22.52 -8.03
C ARG A 45 -29.46 22.28 -7.92
N ASP A 46 -30.16 23.06 -7.08
CA ASP A 46 -31.61 22.97 -6.90
C ASP A 46 -32.38 23.29 -8.19
N ARG A 47 -31.81 24.16 -9.04
CA ARG A 47 -32.43 24.65 -10.26
C ARG A 47 -32.20 23.76 -11.49
N ILE A 48 -31.24 22.85 -11.45
CA ILE A 48 -30.92 22.02 -12.62
C ILE A 48 -31.79 20.76 -12.67
N SER A 49 -32.66 20.67 -13.68
CA SER A 49 -33.52 19.48 -13.84
C SER A 49 -33.08 18.64 -15.03
N GLU A 50 -32.34 19.26 -15.96
CA GLU A 50 -31.86 18.62 -17.18
C GLU A 50 -30.54 19.26 -17.62
N VAL A 51 -29.63 18.41 -18.12
CA VAL A 51 -28.34 18.85 -18.66
C VAL A 51 -28.26 18.48 -20.14
N ARG A 52 -27.79 19.45 -20.95
CA ARG A 52 -27.56 19.24 -22.38
C ARG A 52 -26.09 19.58 -22.69
N VAL A 53 -25.32 18.58 -23.17
CA VAL A 53 -23.91 18.76 -23.54
C VAL A 53 -23.90 18.74 -25.07
N ASN A 54 -23.69 19.93 -25.66
CA ASN A 54 -23.81 20.18 -27.11
C ASN A 54 -22.59 19.80 -27.94
N SER A 55 -22.78 19.73 -29.29
CA SER A 55 -21.72 19.42 -30.26
C SER A 55 -20.55 20.38 -30.11
N GLY A 56 -19.36 19.80 -30.11
CA GLY A 56 -18.11 20.53 -29.92
C GLY A 56 -17.39 20.07 -28.67
N ILE A 57 -18.15 19.68 -27.63
CA ILE A 57 -17.60 19.16 -26.38
C ILE A 57 -17.11 17.73 -26.62
N THR A 58 -15.89 17.39 -26.20
CA THR A 58 -15.29 16.09 -26.51
C THR A 58 -15.29 15.14 -25.32
N SER A 59 -15.45 15.68 -24.10
CA SER A 59 -15.53 14.87 -22.89
C SER A 59 -16.21 15.61 -21.73
N ILE A 60 -16.95 14.84 -20.89
CA ILE A 60 -17.54 15.30 -19.64
C ILE A 60 -16.51 14.94 -18.58
N GLY A 61 -16.10 15.92 -17.79
CA GLY A 61 -15.07 15.71 -16.79
C GLY A 61 -15.53 15.10 -15.49
N GLU A 62 -14.56 14.87 -14.62
CA GLU A 62 -14.77 14.34 -13.29
C GLU A 62 -15.74 15.21 -12.50
N ALA A 63 -16.75 14.56 -11.87
CA ALA A 63 -17.75 15.16 -10.97
C ALA A 63 -18.52 16.35 -11.55
N ASN A 64 -18.59 16.51 -12.88
CA ASN A 64 -19.21 17.68 -13.50
C ASN A 64 -20.64 17.94 -13.05
N PHE A 65 -21.48 16.90 -12.95
CA PHE A 65 -22.87 17.10 -12.53
C PHE A 65 -23.14 16.36 -11.23
N ASN A 66 -22.07 16.13 -10.46
CA ASN A 66 -22.12 15.50 -9.15
C ASN A 66 -23.00 16.31 -8.19
N SER A 67 -23.95 15.62 -7.54
CA SER A 67 -24.89 16.20 -6.56
C SER A 67 -25.91 17.16 -7.16
N CYS A 68 -26.14 17.09 -8.49
CA CYS A 68 -27.22 17.81 -9.14
C CYS A 68 -28.43 16.93 -8.97
N TYR A 69 -28.94 16.95 -7.72
CA TYR A 69 -29.98 16.07 -7.20
C TYR A 69 -31.36 16.21 -7.87
N ASN A 70 -31.60 17.31 -8.59
CA ASN A 70 -32.88 17.44 -9.27
C ASN A 70 -32.78 17.05 -10.77
N THR A 72 -32.86 14.87 -13.89
CA THR A 72 -33.46 13.57 -14.23
C THR A 72 -33.09 13.10 -15.65
N LYS A 73 -32.51 14.00 -16.47
CA LYS A 73 -32.15 13.69 -17.85
C LYS A 73 -30.87 14.40 -18.28
N VAL A 74 -30.10 13.72 -19.15
CA VAL A 74 -28.90 14.29 -19.77
C VAL A 74 -28.95 13.99 -21.28
N THR A 75 -28.59 14.98 -22.09
CA THR A 75 -28.48 14.85 -23.52
C THR A 75 -27.01 15.04 -23.84
N VAL A 76 -26.37 14.00 -24.43
CA VAL A 76 -24.94 14.03 -24.72
C VAL A 76 -24.72 13.93 -26.23
N ALA A 77 -24.08 14.96 -26.81
CA ALA A 77 -23.80 15.02 -28.24
C ALA A 77 -22.77 13.95 -28.68
N SER A 78 -22.73 13.68 -29.98
CA SER A 78 -21.88 12.69 -30.65
C SER A 78 -20.40 13.03 -30.59
N THR A 79 -20.05 14.29 -30.26
CA THR A 79 -18.63 14.70 -30.16
C THR A 79 -17.99 14.23 -28.84
N VAL A 80 -18.81 13.86 -27.82
CA VAL A 80 -18.34 13.41 -26.50
C VAL A 80 -17.91 11.97 -26.56
N THR A 81 -16.63 11.70 -26.26
CA THR A 81 -16.03 10.37 -26.33
C THR A 81 -15.71 9.77 -24.96
N SER A 82 -15.78 10.58 -23.88
CA SER A 82 -15.56 10.05 -22.53
C SER A 82 -16.35 10.82 -21.47
N ILE A 83 -16.78 10.11 -20.41
CA ILE A 83 -17.52 10.68 -19.28
C ILE A 83 -16.70 10.32 -18.03
N GLY A 84 -16.21 11.33 -17.35
CA GLY A 84 -15.34 11.18 -16.18
C GLY A 84 -15.97 10.64 -14.92
N ASP A 85 -15.12 10.29 -13.95
CA ASP A 85 -15.48 9.75 -12.63
C ASP A 85 -16.55 10.59 -11.96
N GLY A 86 -17.62 9.91 -11.50
CA GLY A 86 -18.75 10.48 -10.78
C GLY A 86 -19.44 11.65 -11.46
N ALA A 87 -19.39 11.70 -12.82
CA ALA A 87 -19.98 12.78 -13.61
C ALA A 87 -21.44 12.98 -13.29
N PHE A 88 -22.19 11.90 -12.99
CA PHE A 88 -23.62 12.00 -12.65
C PHE A 88 -23.91 11.42 -11.26
N ALA A 89 -22.86 11.33 -10.40
CA ALA A 89 -23.00 10.81 -9.04
C ALA A 89 -23.93 11.68 -8.22
N ASP A 90 -24.97 11.02 -7.70
CA ASP A 90 -26.00 11.57 -6.83
C ASP A 90 -26.85 12.60 -7.54
N THR A 91 -27.16 12.33 -8.82
CA THR A 91 -28.16 13.00 -9.64
C THR A 91 -29.43 12.11 -9.58
N LYS A 92 -30.59 12.61 -10.06
CA LYS A 92 -31.83 11.84 -10.10
C LYS A 92 -31.97 11.29 -11.53
N LEU A 93 -30.81 10.96 -12.18
CA LEU A 93 -30.77 10.52 -13.57
C LEU A 93 -31.67 9.35 -13.80
N GLN A 94 -32.62 9.53 -14.73
CA GLN A 94 -33.61 8.52 -15.07
C GLN A 94 -33.47 8.00 -16.49
N SER A 95 -32.96 8.85 -17.39
CA SER A 95 -32.76 8.52 -18.80
C SER A 95 -31.74 9.42 -19.45
N TYR A 96 -31.26 9.01 -20.62
CA TYR A 96 -30.36 9.82 -21.40
C TYR A 96 -30.71 9.67 -22.86
N THR A 97 -30.37 10.69 -23.64
CA THR A 97 -30.44 10.64 -25.11
C THR A 97 -29.01 10.97 -25.59
N GLY A 98 -28.59 10.34 -26.67
CA GLY A 98 -27.28 10.54 -27.25
C GLY A 98 -26.25 9.58 -26.72
N GLU A 100 -23.75 8.65 -28.30
CA GLU A 100 -23.48 7.82 -29.48
C GLU A 100 -22.01 7.48 -29.68
N ARG A 101 -21.09 8.35 -29.26
CA ARG A 101 -19.67 8.08 -29.45
C ARG A 101 -18.89 7.98 -28.13
N VAL A 102 -19.58 7.83 -26.97
CA VAL A 102 -18.88 7.70 -25.68
C VAL A 102 -18.21 6.32 -25.65
N LYS A 103 -16.89 6.32 -25.53
CA LYS A 103 -16.09 5.10 -25.48
C LYS A 103 -15.72 4.72 -24.04
N LYS A 104 -15.38 5.71 -23.20
CA LYS A 104 -14.95 5.47 -21.81
C LYS A 104 -15.84 6.13 -20.76
N PHE A 105 -16.21 5.32 -19.76
CA PHE A 105 -16.97 5.71 -18.57
C PHE A 105 -16.09 5.52 -17.36
N GLY A 106 -16.00 6.53 -16.51
CA GLY A 106 -15.19 6.48 -15.31
C GLY A 106 -15.85 5.71 -14.19
N ASP A 107 -15.31 5.87 -12.99
CA ASP A 107 -15.83 5.20 -11.81
C ASP A 107 -16.97 6.00 -11.23
N TYR A 108 -17.96 5.32 -10.62
CA TYR A 108 -19.12 5.91 -9.92
C TYR A 108 -19.92 6.89 -10.77
N VAL A 109 -19.83 6.80 -12.13
CA VAL A 109 -20.48 7.74 -13.03
C VAL A 109 -21.98 7.82 -12.73
N PHE A 110 -22.63 6.67 -12.45
CA PHE A 110 -24.08 6.64 -12.20
C PHE A 110 -24.41 6.26 -10.75
N GLN A 111 -23.51 6.61 -9.83
CA GLN A 111 -23.74 6.40 -8.41
C GLN A 111 -24.97 7.22 -7.96
N GLY A 112 -25.85 6.59 -7.18
CA GLY A 112 -27.03 7.21 -6.59
C GLY A 112 -28.08 7.71 -7.55
N THR A 113 -28.05 7.21 -8.81
CA THR A 113 -28.98 7.63 -9.85
C THR A 113 -30.33 6.91 -9.74
N ASP A 114 -31.35 7.46 -10.39
CA ASP A 114 -32.73 6.94 -10.34
C ASP A 114 -33.05 6.18 -11.64
N LEU A 115 -32.14 5.31 -12.06
CA LEU A 115 -32.27 4.53 -13.30
C LEU A 115 -33.18 3.31 -13.11
N ASP A 116 -33.74 2.80 -14.22
CA ASP A 116 -34.55 1.59 -14.23
C ASP A 116 -33.90 0.64 -15.21
N ASP A 117 -34.19 0.80 -16.51
CA ASP A 117 -33.59 0.01 -17.57
C ASP A 117 -32.48 0.85 -18.19
N PHE A 118 -31.22 0.37 -18.09
CA PHE A 118 -30.08 1.11 -18.61
C PHE A 118 -29.30 0.28 -19.62
N GLU A 119 -29.14 0.84 -20.81
CA GLU A 119 -28.34 0.22 -21.86
C GLU A 119 -27.14 1.11 -22.13
N PHE A 120 -25.93 0.53 -22.06
CA PHE A 120 -24.72 1.27 -22.37
C PHE A 120 -24.72 1.62 -23.86
N PRO A 121 -24.32 2.86 -24.23
CA PRO A 121 -24.41 3.27 -25.64
C PRO A 121 -23.46 2.48 -26.54
N GLY A 122 -23.81 2.43 -27.83
CA GLY A 122 -23.16 1.66 -28.90
C GLY A 122 -21.65 1.66 -29.09
N ALA A 123 -20.94 2.73 -28.65
CA ALA A 123 -19.50 2.81 -28.84
C ALA A 123 -18.72 2.57 -27.54
N THR A 124 -19.41 2.21 -26.44
CA THR A 124 -18.77 1.96 -25.12
C THR A 124 -17.72 0.86 -25.21
N THR A 125 -16.50 1.13 -24.75
CA THR A 125 -15.45 0.11 -24.72
C THR A 125 -15.02 -0.15 -23.29
N GLU A 126 -15.01 0.89 -22.44
CA GLU A 126 -14.56 0.78 -21.04
CA GLU A 126 -14.57 0.75 -21.05
C GLU A 126 -15.61 1.30 -20.06
N ILE A 127 -15.94 0.47 -19.04
CA ILE A 127 -16.88 0.75 -17.95
C ILE A 127 -16.08 0.74 -16.65
N GLY A 128 -16.02 1.87 -15.97
CA GLY A 128 -15.28 2.03 -14.72
C GLY A 128 -15.86 1.28 -13.52
N ASN A 129 -15.18 1.37 -12.37
CA ASN A 129 -15.52 0.72 -11.11
C ASN A 129 -16.73 1.30 -10.42
N TYR A 130 -17.52 0.42 -9.75
CA TYR A 130 -18.66 0.77 -8.88
C TYR A 130 -19.54 1.84 -9.53
N ILE A 131 -19.80 1.65 -10.85
CA ILE A 131 -20.48 2.60 -11.72
C ILE A 131 -21.95 2.83 -11.34
N PHE A 132 -22.59 1.86 -10.63
CA PHE A 132 -24.01 1.95 -10.25
C PHE A 132 -24.23 1.91 -8.72
N TYR A 133 -23.21 2.28 -7.95
CA TYR A 133 -23.27 2.31 -6.49
C TYR A 133 -24.48 3.13 -5.99
N ASN A 134 -25.44 2.48 -5.31
CA ASN A 134 -26.68 3.07 -4.78
C ASN A 134 -27.60 3.58 -5.89
N SER A 135 -27.40 3.10 -7.14
CA SER A 135 -28.31 3.44 -8.23
C SER A 135 -29.50 2.51 -8.13
N SER A 136 -30.66 2.97 -8.54
CA SER A 136 -31.88 2.15 -8.46
C SER A 136 -32.02 1.24 -9.70
N VAL A 137 -31.01 1.22 -10.60
CA VAL A 137 -30.96 0.42 -11.84
C VAL A 137 -31.46 -1.01 -11.60
N LYS A 138 -32.41 -1.45 -12.44
CA LYS A 138 -33.04 -2.79 -12.40
C LYS A 138 -32.46 -3.71 -13.48
N ARG A 139 -32.06 -3.14 -14.62
CA ARG A 139 -31.45 -3.90 -15.72
C ARG A 139 -30.32 -3.12 -16.38
N ILE A 140 -29.20 -3.83 -16.62
CA ILE A 140 -28.02 -3.33 -17.33
C ILE A 140 -27.87 -4.13 -18.64
N VAL A 141 -27.73 -3.44 -19.77
CA VAL A 141 -27.51 -4.08 -21.06
C VAL A 141 -26.09 -3.69 -21.57
N ILE A 142 -25.24 -4.70 -21.85
CA ILE A 142 -23.87 -4.52 -22.32
C ILE A 142 -23.80 -4.75 -23.85
N PRO A 143 -23.51 -3.70 -24.65
CA PRO A 143 -23.44 -3.87 -26.11
C PRO A 143 -22.18 -4.64 -26.56
N LYS A 144 -22.13 -5.05 -27.85
CA LYS A 144 -21.02 -5.84 -28.40
C LYS A 144 -19.64 -5.13 -28.31
N SER A 145 -19.64 -3.79 -28.29
CA SER A 145 -18.44 -2.95 -28.26
C SER A 145 -17.60 -2.99 -26.97
N VAL A 146 -18.22 -3.32 -25.81
CA VAL A 146 -17.53 -3.27 -24.50
C VAL A 146 -16.42 -4.34 -24.43
N THR A 147 -15.20 -3.87 -24.15
CA THR A 147 -14.01 -4.73 -24.03
C THR A 147 -13.53 -4.81 -22.58
N THR A 148 -13.85 -3.78 -21.75
CA THR A 148 -13.39 -3.71 -20.36
C THR A 148 -14.49 -3.27 -19.39
N ILE A 149 -14.79 -4.11 -18.39
CA ILE A 149 -15.72 -3.82 -17.29
C ILE A 149 -14.90 -3.98 -16.01
N LYS A 150 -14.69 -2.87 -15.31
CA LYS A 150 -13.89 -2.88 -14.07
C LYS A 150 -14.72 -3.46 -12.93
N ASP A 151 -14.08 -3.76 -11.78
CA ASP A 151 -14.69 -4.40 -10.61
C ASP A 151 -15.93 -3.68 -10.09
N GLY A 152 -16.94 -4.47 -9.76
CA GLY A 152 -18.17 -4.04 -9.11
C GLY A 152 -19.20 -3.28 -9.92
N ILE A 153 -19.56 -3.76 -11.14
CA ILE A 153 -20.58 -3.08 -11.97
C ILE A 153 -21.92 -3.06 -11.22
N GLY A 154 -22.23 -4.13 -10.48
CA GLY A 154 -23.46 -4.26 -9.69
C GLY A 154 -23.31 -3.97 -8.21
N TYR A 155 -22.11 -3.51 -7.78
CA TYR A 155 -21.85 -3.22 -6.36
C TYR A 155 -22.79 -2.15 -5.80
N LYS A 156 -23.64 -2.56 -4.83
CA LYS A 156 -24.68 -1.82 -4.12
C LYS A 156 -25.73 -1.26 -5.11
N ALA A 157 -25.93 -1.95 -6.24
CA ALA A 157 -27.04 -1.76 -7.16
C ALA A 157 -28.09 -2.80 -6.65
N GLU A 158 -28.68 -2.48 -5.48
CA GLU A 158 -29.56 -3.37 -4.73
C GLU A 158 -30.90 -3.71 -5.43
N ASN A 159 -31.28 -3.02 -6.50
CA ASN A 159 -32.52 -3.34 -7.19
C ASN A 159 -32.23 -4.07 -8.52
N LEU A 160 -30.92 -4.29 -8.82
CA LEU A 160 -30.49 -4.95 -10.06
C LEU A 160 -30.97 -6.40 -10.13
N GLU A 161 -31.74 -6.69 -11.18
CA GLU A 161 -32.32 -8.01 -11.39
C GLU A 161 -31.67 -8.72 -12.56
N LYS A 162 -31.29 -7.94 -13.60
CA LYS A 162 -30.72 -8.50 -14.81
C LYS A 162 -29.52 -7.77 -15.34
N ILE A 163 -28.56 -8.54 -15.84
CA ILE A 163 -27.39 -8.11 -16.60
C ILE A 163 -27.49 -8.89 -17.90
N GLU A 164 -27.60 -8.20 -19.03
CA GLU A 164 -27.68 -8.83 -20.34
C GLU A 164 -26.52 -8.36 -21.19
N VAL A 165 -25.85 -9.30 -21.89
CA VAL A 165 -24.70 -9.01 -22.75
C VAL A 165 -25.00 -9.47 -24.17
N SER A 166 -24.67 -8.62 -25.17
CA SER A 166 -24.80 -8.94 -26.59
C SER A 166 -24.02 -10.20 -26.90
N SER A 167 -24.63 -11.10 -27.69
CA SER A 167 -24.03 -12.37 -28.12
C SER A 167 -22.73 -12.13 -28.88
N ASN A 168 -22.61 -10.96 -29.54
CA ASN A 168 -21.49 -10.53 -30.35
C ASN A 168 -20.37 -9.84 -29.55
N ASN A 169 -20.56 -9.66 -28.22
CA ASN A 169 -19.49 -9.11 -27.37
C ASN A 169 -18.36 -10.14 -27.31
N LYS A 170 -17.11 -9.69 -27.51
CA LYS A 170 -15.95 -10.57 -27.58
C LYS A 170 -15.32 -10.88 -26.20
N ASN A 171 -15.64 -10.08 -25.17
CA ASN A 171 -14.99 -10.22 -23.86
C ASN A 171 -15.90 -10.62 -22.70
N TYR A 172 -17.22 -10.46 -22.87
CA TYR A 172 -18.17 -10.74 -21.79
C TYR A 172 -19.39 -11.52 -22.30
N VAL A 173 -20.05 -12.21 -21.36
CA VAL A 173 -21.25 -12.99 -21.61
C VAL A 173 -22.11 -13.01 -20.34
N ALA A 174 -23.42 -13.17 -20.49
CA ALA A 174 -24.34 -13.28 -19.37
C ALA A 174 -25.06 -14.62 -19.49
N GLU A 175 -25.05 -15.38 -18.38
CA GLU A 175 -25.71 -16.68 -18.28
C GLU A 175 -26.68 -16.61 -17.11
N ASN A 176 -28.00 -16.60 -17.44
CA ASN A 176 -29.14 -16.50 -16.53
C ASN A 176 -29.08 -15.18 -15.79
N TYR A 177 -28.75 -14.11 -16.55
CA TYR A 177 -28.64 -12.71 -16.14
C TYR A 177 -27.45 -12.45 -15.17
N VAL A 178 -26.51 -13.42 -15.06
CA VAL A 178 -25.27 -13.32 -14.26
C VAL A 178 -24.13 -12.98 -15.22
N LEU A 179 -23.37 -11.89 -14.93
CA LEU A 179 -22.27 -11.42 -15.76
C LEU A 179 -20.96 -12.22 -15.55
N TYR A 180 -20.39 -12.68 -16.67
CA TYR A 180 -19.12 -13.41 -16.78
C TYR A 180 -18.25 -12.81 -17.86
N ASN A 181 -16.97 -13.21 -17.88
CA ASN A 181 -16.10 -12.91 -19.01
C ASN A 181 -16.51 -13.93 -20.11
N LYS A 182 -16.21 -13.66 -21.40
CA LYS A 182 -16.61 -14.50 -22.54
C LYS A 182 -16.43 -16.02 -22.31
N ASN A 183 -15.30 -16.43 -21.71
CA ASN A 183 -14.95 -17.84 -21.49
C ASN A 183 -15.40 -18.35 -20.10
N LYS A 184 -16.26 -17.59 -19.39
CA LYS A 184 -16.84 -17.94 -18.08
C LYS A 184 -15.78 -18.44 -17.04
N THR A 185 -14.57 -17.85 -17.06
CA THR A 185 -13.50 -18.19 -16.11
C THR A 185 -13.51 -17.15 -14.94
N ILE A 186 -14.21 -16.03 -15.14
CA ILE A 186 -14.43 -15.00 -14.13
C ILE A 186 -15.92 -14.74 -14.01
N LEU A 187 -16.44 -14.87 -12.76
CA LEU A 187 -17.80 -14.53 -12.37
C LEU A 187 -17.72 -13.10 -11.90
N GLU A 188 -18.15 -12.21 -12.80
CA GLU A 188 -18.06 -10.76 -12.67
C GLU A 188 -19.07 -10.17 -11.69
N SER A 189 -20.37 -10.44 -11.89
CA SER A 189 -21.42 -9.86 -11.04
C SER A 189 -22.71 -10.67 -11.09
N TYR A 190 -23.29 -10.90 -9.89
CA TYR A 190 -24.57 -11.56 -9.67
C TYR A 190 -25.57 -10.47 -9.26
N PRO A 191 -26.63 -10.18 -10.07
CA PRO A 191 -27.58 -9.10 -9.70
C PRO A 191 -28.18 -9.33 -8.30
N ALA A 192 -28.11 -8.32 -7.42
CA ALA A 192 -28.54 -8.38 -6.01
C ALA A 192 -30.02 -8.76 -5.84
N ALA A 193 -30.90 -8.33 -6.77
CA ALA A 193 -32.33 -8.63 -6.71
C ALA A 193 -32.75 -9.83 -7.64
N LYS A 194 -31.76 -10.56 -8.17
CA LYS A 194 -32.00 -11.76 -8.98
C LYS A 194 -32.63 -12.84 -8.11
N THR A 195 -33.71 -13.44 -8.61
CA THR A 195 -34.48 -14.51 -7.94
C THR A 195 -33.69 -15.81 -7.90
N GLY A 196 -33.88 -16.58 -6.81
CA GLY A 196 -33.22 -17.86 -6.58
C GLY A 196 -32.62 -17.99 -5.21
N THR A 197 -32.84 -19.14 -4.56
CA THR A 197 -32.36 -19.46 -3.19
C THR A 197 -30.98 -20.16 -3.18
N GLU A 198 -30.62 -20.84 -4.26
CA GLU A 198 -29.35 -21.55 -4.37
C GLU A 198 -28.64 -21.25 -5.68
N PHE A 199 -27.29 -21.25 -5.65
CA PHE A 199 -26.47 -20.99 -6.82
C PHE A 199 -25.20 -21.84 -6.77
N THR A 200 -24.86 -22.44 -7.90
CA THR A 200 -23.63 -23.22 -8.01
C THR A 200 -22.74 -22.45 -8.97
N ILE A 201 -21.54 -22.03 -8.50
CA ILE A 201 -20.58 -21.31 -9.34
C ILE A 201 -20.13 -22.27 -10.44
N PRO A 202 -20.24 -21.94 -11.75
CA PRO A 202 -19.79 -22.89 -12.79
C PRO A 202 -18.34 -23.35 -12.58
N SER A 203 -18.11 -24.64 -12.83
CA SER A 203 -16.83 -25.36 -12.70
C SER A 203 -15.70 -24.71 -13.53
N THR A 204 -16.08 -23.91 -14.53
CA THR A 204 -15.19 -23.22 -15.46
C THR A 204 -14.59 -21.93 -14.82
N VAL A 205 -15.22 -21.43 -13.74
CA VAL A 205 -14.82 -20.20 -13.05
C VAL A 205 -13.58 -20.44 -12.15
N LYS A 206 -12.59 -19.56 -12.29
CA LYS A 206 -11.35 -19.54 -11.51
C LYS A 206 -11.35 -18.38 -10.52
N THR A 207 -12.09 -17.30 -10.86
CA THR A 207 -12.15 -16.08 -10.06
C THR A 207 -13.58 -15.54 -9.88
N VAL A 208 -13.89 -15.13 -8.64
CA VAL A 208 -15.10 -14.41 -8.32
C VAL A 208 -14.64 -12.97 -8.08
N THR A 209 -15.01 -12.06 -8.99
CA THR A 209 -14.65 -10.64 -8.91
C THR A 209 -15.11 -10.04 -7.57
N ALA A 210 -14.32 -9.07 -7.05
CA ALA A 210 -14.64 -8.34 -5.84
C ALA A 210 -16.06 -7.85 -5.90
N TYR A 211 -16.81 -8.04 -4.81
CA TYR A 211 -18.22 -7.63 -4.67
C TYR A 211 -19.23 -8.36 -5.60
N GLY A 212 -18.83 -9.44 -6.26
CA GLY A 212 -19.67 -10.22 -7.18
C GLY A 212 -21.10 -10.54 -6.70
N PHE A 213 -21.20 -11.05 -5.45
CA PHE A 213 -22.46 -11.43 -4.81
C PHE A 213 -22.84 -10.47 -3.67
N SER A 214 -22.21 -9.31 -3.57
CA SER A 214 -22.49 -8.34 -2.51
C SER A 214 -23.98 -7.90 -2.51
N TYR A 215 -24.54 -7.65 -1.31
CA TYR A 215 -25.91 -7.21 -1.03
C TYR A 215 -27.00 -8.14 -1.63
N GLY A 216 -26.61 -9.38 -1.95
CA GLY A 216 -27.52 -10.38 -2.49
C GLY A 216 -28.70 -10.61 -1.58
N LYS A 217 -29.91 -10.39 -2.11
CA LYS A 217 -31.13 -10.48 -1.34
C LYS A 217 -31.64 -11.89 -1.09
N ASN A 218 -31.54 -12.79 -2.10
CA ASN A 218 -32.25 -14.06 -2.11
C ASN A 218 -31.45 -15.36 -1.93
N LEU A 219 -30.14 -15.41 -2.27
CA LEU A 219 -29.42 -16.68 -2.15
C LEU A 219 -29.21 -17.09 -0.70
N LYS A 220 -29.60 -18.31 -0.36
CA LYS A 220 -29.39 -18.95 0.94
C LYS A 220 -28.08 -19.73 0.92
N LYS A 221 -27.75 -20.33 -0.26
CA LYS A 221 -26.55 -21.12 -0.43
C LYS A 221 -25.83 -20.88 -1.75
N ILE A 222 -24.47 -20.87 -1.69
CA ILE A 222 -23.54 -20.76 -2.82
C ILE A 222 -22.56 -21.92 -2.75
N THR A 223 -22.44 -22.66 -3.86
CA THR A 223 -21.51 -23.75 -3.98
C THR A 223 -20.27 -23.25 -4.74
N ILE A 224 -19.12 -23.17 -4.01
CA ILE A 224 -17.86 -22.77 -4.62
C ILE A 224 -17.24 -24.05 -5.16
N THR A 225 -17.29 -24.19 -6.49
CA THR A 225 -16.78 -25.36 -7.20
C THR A 225 -15.22 -25.39 -7.19
N SER A 226 -14.66 -26.58 -7.50
CA SER A 226 -13.22 -26.91 -7.47
C SER A 226 -12.29 -25.99 -8.29
N GLY A 227 -12.82 -25.30 -9.28
CA GLY A 227 -12.02 -24.42 -10.13
C GLY A 227 -11.66 -23.07 -9.52
N VAL A 228 -12.46 -22.59 -8.57
CA VAL A 228 -12.26 -21.26 -7.98
C VAL A 228 -10.98 -21.21 -7.12
N THR A 229 -10.07 -20.30 -7.48
CA THR A 229 -8.79 -20.08 -6.78
C THR A 229 -8.76 -18.70 -6.14
N THR A 230 -9.55 -17.74 -6.70
CA THR A 230 -9.57 -16.35 -6.23
C THR A 230 -10.97 -15.86 -5.88
N LEU A 231 -11.09 -15.31 -4.67
CA LEU A 231 -12.30 -14.65 -4.15
C LEU A 231 -11.95 -13.20 -3.85
N GLY A 232 -12.51 -12.28 -4.63
CA GLY A 232 -12.20 -10.87 -4.49
C GLY A 232 -12.71 -10.22 -3.22
N ASP A 233 -12.25 -8.98 -2.94
CA ASP A 233 -12.71 -8.20 -1.78
C ASP A 233 -14.21 -8.18 -1.73
N GLY A 234 -14.78 -8.46 -0.56
CA GLY A 234 -16.22 -8.44 -0.33
C GLY A 234 -17.08 -9.15 -1.35
N ALA A 235 -16.58 -10.29 -1.91
CA ALA A 235 -17.29 -11.06 -2.93
C ALA A 235 -18.66 -11.50 -2.42
N PHE A 236 -18.81 -11.71 -1.09
CA PHE A 236 -20.09 -12.07 -0.49
C PHE A 236 -20.49 -11.01 0.54
N TYR A 237 -20.04 -9.76 0.36
CA TYR A 237 -20.35 -8.74 1.35
C TYR A 237 -21.86 -8.54 1.53
N GLY A 238 -22.27 -8.45 2.80
CA GLY A 238 -23.61 -8.13 3.23
C GLY A 238 -24.78 -8.82 2.56
N LYS A 240 -28.01 -10.88 2.35
CA LYS A 240 -29.14 -10.84 3.24
C LYS A 240 -29.63 -12.22 3.67
N ALA A 241 -29.61 -13.21 2.72
CA ALA A 241 -30.19 -14.55 2.91
C ALA A 241 -29.17 -15.68 3.05
N LEU A 242 -27.86 -15.44 2.78
CA LEU A 242 -26.84 -16.51 2.90
C LEU A 242 -26.84 -17.09 4.34
N ASP A 243 -27.13 -18.39 4.51
CA ASP A 243 -27.20 -18.97 5.87
C ASP A 243 -25.99 -19.89 6.21
N GLU A 244 -25.21 -20.29 5.19
CA GLU A 244 -24.01 -21.10 5.36
C GLU A 244 -23.16 -21.06 4.12
N ILE A 245 -21.85 -21.29 4.29
CA ILE A 245 -20.90 -21.30 3.18
C ILE A 245 -19.67 -22.12 3.56
N ALA A 246 -19.10 -22.76 2.53
CA ALA A 246 -17.87 -23.50 2.62
C ALA A 246 -16.88 -22.90 1.65
N ILE A 247 -15.72 -22.48 2.18
CA ILE A 247 -14.60 -21.94 1.39
C ILE A 247 -13.69 -23.13 1.17
N PRO A 248 -13.70 -23.74 -0.04
CA PRO A 248 -12.92 -24.98 -0.25
C PRO A 248 -11.39 -24.78 -0.34
N LYS A 249 -10.64 -25.90 -0.27
CA LYS A 249 -9.17 -25.98 -0.34
C LYS A 249 -8.57 -25.35 -1.59
N ASN A 250 -9.30 -25.40 -2.73
CA ASN A 250 -8.86 -24.88 -4.03
C ASN A 250 -8.67 -23.38 -4.01
N VAL A 251 -9.34 -22.66 -3.09
CA VAL A 251 -9.22 -21.20 -2.98
C VAL A 251 -7.87 -20.86 -2.32
N THR A 252 -7.02 -20.11 -3.05
CA THR A 252 -5.66 -19.74 -2.61
C THR A 252 -5.47 -18.21 -2.51
N SER A 253 -6.51 -17.42 -2.84
CA SER A 253 -6.45 -15.97 -2.74
C SER A 253 -7.82 -15.40 -2.34
N ILE A 254 -7.87 -14.72 -1.18
CA ILE A 254 -9.09 -14.15 -0.62
C ILE A 254 -8.87 -12.71 -0.24
N GLY A 255 -9.80 -11.88 -0.68
CA GLY A 255 -9.79 -10.44 -0.37
C GLY A 255 -10.29 -10.12 1.02
N SER A 256 -10.32 -8.84 1.35
CA SER A 256 -10.79 -8.37 2.65
C SER A 256 -12.31 -8.34 2.69
N PHE A 257 -12.88 -8.25 3.94
CA PHE A 257 -14.30 -8.15 4.30
C PHE A 257 -15.20 -9.06 3.38
N LEU A 258 -14.70 -10.30 3.10
CA LEU A 258 -15.32 -11.30 2.21
C LEU A 258 -16.80 -11.55 2.52
N LEU A 259 -17.12 -11.86 3.78
CA LEU A 259 -18.48 -12.18 4.22
C LEU A 259 -18.96 -11.18 5.26
N GLN A 260 -18.41 -9.97 5.26
CA GLN A 260 -18.76 -8.97 6.25
C GLN A 260 -20.25 -8.59 6.18
N ASN A 261 -20.87 -8.55 7.36
CA ASN A 261 -22.26 -8.18 7.58
C ASN A 261 -23.27 -9.10 6.85
N CYS A 262 -22.97 -10.39 6.77
CA CYS A 262 -23.89 -11.45 6.32
C CYS A 262 -24.66 -11.86 7.59
N THR A 263 -25.72 -11.10 7.89
CA THR A 263 -26.48 -11.22 9.13
C THR A 263 -27.30 -12.50 9.23
N ALA A 264 -27.51 -13.23 8.11
CA ALA A 264 -28.26 -14.49 8.10
C ALA A 264 -27.30 -15.72 8.21
N LEU A 265 -25.98 -15.51 8.03
CA LEU A 265 -24.95 -16.58 8.06
C LEU A 265 -24.87 -17.25 9.42
N LYS A 266 -25.13 -18.54 9.44
CA LYS A 266 -25.10 -19.31 10.69
C LYS A 266 -23.80 -20.08 10.85
N THR A 267 -23.25 -20.62 9.74
CA THR A 267 -22.06 -21.46 9.81
C THR A 267 -21.07 -21.19 8.68
N LEU A 268 -19.77 -21.20 9.04
CA LEU A 268 -18.65 -21.06 8.12
C LEU A 268 -17.69 -22.25 8.23
N ASN A 269 -17.42 -22.88 7.09
CA ASN A 269 -16.44 -23.95 6.91
C ASN A 269 -15.37 -23.39 6.00
N PHE A 270 -14.21 -23.06 6.57
CA PHE A 270 -13.11 -22.42 5.86
C PHE A 270 -11.97 -23.42 5.71
N TYR A 271 -11.68 -23.83 4.46
CA TYR A 271 -10.65 -24.85 4.15
C TYR A 271 -9.63 -24.33 3.16
N ALA A 272 -9.71 -23.05 2.78
CA ALA A 272 -8.83 -22.39 1.82
C ALA A 272 -7.33 -22.56 2.13
N LYS A 273 -6.53 -22.83 1.09
CA LYS A 273 -5.07 -22.96 1.19
C LYS A 273 -4.50 -21.53 1.10
N VAL A 274 -4.56 -20.81 2.23
CA VAL A 274 -4.09 -19.40 2.36
C VAL A 274 -3.23 -19.27 3.64
N LYS A 275 -2.21 -18.37 3.65
CA LYS A 275 -1.38 -18.23 4.85
C LYS A 275 -2.11 -17.37 5.95
N THR A 276 -3.08 -16.53 5.56
CA THR A 276 -3.84 -15.71 6.53
C THR A 276 -5.36 -15.76 6.33
N VAL A 277 -6.13 -15.60 7.40
CA VAL A 277 -7.58 -15.45 7.31
C VAL A 277 -7.75 -13.92 7.17
N PRO A 278 -8.22 -13.44 6.00
CA PRO A 278 -8.14 -11.99 5.73
C PRO A 278 -9.08 -11.09 6.53
N TYR A 279 -8.54 -9.91 6.84
CA TYR A 279 -9.12 -8.78 7.55
C TYR A 279 -10.62 -8.61 7.27
N LEU A 280 -11.39 -8.49 8.38
CA LEU A 280 -12.84 -8.27 8.40
C LEU A 280 -13.69 -9.43 7.78
N LEU A 281 -13.10 -10.63 7.58
CA LEU A 281 -13.72 -11.81 6.96
C LEU A 281 -15.22 -11.94 7.28
N CYS A 282 -15.56 -12.10 8.58
CA CYS A 282 -16.94 -12.29 9.05
C CYS A 282 -17.34 -11.24 10.07
N SER A 283 -16.79 -10.03 9.95
CA SER A 283 -17.15 -8.93 10.82
C SER A 283 -18.66 -8.65 10.68
N GLY A 284 -19.33 -8.57 11.82
CA GLY A 284 -20.75 -8.28 11.86
C GLY A 284 -21.66 -9.42 11.43
N CYS A 285 -21.16 -10.64 11.48
CA CYS A 285 -21.94 -11.81 11.18
C CYS A 285 -22.62 -12.21 12.53
N SER A 286 -23.67 -11.44 12.86
CA SER A 286 -24.39 -11.44 14.12
C SER A 286 -25.10 -12.76 14.44
N ASN A 287 -25.31 -13.61 13.41
CA ASN A 287 -25.98 -14.89 13.63
C ASN A 287 -25.04 -16.08 13.41
N LEU A 288 -23.74 -15.81 13.23
CA LEU A 288 -22.73 -16.84 13.02
C LEU A 288 -22.50 -17.58 14.35
N THR A 289 -22.84 -18.87 14.41
CA THR A 289 -22.71 -19.63 15.65
C THR A 289 -21.49 -20.57 15.66
N LYS A 290 -21.13 -21.15 14.49
CA LYS A 290 -20.06 -22.11 14.36
C LYS A 290 -19.12 -21.77 13.22
N VAL A 291 -17.80 -21.87 13.50
CA VAL A 291 -16.73 -21.63 12.53
C VAL A 291 -15.74 -22.75 12.63
N VAL A 292 -15.42 -23.35 11.46
CA VAL A 292 -14.43 -24.42 11.32
C VAL A 292 -13.38 -23.98 10.32
N ASP A 294 -9.84 -25.13 8.76
CA ASP A 294 -9.03 -26.32 8.64
C ASP A 294 -8.19 -26.34 7.37
N ASN A 295 -6.91 -25.94 7.54
CA ASN A 295 -5.87 -25.98 6.51
C ASN A 295 -4.53 -25.76 7.17
N SER A 296 -3.60 -26.69 6.92
CA SER A 296 -2.23 -26.67 7.45
C SER A 296 -1.45 -25.44 6.99
N ALA A 297 -1.97 -24.67 5.99
CA ALA A 297 -1.30 -23.48 5.48
C ALA A 297 -1.60 -22.22 6.28
N ILE A 298 -2.73 -22.20 7.01
CA ILE A 298 -3.15 -20.99 7.74
C ILE A 298 -2.25 -20.74 8.97
N GLU A 299 -1.56 -19.58 8.97
CA GLU A 299 -0.65 -19.11 10.01
C GLU A 299 -1.21 -17.94 10.83
N THR A 300 -2.01 -17.06 10.17
CA THR A 300 -2.51 -15.85 10.80
C THR A 300 -4.01 -15.58 10.70
N LEU A 301 -4.55 -15.08 11.81
CA LEU A 301 -5.89 -14.51 11.89
C LEU A 301 -5.66 -13.01 11.86
N GLU A 302 -6.05 -12.35 10.74
CA GLU A 302 -5.88 -10.90 10.63
C GLU A 302 -6.89 -10.18 11.55
N PRO A 303 -6.74 -8.88 11.83
CA PRO A 303 -7.70 -8.23 12.74
C PRO A 303 -9.15 -8.25 12.23
N ARG A 304 -10.07 -8.30 13.20
CA ARG A 304 -11.53 -8.18 13.06
C ARG A 304 -12.17 -9.28 12.19
N VAL A 305 -11.51 -10.46 12.08
CA VAL A 305 -12.03 -11.57 11.26
C VAL A 305 -13.41 -12.09 11.75
N PHE A 306 -13.65 -12.04 13.08
CA PHE A 306 -14.93 -12.45 13.67
C PHE A 306 -15.42 -11.38 14.64
N ASP A 308 -17.63 -8.70 16.35
CA ASP A 308 -19.05 -8.48 16.62
C ASP A 308 -19.91 -9.68 16.18
N CYS A 309 -19.28 -10.88 16.20
CA CYS A 309 -19.95 -12.16 15.99
C CYS A 309 -20.45 -12.62 17.35
N VAL A 310 -21.43 -11.91 17.86
CA VAL A 310 -22.01 -12.06 19.20
C VAL A 310 -22.69 -13.45 19.47
N LYS A 311 -22.98 -14.25 18.41
CA LYS A 311 -23.60 -15.57 18.56
C LYS A 311 -22.57 -16.72 18.35
N LEU A 312 -21.33 -16.37 17.97
CA LEU A 312 -20.26 -17.32 17.71
C LEU A 312 -19.81 -18.01 19.01
N SER A 313 -20.13 -19.31 19.13
CA SER A 313 -19.83 -20.09 20.34
C SER A 313 -18.78 -21.19 20.11
N SER A 314 -18.71 -21.79 18.88
CA SER A 314 -17.71 -22.81 18.60
C SER A 314 -16.82 -22.38 17.43
N VAL A 315 -15.53 -22.31 17.74
CA VAL A 315 -14.46 -21.88 16.82
C VAL A 315 -13.40 -22.96 16.80
N THR A 316 -13.19 -23.59 15.64
CA THR A 316 -12.13 -24.57 15.43
C THR A 316 -10.99 -23.84 14.72
N LEU A 317 -9.87 -23.66 15.43
CA LEU A 317 -8.71 -22.98 14.88
C LEU A 317 -7.90 -23.93 13.99
N PRO A 318 -7.20 -23.43 12.94
CA PRO A 318 -6.40 -24.35 12.10
C PRO A 318 -5.19 -24.87 12.88
N THR A 319 -4.94 -26.17 12.77
CA THR A 319 -3.92 -26.96 13.49
C THR A 319 -2.48 -26.39 13.47
N ALA A 320 -2.14 -25.53 12.49
CA ALA A 320 -0.78 -24.95 12.34
C ALA A 320 -0.80 -23.41 12.50
N LEU A 321 -1.89 -22.86 13.11
CA LEU A 321 -2.03 -21.43 13.37
C LEU A 321 -0.90 -20.91 14.28
N LYS A 322 -0.36 -19.71 13.97
CA LYS A 322 0.74 -19.12 14.73
C LYS A 322 0.38 -17.75 15.35
N THR A 323 -0.51 -16.99 14.68
CA THR A 323 -0.86 -15.66 15.14
C THR A 323 -2.36 -15.38 15.09
N ILE A 324 -2.83 -14.78 16.19
CA ILE A 324 -4.16 -14.21 16.39
C ILE A 324 -3.91 -12.70 16.63
N GLN A 325 -4.35 -11.84 15.67
CA GLN A 325 -4.14 -10.39 15.74
C GLN A 325 -5.31 -9.68 16.43
N VAL A 326 -5.07 -8.42 16.83
CA VAL A 326 -5.98 -7.52 17.56
C VAL A 326 -7.41 -7.61 16.99
N TYR A 327 -8.40 -7.75 17.88
CA TYR A 327 -9.83 -7.73 17.57
C TYR A 327 -10.33 -8.89 16.69
N ALA A 328 -9.54 -9.95 16.52
CA ALA A 328 -9.96 -11.11 15.73
C ALA A 328 -11.29 -11.70 16.24
N PHE A 329 -11.50 -11.67 17.57
CA PHE A 329 -12.70 -12.14 18.24
C PHE A 329 -13.30 -11.03 19.11
N LYS A 330 -13.21 -9.76 18.63
CA LYS A 330 -13.74 -8.60 19.34
C LYS A 330 -15.26 -8.76 19.51
N ASN A 331 -15.70 -8.64 20.78
CA ASN A 331 -17.10 -8.72 21.24
C ASN A 331 -17.78 -10.08 20.93
N CYS A 332 -17.02 -11.17 20.96
CA CYS A 332 -17.56 -12.50 20.74
C CYS A 332 -18.10 -13.05 22.08
N LYS A 333 -19.16 -12.38 22.57
CA LYS A 333 -19.85 -12.62 23.84
C LYS A 333 -20.14 -14.10 24.11
N ALA A 334 -20.57 -14.87 23.07
CA ALA A 334 -20.93 -16.30 23.13
C ALA A 334 -19.71 -17.22 23.07
N LEU A 335 -18.54 -16.67 22.73
CA LEU A 335 -17.34 -17.50 22.66
C LEU A 335 -16.74 -17.61 24.06
N SER A 336 -17.09 -18.70 24.75
CA SER A 336 -16.70 -18.99 26.14
C SER A 336 -15.49 -19.90 26.20
N THR A 337 -15.37 -20.85 25.24
CA THR A 337 -14.26 -21.80 25.22
C THR A 337 -13.67 -21.97 23.80
N ILE A 338 -12.34 -22.23 23.77
CA ILE A 338 -11.60 -22.42 22.53
C ILE A 338 -10.39 -23.32 22.77
N SER A 339 -10.13 -24.23 21.81
CA SER A 339 -8.95 -25.07 21.86
C SER A 339 -7.84 -24.37 21.11
N TYR A 340 -6.69 -24.16 21.79
CA TYR A 340 -5.52 -23.50 21.21
C TYR A 340 -4.58 -24.51 20.59
N PRO A 341 -4.22 -24.39 19.29
CA PRO A 341 -3.23 -25.32 18.71
C PRO A 341 -1.84 -25.02 19.26
N LYS A 342 -1.09 -26.07 19.63
CA LYS A 342 0.26 -25.98 20.21
C LYS A 342 1.22 -25.11 19.37
N SER A 343 0.86 -24.81 18.12
CA SER A 343 1.68 -24.01 17.20
C SER A 343 1.58 -22.49 17.42
N ILE A 344 0.63 -22.02 18.28
CA ILE A 344 0.45 -20.57 18.51
C ILE A 344 1.71 -19.96 19.09
N THR A 345 2.16 -18.84 18.50
CA THR A 345 3.37 -18.12 18.89
C THR A 345 3.03 -16.72 19.44
N LEU A 346 1.92 -16.10 18.96
CA LEU A 346 1.55 -14.75 19.39
C LEU A 346 0.04 -14.51 19.35
N ILE A 347 -0.47 -13.94 20.45
CA ILE A 347 -1.84 -13.47 20.58
C ILE A 347 -1.70 -11.96 20.87
N GLU A 348 -2.01 -11.13 19.89
CA GLU A 348 -1.89 -9.68 20.05
C GLU A 348 -2.88 -9.15 21.08
N SER A 349 -2.48 -8.10 21.82
CA SER A 349 -3.30 -7.47 22.87
C SER A 349 -4.63 -7.02 22.25
N GLY A 350 -5.73 -7.51 22.80
CA GLY A 350 -7.08 -7.20 22.33
C GLY A 350 -7.69 -8.17 21.35
N ALA A 351 -7.01 -9.30 21.06
CA ALA A 351 -7.54 -10.33 20.15
C ALA A 351 -8.91 -10.84 20.64
N PHE A 352 -9.05 -10.97 21.97
CA PHE A 352 -10.28 -11.51 22.58
C PHE A 352 -11.01 -10.49 23.44
N GLU A 353 -10.84 -9.19 23.12
CA GLU A 353 -11.51 -8.11 23.85
C GLU A 353 -13.01 -8.14 23.61
N GLY A 354 -13.77 -8.16 24.70
CA GLY A 354 -15.22 -8.18 24.66
C GLY A 354 -15.80 -9.57 24.55
N SER A 355 -14.95 -10.59 24.44
CA SER A 355 -15.37 -11.98 24.34
C SER A 355 -15.43 -12.61 25.72
N SER A 356 -15.91 -13.87 25.82
CA SER A 356 -15.98 -14.58 27.09
C SER A 356 -14.77 -15.54 27.25
N ILE A 357 -13.69 -15.27 26.49
CA ILE A 357 -12.43 -16.02 26.59
C ILE A 357 -11.59 -15.33 27.66
N THR A 358 -11.35 -16.01 28.77
CA THR A 358 -10.62 -15.48 29.91
C THR A 358 -9.16 -16.01 29.93
N LYS A 359 -8.97 -17.33 29.71
CA LYS A 359 -7.66 -17.98 29.70
C LYS A 359 -6.99 -17.98 28.31
N TYR A 360 -5.66 -17.85 28.30
CA TYR A 360 -4.84 -17.88 27.09
C TYR A 360 -3.84 -19.07 27.21
N PRO A 361 -3.09 -19.47 26.14
CA PRO A 361 -2.19 -20.64 26.27
C PRO A 361 -1.17 -20.54 27.40
N THR A 362 -0.84 -21.70 27.97
CA THR A 362 0.11 -21.84 29.07
C THR A 362 1.53 -21.43 28.62
N TRP A 363 1.90 -21.75 27.35
CA TRP A 363 3.23 -21.49 26.79
C TRP A 363 3.42 -20.02 26.36
N LEU A 364 2.39 -19.18 26.53
CA LEU A 364 2.50 -17.74 26.20
C LEU A 364 2.54 -16.92 27.50
N SER A 365 3.20 -15.77 27.46
CA SER A 365 3.34 -14.89 28.62
C SER A 365 3.02 -13.46 28.21
N LYS A 366 2.32 -12.71 29.09
CA LYS A 366 1.95 -11.32 28.84
C LYS A 366 3.17 -10.42 28.84
N GLY A 367 3.43 -9.85 27.66
CA GLY A 367 4.53 -8.92 27.43
C GLY A 367 4.30 -7.60 28.11
N ASN A 368 5.41 -6.89 28.41
CA ASN A 368 5.40 -5.60 29.08
C ASN A 368 4.75 -4.53 28.20
N ASN A 369 4.09 -4.98 27.10
CA ASN A 369 3.42 -4.14 26.09
C ASN A 369 2.00 -4.75 25.69
N GLY A 370 1.49 -5.66 26.54
CA GLY A 370 0.16 -6.27 26.50
C GLY A 370 -0.06 -7.50 25.67
N ASP A 371 0.82 -7.73 24.67
CA ASP A 371 0.77 -8.87 23.77
C ASP A 371 1.18 -10.16 24.48
N TYR A 372 0.64 -11.31 24.06
CA TYR A 372 0.98 -12.61 24.65
C TYR A 372 1.87 -13.38 23.68
N GLY A 373 3.14 -13.55 24.05
CA GLY A 373 4.12 -14.21 23.19
C GLY A 373 5.10 -15.10 23.92
N ILE A 374 6.32 -15.19 23.40
CA ILE A 374 7.37 -16.01 24.01
C ILE A 374 8.48 -15.10 24.58
N GLY B 1 -9.78 0.46 -4.64
CA GLY B 1 -10.69 0.26 -3.51
C GLY B 1 -11.88 1.19 -3.59
N ALA B 2 -13.10 0.69 -3.21
CA ALA B 2 -14.30 1.50 -3.24
C ALA B 2 -14.21 2.56 -2.17
N SER B 3 -14.39 3.82 -2.58
CA SER B 3 -14.32 4.93 -1.64
C SER B 3 -15.47 5.87 -2.00
N ILE B 4 -16.37 6.16 -1.03
CA ILE B 4 -17.56 6.98 -1.27
C ILE B 4 -17.38 8.36 -0.64
N THR B 5 -17.66 9.38 -1.44
CA THR B 5 -17.55 10.77 -1.03
C THR B 5 -18.96 11.36 -0.82
N TYR B 6 -19.13 12.11 0.27
CA TYR B 6 -20.38 12.78 0.64
C TYR B 6 -20.20 14.28 0.66
N ASN B 7 -21.12 14.99 0.00
CA ASN B 7 -21.11 16.43 0.04
C ASN B 7 -21.82 16.83 1.36
N VAL B 8 -21.08 17.38 2.32
CA VAL B 8 -21.72 17.74 3.59
C VAL B 8 -22.13 19.22 3.52
N SER B 9 -21.16 20.07 3.20
CA SER B 9 -21.35 21.52 3.03
C SER B 9 -20.30 21.98 2.05
N SER B 10 -20.25 23.28 1.78
CA SER B 10 -19.28 23.85 0.84
C SER B 10 -17.88 23.78 1.41
N THR B 11 -17.74 23.54 2.73
CA THR B 11 -16.43 23.48 3.38
C THR B 11 -16.18 22.14 4.10
N ILE B 12 -17.15 21.22 4.05
CA ILE B 12 -17.03 19.94 4.73
C ILE B 12 -17.39 18.79 3.78
N LYS B 13 -16.59 17.70 3.86
CA LYS B 13 -16.87 16.47 3.11
C LYS B 13 -16.75 15.27 4.05
N GLY B 14 -17.33 14.16 3.60
CA GLY B 14 -17.25 12.87 4.23
C GLY B 14 -16.71 11.87 3.22
N VAL B 15 -15.82 10.98 3.68
CA VAL B 15 -15.25 9.90 2.86
C VAL B 15 -15.34 8.61 3.62
N LEU B 16 -16.08 7.64 3.03
CA LEU B 16 -16.29 6.29 3.53
C LEU B 16 -15.38 5.32 2.78
N THR B 17 -14.36 4.81 3.49
CA THR B 17 -13.39 3.85 2.92
C THR B 17 -13.86 2.42 3.18
N ASP B 18 -13.35 1.46 2.36
CA ASP B 18 -13.77 0.05 2.43
C ASP B 18 -13.45 -0.66 3.77
N ASP B 19 -12.74 0.00 4.69
CA ASP B 19 -12.43 -0.50 6.03
C ASP B 19 -13.59 -0.14 7.02
N GLY B 20 -14.62 0.52 6.50
CA GLY B 20 -15.80 0.94 7.28
C GLY B 20 -15.64 2.25 8.03
N VAL B 21 -14.60 3.04 7.69
CA VAL B 21 -14.32 4.32 8.35
C VAL B 21 -14.92 5.46 7.56
N LEU B 22 -15.74 6.29 8.26
CA LEU B 22 -16.32 7.52 7.74
C LEU B 22 -15.50 8.64 8.32
N THR B 23 -14.74 9.34 7.44
CA THR B 23 -13.89 10.46 7.83
C THR B 23 -14.52 11.74 7.39
N ILE B 24 -14.76 12.63 8.37
CA ILE B 24 -15.31 13.97 8.13
C ILE B 24 -14.13 14.93 8.11
N SER B 25 -13.94 15.62 6.99
CA SER B 25 -12.85 16.57 6.87
C SER B 25 -13.35 17.91 6.31
N GLY B 26 -12.57 18.95 6.55
CA GLY B 26 -12.88 20.30 6.12
C GLY B 26 -12.86 21.29 7.27
N THR B 27 -13.68 22.34 7.17
CA THR B 27 -13.68 23.37 8.20
C THR B 27 -15.07 23.84 8.55
N GLY B 28 -15.26 24.14 9.82
CA GLY B 28 -16.49 24.74 10.31
C GLY B 28 -17.47 23.82 10.96
N ALA B 29 -18.68 24.33 11.11
CA ALA B 29 -19.77 23.67 11.75
C ALA B 29 -20.43 22.70 10.81
N PRO B 31 -23.60 20.60 9.46
CA PRO B 31 -25.02 20.99 9.48
C PRO B 31 -25.83 20.21 10.50
N ASP B 32 -27.03 20.74 10.81
CA ASP B 32 -28.00 20.09 11.68
C ASP B 32 -28.99 19.40 10.78
N TYR B 33 -29.27 18.12 11.03
CA TYR B 33 -30.27 17.43 10.22
C TYR B 33 -31.53 17.25 11.03
N THR B 34 -32.69 17.62 10.49
CA THR B 34 -33.94 17.45 11.24
C THR B 34 -34.58 16.12 10.87
N LYS B 35 -34.23 15.58 9.69
CA LYS B 35 -34.70 14.27 9.25
C LYS B 35 -33.48 13.37 9.09
N ILE B 36 -33.48 12.23 9.76
CA ILE B 36 -32.45 11.18 9.72
C ILE B 36 -32.18 10.80 8.25
N ALA B 37 -33.21 10.75 7.38
CA ALA B 37 -33.05 10.41 5.95
C ALA B 37 -32.34 11.50 5.14
N ASN B 38 -32.05 12.67 5.75
CA ASN B 38 -31.36 13.78 5.05
C ASN B 38 -29.83 13.72 5.29
N ILE B 39 -29.36 12.85 6.25
CA ILE B 39 -27.93 12.71 6.53
C ILE B 39 -27.29 12.13 5.24
N PRO B 40 -26.17 12.69 4.78
CA PRO B 40 -25.62 12.25 3.47
C PRO B 40 -25.34 10.75 3.34
N TRP B 41 -24.97 10.07 4.41
CA TRP B 41 -24.58 8.65 4.43
C TRP B 41 -25.76 7.74 4.85
N TYR B 42 -27.00 8.27 4.81
CA TYR B 42 -28.20 7.52 5.19
C TYR B 42 -28.29 6.14 4.50
N LYS B 43 -28.02 6.09 3.20
CA LYS B 43 -28.10 4.87 2.43
C LYS B 43 -26.92 3.91 2.69
N ASP B 44 -25.87 4.35 3.42
CA ASP B 44 -24.65 3.55 3.67
C ASP B 44 -24.42 3.26 5.15
N ARG B 45 -25.46 3.41 5.99
CA ARG B 45 -25.36 3.21 7.44
C ARG B 45 -24.85 1.80 7.83
N ASP B 46 -25.15 0.77 7.00
CA ASP B 46 -24.70 -0.62 7.20
C ASP B 46 -23.17 -0.76 7.17
N ARG B 47 -22.50 0.09 6.36
CA ARG B 47 -21.07 0.10 6.09
C ARG B 47 -20.24 0.88 7.11
N ILE B 48 -20.86 1.77 7.90
CA ILE B 48 -20.13 2.61 8.86
C ILE B 48 -19.89 1.90 10.18
N SER B 49 -18.64 1.57 10.48
CA SER B 49 -18.29 0.93 11.74
C SER B 49 -17.59 1.90 12.68
N GLU B 50 -16.99 2.96 12.10
CA GLU B 50 -16.25 3.96 12.86
C GLU B 50 -16.34 5.34 12.16
N VAL B 51 -16.43 6.42 12.96
CA VAL B 51 -16.45 7.79 12.46
C VAL B 51 -15.22 8.55 13.00
N ARG B 52 -14.57 9.33 12.11
CA ARG B 52 -13.44 10.19 12.47
C ARG B 52 -13.75 11.62 12.05
N VAL B 53 -13.81 12.55 13.00
CA VAL B 53 -14.11 13.96 12.74
C VAL B 53 -12.76 14.68 12.93
N ASN B 54 -12.17 15.14 11.81
CA ASN B 54 -10.81 15.70 11.74
C ASN B 54 -10.70 17.16 12.11
N SER B 55 -9.44 17.61 12.38
CA SER B 55 -9.09 19.01 12.70
C SER B 55 -9.61 19.96 11.63
N GLY B 56 -10.24 21.04 12.09
CA GLY B 56 -10.87 22.02 11.21
C GLY B 56 -12.37 22.09 11.44
N ILE B 57 -12.99 20.94 11.78
CA ILE B 57 -14.43 20.85 12.07
C ILE B 57 -14.64 21.42 13.48
N THR B 58 -15.62 22.33 13.65
CA THR B 58 -15.79 23.02 14.92
C THR B 58 -16.96 22.48 15.72
N SER B 59 -17.88 21.76 15.07
CA SER B 59 -19.02 21.16 15.74
C SER B 59 -19.60 20.02 14.94
N ILE B 60 -20.17 19.01 15.67
CA ILE B 60 -20.95 17.89 15.13
C ILE B 60 -22.39 18.35 15.28
N GLY B 61 -23.13 18.34 14.19
CA GLY B 61 -24.52 18.82 14.18
C GLY B 61 -25.57 17.80 14.62
N GLU B 62 -26.78 18.30 14.73
CA GLU B 62 -27.93 17.51 15.14
C GLU B 62 -28.08 16.26 14.26
N ALA B 63 -28.27 15.11 14.91
CA ALA B 63 -28.54 13.80 14.31
C ALA B 63 -27.50 13.35 13.24
N ASN B 64 -26.28 13.88 13.26
CA ASN B 64 -25.28 13.60 12.22
C ASN B 64 -24.99 12.10 12.02
N PHE B 65 -24.86 11.33 13.10
CA PHE B 65 -24.58 9.90 13.00
C PHE B 65 -25.74 9.11 13.61
N ASN B 66 -26.92 9.72 13.66
CA ASN B 66 -28.15 9.10 14.14
C ASN B 66 -28.49 7.89 13.28
N SER B 67 -28.70 6.74 13.92
CA SER B 67 -29.08 5.46 13.29
C SER B 67 -27.94 4.78 12.55
N CYS B 68 -26.71 5.19 12.81
CA CYS B 68 -25.56 4.49 12.23
C CYS B 68 -25.33 3.32 13.16
N TYR B 69 -26.19 2.33 13.02
CA TYR B 69 -26.38 1.17 13.90
C TYR B 69 -25.18 0.24 13.99
N ASN B 70 -24.19 0.39 13.10
CA ASN B 70 -22.99 -0.47 13.16
C ASN B 70 -21.78 0.33 13.64
N THR B 72 -19.44 1.72 16.17
CA THR B 72 -19.04 1.36 17.54
C THR B 72 -17.99 2.32 18.17
N LYS B 73 -17.36 3.17 17.35
CA LYS B 73 -16.35 4.14 17.80
C LYS B 73 -16.45 5.47 17.03
N VAL B 74 -16.11 6.57 17.72
CA VAL B 74 -15.99 7.90 17.14
C VAL B 74 -14.67 8.53 17.64
N THR B 75 -13.96 9.21 16.73
CA THR B 75 -12.74 9.96 17.03
C THR B 75 -13.07 11.41 16.74
N VAL B 76 -13.00 12.26 17.76
CA VAL B 76 -13.34 13.68 17.62
C VAL B 76 -12.11 14.57 17.87
N ALA B 77 -11.71 15.37 16.86
CA ALA B 77 -10.57 16.28 16.96
C ALA B 77 -10.81 17.40 17.97
N SER B 78 -9.71 18.05 18.41
CA SER B 78 -9.67 19.12 19.39
C SER B 78 -10.35 20.41 18.91
N THR B 79 -10.62 20.55 17.60
CA THR B 79 -11.28 21.75 17.07
C THR B 79 -12.81 21.71 17.28
N VAL B 80 -13.38 20.53 17.61
CA VAL B 80 -14.82 20.35 17.84
C VAL B 80 -15.16 20.81 19.24
N THR B 81 -16.02 21.83 19.36
CA THR B 81 -16.41 22.42 20.64
C THR B 81 -17.84 22.08 21.05
N SER B 82 -18.65 21.53 20.13
CA SER B 82 -20.03 21.15 20.47
C SER B 82 -20.51 19.94 19.67
N ILE B 83 -21.36 19.12 20.31
CA ILE B 83 -21.95 17.92 19.69
C ILE B 83 -23.46 18.08 19.83
N GLY B 84 -24.13 18.15 18.69
CA GLY B 84 -25.57 18.40 18.60
C GLY B 84 -26.48 17.29 19.07
N ASP B 85 -27.78 17.66 19.23
CA ASP B 85 -28.85 16.75 19.65
C ASP B 85 -28.86 15.45 18.86
N GLY B 86 -28.88 14.32 19.59
CA GLY B 86 -28.94 12.98 19.03
C GLY B 86 -27.87 12.62 18.00
N ALA B 87 -26.68 13.27 18.10
CA ALA B 87 -25.57 13.08 17.16
C ALA B 87 -25.17 11.62 17.04
N PHE B 88 -25.29 10.84 18.13
CA PHE B 88 -24.93 9.42 18.12
C PHE B 88 -26.12 8.54 18.57
N ALA B 89 -27.36 9.09 18.48
CA ALA B 89 -28.58 8.37 18.86
C ALA B 89 -28.77 7.14 17.99
N ASP B 90 -28.87 5.96 18.67
CA ASP B 90 -29.11 4.64 18.13
C ASP B 90 -27.98 4.15 17.23
N THR B 91 -26.77 4.47 17.65
CA THR B 91 -25.53 3.91 17.12
C THR B 91 -25.20 2.76 18.05
N LYS B 92 -24.15 2.01 17.75
CA LYS B 92 -23.68 0.95 18.63
C LYS B 92 -22.42 1.50 19.34
N LEU B 93 -22.41 2.83 19.64
CA LEU B 93 -21.24 3.50 20.24
C LEU B 93 -20.80 2.82 21.50
N GLN B 94 -19.54 2.33 21.53
CA GLN B 94 -18.93 1.61 22.65
C GLN B 94 -17.82 2.42 23.36
N SER B 95 -17.12 3.27 22.59
CA SER B 95 -16.01 4.12 23.07
C SER B 95 -15.76 5.33 22.15
N TYR B 96 -14.98 6.29 22.66
CA TYR B 96 -14.55 7.43 21.86
C TYR B 96 -13.13 7.76 22.23
N THR B 97 -12.43 8.42 21.31
CA THR B 97 -11.12 9.00 21.55
C THR B 97 -11.25 10.49 21.14
N GLY B 98 -10.52 11.36 21.84
CA GLY B 98 -10.57 12.79 21.60
C GLY B 98 -11.65 13.51 22.38
N GLU B 100 -11.47 16.49 23.24
CA GLU B 100 -10.69 17.27 24.20
C GLU B 100 -11.19 18.69 24.41
N ARG B 101 -11.88 19.28 23.41
CA ARG B 101 -12.36 20.64 23.57
C ARG B 101 -13.89 20.76 23.42
N VAL B 102 -14.63 19.63 23.50
CA VAL B 102 -16.10 19.67 23.44
C VAL B 102 -16.61 20.29 24.75
N LYS B 103 -17.31 21.43 24.63
CA LYS B 103 -17.88 22.15 25.77
C LYS B 103 -19.36 21.83 25.95
N LYS B 104 -20.11 21.75 24.85
CA LYS B 104 -21.55 21.53 24.91
C LYS B 104 -22.00 20.25 24.20
N PHE B 105 -22.83 19.47 24.91
CA PHE B 105 -23.49 18.26 24.44
C PHE B 105 -24.97 18.53 24.44
N GLY B 106 -25.61 18.19 23.32
CA GLY B 106 -27.04 18.38 23.19
C GLY B 106 -27.84 17.31 23.92
N ASP B 107 -29.11 17.17 23.53
CA ASP B 107 -30.01 16.20 24.13
C ASP B 107 -29.95 14.90 23.36
N TYR B 108 -30.13 13.76 24.06
CA TYR B 108 -30.19 12.40 23.48
C TYR B 108 -28.96 12.04 22.66
N VAL B 109 -27.82 12.70 22.88
CA VAL B 109 -26.60 12.49 22.12
C VAL B 109 -26.21 11.00 22.13
N PHE B 110 -26.32 10.33 23.30
CA PHE B 110 -25.94 8.91 23.40
C PHE B 110 -27.13 8.01 23.68
N GLN B 111 -28.29 8.39 23.14
CA GLN B 111 -29.47 7.56 23.23
C GLN B 111 -29.23 6.25 22.46
N GLY B 112 -29.62 5.11 23.09
CA GLY B 112 -29.54 3.76 22.53
C GLY B 112 -28.16 3.25 22.21
N THR B 113 -27.12 3.87 22.82
CA THR B 113 -25.72 3.50 22.58
C THR B 113 -25.31 2.26 23.39
N ASP B 114 -24.20 1.64 22.99
CA ASP B 114 -23.70 0.41 23.61
C ASP B 114 -22.49 0.74 24.51
N LEU B 115 -22.65 1.79 25.33
CA LEU B 115 -21.59 2.25 26.23
C LEU B 115 -21.46 1.38 27.49
N ASP B 116 -20.28 1.42 28.12
CA ASP B 116 -20.02 0.72 29.37
C ASP B 116 -19.55 1.77 30.39
N ASP B 117 -18.25 2.09 30.37
CA ASP B 117 -17.68 3.10 31.24
C ASP B 117 -17.52 4.36 30.41
N PHE B 118 -18.25 5.43 30.77
CA PHE B 118 -18.24 6.67 30.02
C PHE B 118 -17.81 7.83 30.89
N GLU B 119 -16.73 8.50 30.47
CA GLU B 119 -16.25 9.69 31.14
C GLU B 119 -16.43 10.87 30.20
N PHE B 120 -17.11 11.92 30.69
CA PHE B 120 -17.28 13.14 29.91
C PHE B 120 -15.92 13.79 29.73
N PRO B 121 -15.61 14.29 28.51
CA PRO B 121 -14.26 14.83 28.27
C PRO B 121 -13.97 16.12 29.06
N GLY B 122 -12.68 16.39 29.26
CA GLY B 122 -12.09 17.47 30.05
C GLY B 122 -12.62 18.89 29.99
N ALA B 123 -13.18 19.32 28.86
CA ALA B 123 -13.67 20.68 28.69
C ALA B 123 -15.20 20.78 28.71
N THR B 124 -15.91 19.67 29.00
CA THR B 124 -17.39 19.66 29.05
C THR B 124 -17.93 20.65 30.09
N THR B 125 -18.84 21.54 29.67
CA THR B 125 -19.46 22.48 30.61
C THR B 125 -20.96 22.23 30.69
N GLU B 126 -21.58 21.85 29.55
CA GLU B 126 -23.01 21.63 29.45
C GLU B 126 -23.33 20.23 28.91
N ILE B 127 -24.20 19.50 29.65
CA ILE B 127 -24.71 18.17 29.31
C ILE B 127 -26.22 18.32 29.13
N GLY B 128 -26.70 18.03 27.93
CA GLY B 128 -28.11 18.13 27.58
C GLY B 128 -29.02 17.08 28.23
N ASN B 129 -30.33 17.19 27.95
CA ASN B 129 -31.39 16.30 28.48
C ASN B 129 -31.37 14.88 27.94
N TYR B 130 -31.71 13.90 28.82
CA TYR B 130 -31.92 12.47 28.50
C TYR B 130 -30.83 11.95 27.55
N ILE B 131 -29.60 12.32 27.85
CA ILE B 131 -28.45 12.05 27.01
C ILE B 131 -28.09 10.55 26.93
N PHE B 132 -28.53 9.71 27.89
CA PHE B 132 -28.23 8.27 27.90
C PHE B 132 -29.49 7.38 27.78
N TYR B 133 -30.58 7.94 27.26
CA TYR B 133 -31.84 7.23 27.11
C TYR B 133 -31.66 5.91 26.33
N ASN B 134 -31.92 4.77 26.97
CA ASN B 134 -31.79 3.41 26.42
C ASN B 134 -30.35 3.04 26.07
N SER B 135 -29.36 3.79 26.62
CA SER B 135 -27.95 3.45 26.50
C SER B 135 -27.64 2.38 27.53
N SER B 136 -26.70 1.48 27.20
CA SER B 136 -26.30 0.40 28.10
C SER B 136 -25.22 0.86 29.13
N VAL B 137 -24.90 2.18 29.19
CA VAL B 137 -23.92 2.80 30.08
C VAL B 137 -24.05 2.26 31.51
N LYS B 138 -22.91 1.81 32.09
CA LYS B 138 -22.82 1.25 33.43
C LYS B 138 -22.27 2.30 34.41
N ARG B 139 -21.39 3.19 33.94
CA ARG B 139 -20.78 4.22 34.77
C ARG B 139 -20.62 5.52 34.01
N ILE B 140 -21.00 6.64 34.65
CA ILE B 140 -20.84 8.01 34.16
C ILE B 140 -19.84 8.75 35.06
N VAL B 141 -18.83 9.38 34.48
CA VAL B 141 -17.85 10.16 35.24
C VAL B 141 -17.99 11.63 34.81
N ILE B 142 -18.26 12.53 35.78
CA ILE B 142 -18.41 13.97 35.56
C ILE B 142 -17.11 14.72 35.95
N PRO B 143 -16.41 15.35 34.97
CA PRO B 143 -15.16 16.06 35.30
C PRO B 143 -15.43 17.40 36.02
N LYS B 144 -14.38 18.04 36.57
CA LYS B 144 -14.49 19.30 37.34
C LYS B 144 -15.10 20.47 36.54
N SER B 145 -14.94 20.44 35.19
CA SER B 145 -15.39 21.47 34.25
C SER B 145 -16.93 21.62 34.09
N VAL B 146 -17.72 20.55 34.32
CA VAL B 146 -19.17 20.56 34.10
C VAL B 146 -19.88 21.51 35.08
N THR B 147 -20.62 22.47 34.51
CA THR B 147 -21.37 23.48 35.26
C THR B 147 -22.86 23.26 35.15
N THR B 148 -23.32 22.61 34.05
CA THR B 148 -24.74 22.39 33.79
C THR B 148 -25.03 20.97 33.32
N ILE B 149 -25.88 20.27 34.07
CA ILE B 149 -26.42 18.95 33.73
C ILE B 149 -27.93 19.12 33.67
N LYS B 150 -28.52 19.02 32.48
CA LYS B 150 -29.97 19.16 32.27
C LYS B 150 -30.68 17.89 32.80
N ASP B 151 -32.02 17.94 32.94
CA ASP B 151 -32.81 16.85 33.52
C ASP B 151 -32.60 15.51 32.83
N GLY B 152 -32.61 14.47 33.66
CA GLY B 152 -32.57 13.07 33.27
C GLY B 152 -31.30 12.49 32.68
N ILE B 153 -30.12 12.75 33.31
CA ILE B 153 -28.86 12.20 32.82
C ILE B 153 -28.91 10.66 32.84
N GLY B 154 -29.56 10.07 33.85
CA GLY B 154 -29.71 8.63 34.02
C GLY B 154 -31.05 8.06 33.60
N TYR B 155 -31.94 8.90 33.06
CA TYR B 155 -33.27 8.49 32.61
C TYR B 155 -33.18 7.41 31.50
N LYS B 156 -33.72 6.22 31.87
CA LYS B 156 -33.79 4.98 31.10
C LYS B 156 -32.39 4.46 30.69
N ALA B 157 -31.38 4.80 31.51
CA ALA B 157 -30.04 4.23 31.47
C ALA B 157 -30.14 3.08 32.49
N GLU B 158 -30.84 2.02 32.07
CA GLU B 158 -31.24 0.90 32.94
C GLU B 158 -30.08 0.04 33.45
N ASN B 159 -28.88 0.15 32.89
CA ASN B 159 -27.75 -0.64 33.41
C ASN B 159 -26.81 0.22 34.25
N LEU B 160 -27.17 1.54 34.43
CA LEU B 160 -26.38 2.53 35.15
C LEU B 160 -26.26 2.18 36.62
N GLU B 161 -25.01 1.93 37.05
CA GLU B 161 -24.68 1.51 38.42
C GLU B 161 -24.03 2.63 39.20
N LYS B 162 -23.20 3.43 38.54
CA LYS B 162 -22.45 4.50 39.19
C LYS B 162 -22.46 5.82 38.43
N ILE B 163 -22.51 6.90 39.20
CA ILE B 163 -22.31 8.28 38.78
C ILE B 163 -21.21 8.78 39.70
N GLU B 164 -20.08 9.18 39.12
CA GLU B 164 -18.96 9.72 39.91
C GLU B 164 -18.67 11.13 39.43
N VAL B 165 -18.45 12.05 40.38
CA VAL B 165 -18.17 13.45 40.10
C VAL B 165 -16.82 13.84 40.73
N SER B 166 -15.98 14.55 39.96
CA SER B 166 -14.71 15.10 40.44
C SER B 166 -14.96 15.95 41.69
N SER B 167 -14.11 15.76 42.72
CA SER B 167 -14.17 16.49 43.98
C SER B 167 -14.06 18.02 43.74
N ASN B 168 -13.39 18.40 42.64
CA ASN B 168 -13.13 19.78 42.24
C ASN B 168 -14.27 20.40 41.41
N ASN B 169 -15.34 19.63 41.08
CA ASN B 169 -16.49 20.19 40.38
C ASN B 169 -17.18 21.18 41.30
N LYS B 170 -17.51 22.37 40.79
CA LYS B 170 -18.09 23.43 41.62
C LYS B 170 -19.63 23.38 41.72
N ASN B 171 -20.30 22.63 40.84
CA ASN B 171 -21.76 22.61 40.79
C ASN B 171 -22.43 21.26 41.14
N TYR B 172 -21.67 20.16 41.06
CA TYR B 172 -22.21 18.82 41.31
C TYR B 172 -21.29 17.98 42.21
N VAL B 173 -21.87 16.97 42.85
CA VAL B 173 -21.17 16.03 43.73
C VAL B 173 -21.91 14.68 43.70
N ALA B 174 -21.18 13.59 43.97
CA ALA B 174 -21.76 12.26 44.03
C ALA B 174 -21.50 11.66 45.40
N GLU B 175 -22.55 11.14 46.04
CA GLU B 175 -22.48 10.50 47.35
C GLU B 175 -23.09 9.12 47.22
N ASN B 176 -22.24 8.08 47.34
CA ASN B 176 -22.58 6.66 47.21
C ASN B 176 -23.08 6.40 45.78
N TYR B 177 -22.42 7.04 44.79
CA TYR B 177 -22.68 6.95 43.35
C TYR B 177 -24.03 7.59 42.92
N VAL B 178 -24.66 8.35 43.83
CA VAL B 178 -25.91 9.10 43.58
C VAL B 178 -25.51 10.56 43.29
N LEU B 179 -25.98 11.09 42.16
CA LEU B 179 -25.68 12.46 41.73
C LEU B 179 -26.56 13.49 42.45
N TYR B 180 -25.90 14.54 42.93
CA TYR B 180 -26.46 15.71 43.61
C TYR B 180 -25.85 16.97 43.04
N ASN B 181 -26.45 18.12 43.37
CA ASN B 181 -25.81 19.41 43.13
C ASN B 181 -24.76 19.54 44.26
N LYS B 182 -23.74 20.40 44.09
CA LYS B 182 -22.63 20.58 45.03
C LYS B 182 -23.05 20.60 46.53
N ASN B 183 -24.14 21.34 46.87
CA ASN B 183 -24.60 21.54 48.24
C ASN B 183 -25.67 20.52 48.67
N LYS B 184 -25.86 19.44 47.87
CA LYS B 184 -26.80 18.32 48.13
C LYS B 184 -28.22 18.80 48.49
N THR B 185 -28.67 19.91 47.85
CA THR B 185 -30.01 20.49 48.02
C THR B 185 -30.95 19.91 46.96
N ILE B 186 -30.37 19.32 45.89
CA ILE B 186 -31.07 18.68 44.79
C ILE B 186 -30.47 17.29 44.55
N LEU B 187 -31.32 16.25 44.57
CA LEU B 187 -30.94 14.88 44.22
C LEU B 187 -31.22 14.79 42.74
N GLU B 188 -30.15 14.77 41.92
CA GLU B 188 -30.26 14.82 40.45
C GLU B 188 -30.54 13.46 39.80
N SER B 189 -29.80 12.39 40.18
CA SER B 189 -29.97 11.10 39.55
C SER B 189 -29.50 9.94 40.44
N TYR B 190 -30.35 8.91 40.59
CA TYR B 190 -30.07 7.67 41.29
C TYR B 190 -29.88 6.59 40.21
N PRO B 191 -28.65 6.01 40.05
CA PRO B 191 -28.44 4.99 39.00
C PRO B 191 -29.43 3.82 39.12
N ALA B 192 -30.13 3.49 38.03
CA ALA B 192 -31.19 2.48 37.98
C ALA B 192 -30.74 1.08 38.45
N ALA B 193 -29.48 0.68 38.16
CA ALA B 193 -28.94 -0.62 38.52
C ALA B 193 -28.08 -0.57 39.78
N LYS B 194 -28.12 0.55 40.51
CA LYS B 194 -27.41 0.69 41.78
C LYS B 194 -28.00 -0.30 42.80
N THR B 195 -27.11 -1.03 43.47
CA THR B 195 -27.47 -2.04 44.47
C THR B 195 -28.02 -1.38 45.73
N GLY B 196 -28.98 -2.04 46.36
CA GLY B 196 -29.62 -1.55 47.57
C GLY B 196 -31.13 -1.67 47.53
N THR B 197 -31.73 -2.17 48.61
CA THR B 197 -33.17 -2.36 48.75
C THR B 197 -33.88 -1.13 49.37
N GLU B 198 -33.14 -0.33 50.16
CA GLU B 198 -33.69 0.85 50.82
C GLU B 198 -32.78 2.08 50.62
N PHE B 199 -33.40 3.27 50.57
CA PHE B 199 -32.69 4.54 50.42
C PHE B 199 -33.40 5.63 51.21
N THR B 200 -32.60 6.44 51.93
CA THR B 200 -33.11 7.57 52.68
C THR B 200 -32.58 8.83 51.99
N ILE B 201 -33.50 9.69 51.50
CA ILE B 201 -33.12 10.94 50.84
C ILE B 201 -32.45 11.83 51.89
N PRO B 202 -31.21 12.33 51.67
CA PRO B 202 -30.58 13.19 52.69
C PRO B 202 -31.45 14.36 53.12
N SER B 203 -31.43 14.66 54.43
CA SER B 203 -32.20 15.73 55.10
C SER B 203 -31.93 17.13 54.49
N THR B 204 -30.79 17.26 53.80
CA THR B 204 -30.31 18.49 53.16
C THR B 204 -31.00 18.76 51.81
N VAL B 205 -31.54 17.70 51.16
CA VAL B 205 -32.22 17.74 49.84
C VAL B 205 -33.59 18.44 50.00
N LYS B 206 -33.93 19.34 49.05
CA LYS B 206 -35.19 20.08 49.02
C LYS B 206 -35.93 19.81 47.69
N THR B 207 -35.24 19.22 46.70
CA THR B 207 -35.80 18.85 45.40
C THR B 207 -35.26 17.51 44.87
N VAL B 208 -36.17 16.66 44.36
CA VAL B 208 -35.81 15.44 43.65
C VAL B 208 -36.07 15.78 42.19
N THR B 209 -35.01 15.91 41.37
CA THR B 209 -35.08 16.20 39.94
C THR B 209 -35.99 15.20 39.21
N ALA B 210 -36.67 15.66 38.15
CA ALA B 210 -37.52 14.84 37.32
C ALA B 210 -36.74 13.61 36.90
N TYR B 211 -37.39 12.42 37.02
CA TYR B 211 -36.86 11.10 36.66
C TYR B 211 -35.69 10.62 37.55
N GLY B 212 -35.54 11.22 38.73
CA GLY B 212 -34.46 10.93 39.67
C GLY B 212 -34.23 9.45 39.95
N PHE B 213 -35.31 8.76 40.33
CA PHE B 213 -35.33 7.34 40.66
C PHE B 213 -36.05 6.51 39.59
N SER B 214 -36.11 7.03 38.36
CA SER B 214 -36.79 6.36 37.25
C SER B 214 -36.14 5.00 36.94
N TYR B 215 -36.97 3.96 36.66
CA TYR B 215 -36.60 2.60 36.23
C TYR B 215 -35.70 1.88 37.24
N GLY B 216 -35.73 2.32 38.50
CA GLY B 216 -34.98 1.73 39.59
C GLY B 216 -35.30 0.25 39.77
N LYS B 217 -34.27 -0.60 39.58
CA LYS B 217 -34.42 -2.05 39.61
C LYS B 217 -34.55 -2.65 41.02
N ASN B 218 -33.77 -2.13 41.99
CA ASN B 218 -33.60 -2.76 43.30
C ASN B 218 -34.25 -2.11 44.53
N LEU B 219 -34.54 -0.79 44.54
CA LEU B 219 -35.12 -0.17 45.76
C LEU B 219 -36.54 -0.65 46.01
N LYS B 220 -36.80 -1.16 47.24
CA LYS B 220 -38.11 -1.58 47.69
C LYS B 220 -38.77 -0.42 48.43
N LYS B 221 -37.94 0.42 49.12
CA LYS B 221 -38.42 1.57 49.89
C LYS B 221 -37.52 2.81 49.76
N ILE B 222 -38.17 4.00 49.74
CA ILE B 222 -37.56 5.33 49.70
C ILE B 222 -38.15 6.16 50.84
N THR B 223 -37.28 6.77 51.65
CA THR B 223 -37.69 7.64 52.73
C THR B 223 -37.53 9.09 52.27
N ILE B 224 -38.67 9.79 52.09
CA ILE B 224 -38.68 11.19 51.70
C ILE B 224 -38.59 11.98 53.00
N THR B 225 -37.42 12.53 53.28
CA THR B 225 -37.14 13.28 54.50
C THR B 225 -37.87 14.66 54.48
N SER B 226 -37.99 15.28 55.68
CA SER B 226 -38.70 16.54 55.97
C SER B 226 -38.28 17.76 55.10
N GLY B 227 -37.08 17.74 54.52
CA GLY B 227 -36.60 18.85 53.70
C GLY B 227 -37.17 18.93 52.30
N VAL B 228 -37.62 17.78 51.75
CA VAL B 228 -38.10 17.72 50.36
C VAL B 228 -39.45 18.46 50.19
N THR B 229 -39.45 19.45 49.30
CA THR B 229 -40.62 20.26 48.97
C THR B 229 -41.07 20.02 47.52
N THR B 230 -40.13 19.59 46.64
CA THR B 230 -40.39 19.40 45.23
C THR B 230 -40.01 18.01 44.72
N LEU B 231 -40.97 17.35 44.05
CA LEU B 231 -40.79 16.07 43.38
C LEU B 231 -41.06 16.29 41.90
N GLY B 232 -40.01 16.18 41.08
CA GLY B 232 -40.10 16.40 39.64
C GLY B 232 -40.93 15.36 38.89
N ASP B 233 -41.25 15.66 37.62
CA ASP B 233 -41.99 14.74 36.75
C ASP B 233 -41.34 13.37 36.77
N GLY B 234 -42.16 12.34 36.96
CA GLY B 234 -41.72 10.94 36.99
C GLY B 234 -40.51 10.65 37.85
N ALA B 235 -40.45 11.29 39.04
CA ALA B 235 -39.34 11.14 40.00
C ALA B 235 -39.14 9.69 40.38
N PHE B 236 -40.27 8.94 40.60
CA PHE B 236 -40.29 7.51 40.95
C PHE B 236 -40.94 6.71 39.82
N TYR B 237 -40.75 7.16 38.56
CA TYR B 237 -41.34 6.50 37.40
C TYR B 237 -40.81 5.07 37.19
N GLY B 238 -41.74 4.16 36.93
CA GLY B 238 -41.46 2.79 36.51
C GLY B 238 -40.43 2.01 37.29
N LYS B 240 -39.13 -0.90 39.49
CA LYS B 240 -39.42 -2.33 39.39
C LYS B 240 -39.73 -3.04 40.72
N ALA B 241 -39.08 -2.61 41.83
CA ALA B 241 -39.17 -3.25 43.14
C ALA B 241 -39.86 -2.41 44.23
N LEU B 242 -40.06 -1.09 44.00
CA LEU B 242 -40.70 -0.22 45.01
C LEU B 242 -42.05 -0.82 45.38
N ASP B 243 -42.22 -1.22 46.67
CA ASP B 243 -43.46 -1.88 47.10
C ASP B 243 -44.38 -0.98 47.93
N GLU B 244 -43.88 0.15 48.44
CA GLU B 244 -44.66 1.14 49.18
C GLU B 244 -43.90 2.45 49.28
N ILE B 245 -44.66 3.56 49.44
CA ILE B 245 -44.08 4.91 49.55
C ILE B 245 -45.05 5.83 50.28
N ALA B 246 -44.46 6.78 51.00
CA ALA B 246 -45.17 7.83 51.71
C ALA B 246 -44.70 9.17 51.17
N ILE B 247 -45.64 9.97 50.67
CA ILE B 247 -45.40 11.33 50.20
C ILE B 247 -45.74 12.22 51.39
N PRO B 248 -44.71 12.75 52.10
CA PRO B 248 -45.00 13.52 53.33
C PRO B 248 -45.58 14.92 53.10
N LYS B 249 -46.11 15.53 54.19
CA LYS B 249 -46.71 16.86 54.25
C LYS B 249 -45.81 17.98 53.72
N ASN B 250 -44.49 17.84 53.90
CA ASN B 250 -43.50 18.85 53.49
C ASN B 250 -43.45 19.05 51.97
N VAL B 251 -43.88 18.05 51.20
CA VAL B 251 -43.89 18.13 49.73
C VAL B 251 -45.06 19.05 49.30
N THR B 252 -44.73 20.14 48.60
CA THR B 252 -45.70 21.14 48.16
C THR B 252 -45.73 21.31 46.62
N SER B 253 -44.89 20.56 45.90
CA SER B 253 -44.85 20.62 44.44
C SER B 253 -44.53 19.24 43.85
N ILE B 254 -45.46 18.69 43.06
CA ILE B 254 -45.30 17.36 42.48
C ILE B 254 -45.60 17.42 40.98
N GLY B 255 -44.70 16.83 40.21
CA GLY B 255 -44.80 16.73 38.75
C GLY B 255 -45.76 15.65 38.31
N SER B 256 -45.90 15.49 36.99
CA SER B 256 -46.79 14.50 36.41
C SER B 256 -46.16 13.12 36.43
N PHE B 257 -47.00 12.05 36.26
CA PHE B 257 -46.67 10.62 36.18
C PHE B 257 -45.57 10.24 37.22
N LEU B 258 -45.70 10.77 38.46
CA LEU B 258 -44.73 10.61 39.55
C LEU B 258 -44.33 9.14 39.84
N LEU B 259 -45.33 8.27 40.05
CA LEU B 259 -45.14 6.86 40.38
C LEU B 259 -45.73 5.96 39.31
N GLN B 260 -45.91 6.49 38.10
CA GLN B 260 -46.51 5.74 37.00
C GLN B 260 -45.75 4.47 36.68
N ASN B 261 -46.51 3.39 36.44
CA ASN B 261 -46.05 2.05 36.08
C ASN B 261 -45.04 1.46 37.11
N CYS B 262 -45.28 1.76 38.40
CA CYS B 262 -44.57 1.17 39.54
C CYS B 262 -45.38 -0.10 39.85
N THR B 263 -45.07 -1.20 39.15
CA THR B 263 -45.81 -2.45 39.15
C THR B 263 -45.64 -3.30 40.41
N ALA B 264 -44.66 -3.04 41.25
CA ALA B 264 -44.47 -3.77 42.49
C ALA B 264 -45.18 -3.07 43.63
N LEU B 265 -45.37 -1.74 43.52
CA LEU B 265 -46.00 -0.85 44.51
C LEU B 265 -47.34 -1.40 44.95
N LYS B 266 -47.50 -1.60 46.26
CA LYS B 266 -48.69 -2.19 46.90
C LYS B 266 -49.49 -1.16 47.68
N THR B 267 -48.78 -0.20 48.34
CA THR B 267 -49.38 0.82 49.19
C THR B 267 -48.83 2.22 48.91
N LEU B 268 -49.72 3.22 48.97
CA LEU B 268 -49.41 4.63 48.80
C LEU B 268 -50.08 5.43 49.91
N ASN B 269 -49.25 6.22 50.61
CA ASN B 269 -49.65 7.14 51.66
C ASN B 269 -49.28 8.52 51.18
N PHE B 270 -50.28 9.31 50.77
CA PHE B 270 -50.11 10.63 50.20
C PHE B 270 -50.57 11.67 51.19
N TYR B 271 -49.63 12.48 51.71
CA TYR B 271 -49.92 13.51 52.73
C TYR B 271 -49.45 14.89 52.29
N ALA B 272 -48.97 15.02 51.05
CA ALA B 272 -48.45 16.26 50.48
C ALA B 272 -49.41 17.44 50.59
N LYS B 273 -48.87 18.62 50.94
CA LYS B 273 -49.63 19.87 51.02
C LYS B 273 -49.68 20.45 49.59
N VAL B 274 -50.59 19.90 48.76
CA VAL B 274 -50.78 20.29 47.36
C VAL B 274 -52.27 20.48 47.08
N LYS B 275 -52.60 21.36 46.11
CA LYS B 275 -54.00 21.61 45.73
C LYS B 275 -54.57 20.43 44.93
N THR B 276 -53.88 19.99 43.86
CA THR B 276 -54.38 18.91 43.00
C THR B 276 -53.40 17.70 42.88
N VAL B 277 -53.88 16.45 43.17
CA VAL B 277 -53.09 15.22 43.02
C VAL B 277 -52.76 15.12 41.53
N PRO B 278 -51.47 15.19 41.15
CA PRO B 278 -51.13 15.39 39.74
C PRO B 278 -51.31 14.21 38.79
N TYR B 279 -51.69 14.60 37.55
CA TYR B 279 -51.95 13.79 36.37
C TYR B 279 -51.00 12.57 36.27
N LEU B 280 -51.61 11.37 36.06
CA LEU B 280 -50.95 10.06 35.90
C LEU B 280 -50.14 9.60 37.12
N LEU B 281 -50.43 10.17 38.32
CA LEU B 281 -49.72 9.85 39.57
C LEU B 281 -49.34 8.37 39.69
N CYS B 282 -50.36 7.48 39.74
CA CYS B 282 -50.18 6.04 39.89
C CYS B 282 -50.80 5.26 38.74
N SER B 283 -50.80 5.84 37.54
CA SER B 283 -51.30 5.14 36.37
C SER B 283 -50.48 3.86 36.15
N GLY B 284 -51.16 2.75 35.95
CA GLY B 284 -50.53 1.47 35.68
C GLY B 284 -49.85 0.82 36.87
N CYS B 285 -50.21 1.24 38.08
CA CYS B 285 -49.70 0.64 39.31
C CYS B 285 -50.62 -0.54 39.62
N SER B 286 -50.44 -1.60 38.81
CA SER B 286 -51.22 -2.81 38.71
C SER B 286 -51.32 -3.62 40.03
N ASN B 287 -50.33 -3.50 40.95
CA ASN B 287 -50.37 -4.23 42.23
C ASN B 287 -50.73 -3.33 43.41
N LEU B 288 -51.02 -2.05 43.15
CA LEU B 288 -51.42 -1.10 44.18
C LEU B 288 -52.81 -1.50 44.67
N THR B 289 -52.93 -1.78 45.99
CA THR B 289 -54.17 -2.26 46.61
C THR B 289 -54.81 -1.25 47.55
N LYS B 290 -54.00 -0.44 48.27
CA LYS B 290 -54.49 0.55 49.23
C LYS B 290 -53.87 1.92 48.99
N VAL B 291 -54.72 2.97 49.00
CA VAL B 291 -54.32 4.37 48.81
C VAL B 291 -54.95 5.20 49.89
N VAL B 292 -54.12 6.00 50.58
CA VAL B 292 -54.53 6.90 51.65
C VAL B 292 -54.08 8.30 51.27
N ASP B 294 -54.41 12.09 52.59
CA ASP B 294 -54.79 12.85 53.77
C ASP B 294 -54.04 14.17 53.90
N ASN B 295 -54.72 15.25 53.47
CA ASN B 295 -54.28 16.63 53.58
C ASN B 295 -55.42 17.56 53.18
N SER B 296 -55.75 18.53 54.08
CA SER B 296 -56.75 19.58 53.84
C SER B 296 -56.29 20.42 52.62
N ALA B 297 -57.13 21.26 51.98
CA ALA B 297 -56.69 22.02 50.78
C ALA B 297 -56.31 21.11 49.57
N ILE B 298 -56.48 19.76 49.68
CA ILE B 298 -56.38 18.89 48.51
C ILE B 298 -57.76 19.02 47.92
N GLU B 299 -57.83 19.63 46.74
CA GLU B 299 -59.11 19.96 46.11
C GLU B 299 -59.47 19.10 44.91
N THR B 300 -58.52 18.83 44.01
CA THR B 300 -58.83 18.09 42.78
C THR B 300 -57.94 16.87 42.58
N LEU B 301 -58.54 15.80 42.04
CA LEU B 301 -57.79 14.63 41.60
C LEU B 301 -57.72 14.80 40.11
N GLU B 302 -56.53 15.07 39.56
CA GLU B 302 -56.36 15.28 38.12
C GLU B 302 -56.64 13.97 37.33
N PRO B 303 -56.83 14.02 36.00
CA PRO B 303 -57.12 12.78 35.26
C PRO B 303 -56.05 11.71 35.38
N ARG B 304 -56.50 10.45 35.32
CA ARG B 304 -55.70 9.23 35.26
C ARG B 304 -54.77 9.01 36.48
N VAL B 305 -55.09 9.61 37.65
CA VAL B 305 -54.26 9.47 38.85
C VAL B 305 -54.14 8.01 39.34
N PHE B 306 -55.20 7.20 39.17
CA PHE B 306 -55.17 5.77 39.55
C PHE B 306 -55.72 4.94 38.41
N ASP B 308 -55.98 2.28 35.60
CA ASP B 308 -55.54 0.89 35.39
C ASP B 308 -54.87 0.29 36.65
N CYS B 309 -55.27 0.76 37.85
CA CYS B 309 -54.82 0.18 39.10
C CYS B 309 -55.84 -0.89 39.44
N VAL B 310 -55.81 -1.97 38.64
CA VAL B 310 -56.76 -3.09 38.63
C VAL B 310 -56.97 -3.75 40.00
N LYS B 311 -55.94 -3.75 40.90
CA LYS B 311 -55.98 -4.43 42.21
C LYS B 311 -56.31 -3.46 43.35
N LEU B 312 -56.53 -2.17 43.02
CA LEU B 312 -56.81 -1.12 44.01
C LEU B 312 -58.21 -1.30 44.53
N SER B 313 -58.32 -1.63 45.85
CA SER B 313 -59.59 -1.94 46.53
C SER B 313 -60.00 -0.93 47.65
N SER B 314 -59.04 -0.28 48.34
CA SER B 314 -59.37 0.71 49.38
C SER B 314 -58.69 2.06 49.08
N VAL B 315 -59.53 3.08 48.93
CA VAL B 315 -59.16 4.45 48.61
C VAL B 315 -59.73 5.38 49.67
N THR B 316 -58.85 6.07 50.40
CA THR B 316 -59.24 7.07 51.39
C THR B 316 -59.06 8.42 50.72
N LEU B 317 -60.18 9.11 50.47
CA LEU B 317 -60.15 10.42 49.82
C LEU B 317 -59.81 11.53 50.84
N PRO B 318 -59.14 12.64 50.43
CA PRO B 318 -58.84 13.71 51.40
C PRO B 318 -60.12 14.43 51.80
N THR B 319 -60.26 14.68 53.10
CA THR B 319 -61.43 15.27 53.78
C THR B 319 -61.97 16.59 53.17
N ALA B 320 -61.15 17.32 52.39
CA ALA B 320 -61.54 18.60 51.78
C ALA B 320 -61.57 18.55 50.25
N LEU B 321 -61.61 17.32 49.67
CA LEU B 321 -61.64 17.12 48.22
C LEU B 321 -62.91 17.73 47.61
N LYS B 322 -62.77 18.37 46.44
CA LYS B 322 -63.89 19.04 45.78
C LYS B 322 -64.13 18.50 44.36
N THR B 323 -63.07 18.05 43.67
CA THR B 323 -63.19 17.57 42.29
C THR B 323 -62.45 16.22 42.09
N ILE B 324 -63.05 15.34 41.27
CA ILE B 324 -62.52 14.05 40.81
C ILE B 324 -62.66 14.11 39.29
N GLN B 325 -61.54 14.33 38.58
CA GLN B 325 -61.56 14.50 37.13
C GLN B 325 -61.66 13.17 36.36
N VAL B 326 -61.93 13.27 35.05
CA VAL B 326 -62.08 12.19 34.07
C VAL B 326 -60.97 11.17 34.23
N TYR B 327 -61.33 9.87 34.28
CA TYR B 327 -60.41 8.74 34.32
C TYR B 327 -59.55 8.65 35.58
N ALA B 328 -59.87 9.41 36.64
CA ALA B 328 -59.10 9.36 37.90
C ALA B 328 -59.03 7.92 38.45
N PHE B 329 -60.11 7.14 38.30
CA PHE B 329 -60.21 5.74 38.74
C PHE B 329 -60.63 4.84 37.57
N LYS B 330 -60.11 5.16 36.36
CA LYS B 330 -60.39 4.41 35.15
C LYS B 330 -59.88 2.97 35.33
N ASN B 331 -60.79 1.99 35.13
CA ASN B 331 -60.56 0.54 35.17
C ASN B 331 -60.09 0.04 36.55
N CYS B 332 -60.57 0.67 37.64
CA CYS B 332 -60.24 0.26 39.00
C CYS B 332 -61.23 -0.85 39.45
N LYS B 333 -61.10 -1.99 38.76
CA LYS B 333 -61.90 -3.20 38.88
C LYS B 333 -62.14 -3.63 40.34
N ALA B 334 -61.08 -3.60 41.19
CA ALA B 334 -61.19 -4.02 42.60
C ALA B 334 -61.73 -2.91 43.52
N LEU B 335 -61.95 -1.68 42.99
CA LEU B 335 -62.52 -0.59 43.80
C LEU B 335 -64.05 -0.72 43.77
N SER B 336 -64.59 -1.38 44.79
CA SER B 336 -66.02 -1.66 44.92
C SER B 336 -66.74 -0.63 45.80
N THR B 337 -66.04 -0.09 46.81
CA THR B 337 -66.64 0.89 47.72
C THR B 337 -65.69 2.05 48.04
N ILE B 338 -66.28 3.26 48.25
CA ILE B 338 -65.54 4.48 48.54
C ILE B 338 -66.40 5.44 49.39
N SER B 339 -65.77 6.07 50.39
CA SER B 339 -66.46 7.07 51.20
C SER B 339 -66.21 8.44 50.58
N TYR B 340 -67.30 9.15 50.27
CA TYR B 340 -67.23 10.48 49.65
C TYR B 340 -67.23 11.59 50.72
N PRO B 341 -66.23 12.49 50.71
CA PRO B 341 -66.24 13.61 51.68
C PRO B 341 -67.33 14.61 51.29
N LYS B 342 -68.10 15.10 52.29
CA LYS B 342 -69.22 16.04 52.09
C LYS B 342 -68.81 17.31 51.29
N SER B 343 -67.50 17.55 51.14
CA SER B 343 -66.95 18.69 50.40
C SER B 343 -66.97 18.52 48.88
N ILE B 344 -67.27 17.32 48.34
CA ILE B 344 -67.25 17.07 46.88
C ILE B 344 -68.27 17.97 46.19
N THR B 345 -67.83 18.63 45.12
CA THR B 345 -68.64 19.56 44.31
C THR B 345 -68.82 19.01 42.89
N LEU B 346 -67.82 18.28 42.33
CA LEU B 346 -67.90 17.77 40.97
C LEU B 346 -67.14 16.46 40.76
N ILE B 347 -67.80 15.52 40.07
CA ILE B 347 -67.25 14.25 39.63
C ILE B 347 -67.40 14.29 38.11
N GLU B 348 -66.29 14.50 37.41
CA GLU B 348 -66.29 14.62 35.96
C GLU B 348 -66.73 13.31 35.28
N SER B 349 -67.39 13.43 34.12
CA SER B 349 -67.88 12.29 33.34
C SER B 349 -66.71 11.37 32.97
N GLY B 350 -66.76 10.12 33.42
CA GLY B 350 -65.71 9.13 33.18
C GLY B 350 -64.71 8.98 34.30
N ALA B 351 -64.98 9.59 35.48
CA ALA B 351 -64.12 9.51 36.65
C ALA B 351 -64.00 8.08 37.21
N PHE B 352 -65.10 7.30 37.17
CA PHE B 352 -65.12 5.93 37.70
C PHE B 352 -65.45 4.89 36.61
N GLU B 353 -65.15 5.21 35.35
CA GLU B 353 -65.38 4.33 34.20
C GLU B 353 -64.47 3.09 34.29
N GLY B 354 -65.10 1.92 34.22
CA GLY B 354 -64.39 0.64 34.29
C GLY B 354 -64.14 0.13 35.70
N SER B 355 -64.52 0.93 36.70
CA SER B 355 -64.38 0.57 38.12
C SER B 355 -65.64 -0.14 38.61
N SER B 356 -65.62 -0.64 39.85
CA SER B 356 -66.77 -1.32 40.43
C SER B 356 -67.55 -0.36 41.35
N ILE B 357 -67.37 0.96 41.14
CA ILE B 357 -68.10 1.99 41.89
C ILE B 357 -69.42 2.22 41.15
N THR B 358 -70.52 1.89 41.86
CA THR B 358 -71.89 1.96 41.36
C THR B 358 -72.61 3.22 41.85
N LYS B 359 -72.54 3.53 43.16
CA LYS B 359 -73.21 4.70 43.75
C LYS B 359 -72.31 5.94 43.76
N TYR B 360 -72.91 7.13 43.54
CA TYR B 360 -72.25 8.45 43.57
C TYR B 360 -72.91 9.29 44.68
N PRO B 361 -72.33 10.45 45.14
CA PRO B 361 -72.99 11.19 46.25
C PRO B 361 -74.42 11.62 45.98
N THR B 362 -75.22 11.65 47.05
CA THR B 362 -76.64 12.04 47.03
C THR B 362 -76.81 13.50 46.62
N TRP B 363 -75.89 14.39 47.08
CA TRP B 363 -75.92 15.83 46.83
C TRP B 363 -75.46 16.22 45.42
N LEU B 364 -75.04 15.24 44.59
CA LEU B 364 -74.61 15.52 43.21
C LEU B 364 -75.68 15.03 42.23
N SER B 365 -75.75 15.68 41.06
CA SER B 365 -76.73 15.40 40.00
C SER B 365 -76.06 15.37 38.64
N LYS B 366 -76.52 14.45 37.76
CA LYS B 366 -75.98 14.28 36.41
C LYS B 366 -76.35 15.46 35.51
N GLY B 367 -75.32 16.17 35.06
CA GLY B 367 -75.46 17.32 34.17
C GLY B 367 -75.68 16.91 32.74
N ASN B 368 -75.91 17.91 31.87
CA ASN B 368 -76.19 17.72 30.44
C ASN B 368 -74.97 17.16 29.69
N ASN B 369 -73.74 17.48 30.16
CA ASN B 369 -72.48 17.01 29.58
C ASN B 369 -72.02 15.64 30.16
N GLY B 370 -72.83 15.08 31.06
CA GLY B 370 -72.50 13.80 31.69
C GLY B 370 -71.79 13.93 33.03
N ASP B 371 -71.30 15.15 33.36
CA ASP B 371 -70.62 15.45 34.63
C ASP B 371 -71.62 15.36 35.77
N TYR B 372 -71.35 14.49 36.74
CA TYR B 372 -72.27 14.20 37.83
C TYR B 372 -72.09 15.22 38.94
N GLY C 1 26.82 -31.43 18.85
CA GLY C 1 27.16 -32.45 17.87
C GLY C 1 28.20 -32.01 16.86
N ALA C 2 28.94 -32.98 16.28
CA ALA C 2 29.95 -32.69 15.28
C ALA C 2 29.30 -32.26 14.01
N SER C 3 29.71 -31.09 13.53
CA SER C 3 29.19 -30.55 12.30
C SER C 3 30.37 -30.01 11.47
N ILE C 4 30.56 -30.55 10.26
CA ILE C 4 31.70 -30.20 9.40
C ILE C 4 31.27 -29.29 8.27
N THR C 5 31.98 -28.18 8.12
CA THR C 5 31.73 -27.18 7.12
C THR C 5 32.82 -27.28 6.04
N TYR C 6 32.40 -27.15 4.79
CA TYR C 6 33.24 -27.21 3.60
C TYR C 6 33.15 -25.90 2.84
N ASN C 7 34.29 -25.34 2.47
CA ASN C 7 34.31 -24.15 1.64
C ASN C 7 34.21 -24.65 0.20
N VAL C 8 33.10 -24.40 -0.47
CA VAL C 8 32.93 -24.93 -1.83
C VAL C 8 33.36 -23.84 -2.81
N SER C 9 32.79 -22.64 -2.67
CA SER C 9 33.12 -21.44 -3.45
C SER C 9 32.83 -20.24 -2.59
N SER C 10 33.00 -19.04 -3.14
CA SER C 10 32.73 -17.81 -2.41
C SER C 10 31.25 -17.63 -2.14
N THR C 11 30.40 -18.39 -2.86
CA THR C 11 28.95 -18.26 -2.71
C THR C 11 28.29 -19.59 -2.30
N ILE C 12 29.07 -20.66 -2.17
CA ILE C 12 28.52 -22.00 -1.83
C ILE C 12 29.28 -22.61 -0.67
N LYS C 13 28.54 -23.25 0.25
CA LYS C 13 29.12 -24.04 1.35
C LYS C 13 28.45 -25.41 1.43
N GLY C 14 29.14 -26.33 2.08
CA GLY C 14 28.65 -27.67 2.40
C GLY C 14 28.71 -27.86 3.91
N VAL C 15 27.66 -28.49 4.48
CA VAL C 15 27.61 -28.81 5.90
C VAL C 15 27.24 -30.30 6.07
N LEU C 16 28.13 -31.07 6.74
CA LEU C 16 27.88 -32.47 7.06
C LEU C 16 27.55 -32.61 8.55
N THR C 17 26.30 -32.97 8.81
CA THR C 17 25.80 -33.14 10.15
C THR C 17 25.96 -34.60 10.58
N ASP C 18 25.95 -34.85 11.91
CA ASP C 18 26.15 -36.20 12.49
C ASP C 18 25.06 -37.25 12.10
N ASP C 19 24.00 -36.83 11.39
CA ASP C 19 22.94 -37.69 10.87
C ASP C 19 23.34 -38.27 9.48
N GLY C 20 24.53 -37.89 8.99
CA GLY C 20 25.06 -38.33 7.72
C GLY C 20 24.59 -37.53 6.53
N VAL C 21 23.97 -36.34 6.77
CA VAL C 21 23.45 -35.51 5.70
C VAL C 21 24.47 -34.44 5.32
N LEU C 22 24.81 -34.40 4.02
CA LEU C 22 25.63 -33.36 3.41
C LEU C 22 24.68 -32.38 2.75
N THR C 23 24.58 -31.16 3.30
CA THR C 23 23.72 -30.10 2.79
C THR C 23 24.57 -29.06 2.08
N ILE C 24 24.26 -28.84 0.79
CA ILE C 24 24.89 -27.83 -0.03
C ILE C 24 23.98 -26.60 -0.02
N SER C 25 24.50 -25.47 0.43
CA SER C 25 23.72 -24.25 0.46
C SER C 25 24.52 -23.08 -0.15
N GLY C 26 23.78 -22.07 -0.59
CA GLY C 26 24.36 -20.87 -1.18
C GLY C 26 23.73 -20.55 -2.51
N THR C 27 24.51 -19.93 -3.41
CA THR C 27 23.96 -19.55 -4.71
C THR C 27 24.93 -19.84 -5.85
N GLY C 28 24.37 -20.16 -7.01
CA GLY C 28 25.16 -20.31 -8.22
C GLY C 28 25.60 -21.70 -8.57
N ALA C 29 26.58 -21.75 -9.47
CA ALA C 29 27.06 -22.99 -10.03
C ALA C 29 28.08 -23.64 -9.14
N PRO C 31 31.32 -25.90 -8.37
CA PRO C 31 32.49 -26.08 -9.24
C PRO C 31 32.53 -27.47 -9.89
N ASP C 32 33.34 -27.59 -10.95
CA ASP C 32 33.64 -28.83 -11.62
C ASP C 32 34.93 -29.36 -11.06
N TYR C 33 34.95 -30.62 -10.64
CA TYR C 33 36.20 -31.17 -10.13
C TYR C 33 36.75 -32.15 -11.15
N THR C 34 38.03 -32.00 -11.50
CA THR C 34 38.66 -32.89 -12.48
C THR C 34 39.32 -34.06 -11.75
N LYS C 35 39.70 -33.88 -10.46
CA LYS C 35 40.29 -34.90 -9.61
C LYS C 35 39.40 -35.07 -8.39
N ILE C 36 39.01 -36.31 -8.09
CA ILE C 36 38.11 -36.66 -6.98
C ILE C 36 38.74 -36.30 -5.63
N ALA C 37 40.05 -36.30 -5.57
CA ALA C 37 40.70 -35.90 -4.33
C ALA C 37 40.64 -34.36 -4.11
N ASN C 38 40.13 -33.58 -5.09
CA ASN C 38 40.04 -32.10 -4.99
C ASN C 38 38.69 -31.65 -4.41
N ILE C 39 37.79 -32.59 -4.16
CA ILE C 39 36.48 -32.34 -3.62
C ILE C 39 36.57 -32.06 -2.10
N PRO C 40 35.90 -31.00 -1.57
CA PRO C 40 36.03 -30.72 -0.12
C PRO C 40 35.67 -31.91 0.79
N TRP C 41 34.72 -32.77 0.40
CA TRP C 41 34.33 -33.86 1.29
C TRP C 41 35.04 -35.18 1.01
N TYR C 42 36.16 -35.15 0.28
CA TYR C 42 36.90 -36.35 -0.09
C TYR C 42 37.23 -37.29 1.09
N LYS C 43 37.77 -36.73 2.17
CA LYS C 43 38.14 -37.51 3.35
C LYS C 43 36.94 -37.91 4.21
N ASP C 44 35.69 -37.48 3.87
CA ASP C 44 34.51 -37.78 4.68
C ASP C 44 33.46 -38.60 3.95
N ARG C 45 33.83 -39.19 2.80
CA ARG C 45 32.94 -39.99 1.97
C ARG C 45 32.23 -41.15 2.73
N ASP C 46 32.87 -41.71 3.74
CA ASP C 46 32.29 -42.79 4.58
C ASP C 46 31.05 -42.34 5.35
N ARG C 47 31.02 -41.05 5.75
CA ARG C 47 30.00 -40.44 6.58
C ARG C 47 28.78 -39.94 5.82
N ILE C 48 28.88 -39.74 4.51
CA ILE C 48 27.77 -39.20 3.72
C ILE C 48 26.80 -40.29 3.29
N SER C 49 25.58 -40.25 3.86
CA SER C 49 24.53 -41.21 3.49
C SER C 49 23.47 -40.56 2.62
N GLU C 50 23.37 -39.23 2.68
CA GLU C 50 22.39 -38.46 1.94
C GLU C 50 22.92 -37.07 1.60
N VAL C 51 22.59 -36.57 0.40
CA VAL C 51 22.97 -35.23 -0.04
C VAL C 51 21.70 -34.40 -0.28
N ARG C 52 21.70 -33.15 0.21
CA ARG C 52 20.63 -32.19 -0.03
C ARG C 52 21.24 -30.94 -0.68
N VAL C 53 20.80 -30.62 -1.91
CA VAL C 53 21.24 -29.42 -2.64
C VAL C 53 20.06 -28.44 -2.56
N ASN C 54 20.24 -27.36 -1.79
CA ASN C 54 19.18 -26.39 -1.44
C ASN C 54 18.96 -25.29 -2.47
N SER C 55 17.80 -24.57 -2.36
CA SER C 55 17.46 -23.46 -3.24
C SER C 55 18.57 -22.42 -3.29
N GLY C 56 18.88 -21.96 -4.50
CA GLY C 56 19.93 -20.99 -4.74
C GLY C 56 21.02 -21.57 -5.62
N ILE C 57 21.32 -22.85 -5.43
CA ILE C 57 22.31 -23.59 -6.22
C ILE C 57 21.69 -23.82 -7.60
N THR C 58 22.40 -23.39 -8.66
CA THR C 58 21.89 -23.48 -10.04
C THR C 58 22.30 -24.72 -10.76
N SER C 59 23.43 -25.33 -10.36
CA SER C 59 23.95 -26.52 -10.98
C SER C 59 24.85 -27.33 -10.07
N ILE C 60 24.81 -28.67 -10.23
CA ILE C 60 25.71 -29.63 -9.58
C ILE C 60 26.83 -29.85 -10.58
N GLY C 61 28.06 -29.65 -10.16
CA GLY C 61 29.22 -29.73 -11.05
C GLY C 61 29.75 -31.12 -11.31
N GLU C 62 30.75 -31.19 -12.18
CA GLU C 62 31.44 -32.41 -12.53
C GLU C 62 32.01 -33.11 -11.27
N ALA C 63 31.72 -34.41 -11.15
CA ALA C 63 32.21 -35.33 -10.13
C ALA C 63 31.93 -34.87 -8.68
N ASN C 64 30.96 -34.00 -8.45
CA ASN C 64 30.70 -33.45 -7.11
C ASN C 64 30.49 -34.50 -6.01
N PHE C 65 29.70 -35.54 -6.28
CA PHE C 65 29.46 -36.58 -5.27
C PHE C 65 30.00 -37.92 -5.76
N ASN C 66 31.00 -37.85 -6.69
CA ASN C 66 31.69 -39.01 -7.20
C ASN C 66 32.40 -39.76 -6.06
N SER C 67 32.17 -41.06 -6.00
CA SER C 67 32.76 -41.98 -5.03
C SER C 67 32.27 -41.77 -3.60
N CYS C 68 31.09 -41.11 -3.42
CA CYS C 68 30.42 -41.05 -2.12
C CYS C 68 29.63 -42.35 -2.02
N TYR C 69 30.39 -43.44 -1.79
CA TYR C 69 29.98 -44.84 -1.83
C TYR C 69 28.89 -45.25 -0.84
N ASN C 70 28.53 -44.38 0.12
CA ASN C 70 27.49 -44.69 1.09
C ASN C 70 26.25 -43.80 0.90
N THR C 72 22.94 -42.90 -0.51
CA THR C 72 21.83 -43.68 -1.11
C THR C 72 20.69 -42.79 -1.60
N LYS C 73 20.67 -41.51 -1.20
CA LYS C 73 19.63 -40.56 -1.61
C LYS C 73 20.22 -39.16 -1.87
N VAL C 74 19.61 -38.45 -2.83
CA VAL C 74 19.95 -37.06 -3.13
C VAL C 74 18.62 -36.30 -3.20
N THR C 75 18.59 -35.10 -2.69
CA THR C 75 17.41 -34.24 -2.72
C THR C 75 17.93 -32.96 -3.42
N VAL C 76 17.33 -32.59 -4.59
CA VAL C 76 17.77 -31.46 -5.44
C VAL C 76 16.66 -30.39 -5.58
N ALA C 77 16.95 -29.15 -5.17
CA ALA C 77 15.99 -28.05 -5.25
C ALA C 77 15.69 -27.62 -6.69
N SER C 78 14.56 -26.90 -6.85
CA SER C 78 14.04 -26.43 -8.13
C SER C 78 14.96 -25.40 -8.85
N THR C 79 15.94 -24.83 -8.15
CA THR C 79 16.84 -23.85 -8.76
C THR C 79 17.95 -24.52 -9.59
N VAL C 80 18.17 -25.83 -9.37
CA VAL C 80 19.22 -26.59 -10.08
C VAL C 80 18.72 -26.94 -11.47
N THR C 81 19.43 -26.46 -12.50
CA THR C 81 19.03 -26.65 -13.90
C THR C 81 19.95 -27.62 -14.64
N SER C 82 21.11 -27.96 -14.05
CA SER C 82 22.01 -28.93 -14.70
C SER C 82 22.81 -29.73 -13.68
N ILE C 83 23.07 -31.01 -14.00
CA ILE C 83 23.88 -31.91 -13.18
C ILE C 83 25.07 -32.36 -14.07
N GLY C 84 26.28 -32.05 -13.64
CA GLY C 84 27.52 -32.29 -14.37
C GLY C 84 27.96 -33.74 -14.49
N ASP C 85 28.94 -33.96 -15.37
CA ASP C 85 29.53 -35.27 -15.65
C ASP C 85 29.93 -36.01 -14.38
N GLY C 86 29.49 -37.26 -14.26
CA GLY C 86 29.79 -38.15 -13.14
C GLY C 86 29.47 -37.63 -11.75
N ALA C 87 28.47 -36.72 -11.64
CA ALA C 87 28.07 -36.09 -10.39
C ALA C 87 27.74 -37.10 -9.32
N PHE C 88 27.15 -38.26 -9.69
CA PHE C 88 26.81 -39.31 -8.73
C PHE C 88 27.49 -40.64 -9.07
N ALA C 89 28.60 -40.57 -9.86
CA ALA C 89 29.34 -41.75 -10.28
C ALA C 89 29.94 -42.46 -9.08
N ASP C 90 29.58 -43.74 -8.96
CA ASP C 90 30.03 -44.68 -7.94
C ASP C 90 29.56 -44.29 -6.53
N THR C 91 28.30 -43.84 -6.46
CA THR C 91 27.57 -43.63 -5.21
C THR C 91 26.71 -44.88 -5.05
N LYS C 92 25.98 -45.02 -3.93
CA LYS C 92 25.03 -46.11 -3.73
C LYS C 92 23.63 -45.53 -3.98
N LEU C 93 23.51 -44.56 -4.92
CA LEU C 93 22.25 -43.85 -5.19
C LEU C 93 21.15 -44.81 -5.50
N GLN C 94 20.07 -44.71 -4.71
CA GLN C 94 18.90 -45.58 -4.84
C GLN C 94 17.65 -44.81 -5.23
N SER C 95 17.58 -43.54 -4.88
CA SER C 95 16.42 -42.68 -5.17
C SER C 95 16.78 -41.21 -5.06
N TYR C 96 15.90 -40.35 -5.56
CA TYR C 96 16.06 -38.92 -5.44
C TYR C 96 14.69 -38.28 -5.23
N THR C 97 14.70 -37.08 -4.64
CA THR C 97 13.51 -36.24 -4.53
C THR C 97 13.91 -34.88 -5.14
N GLY C 98 12.98 -34.21 -5.79
CA GLY C 98 13.21 -32.93 -6.44
C GLY C 98 13.64 -33.07 -7.88
N GLU C 100 13.19 -30.92 -10.09
CA GLU C 100 12.04 -30.42 -10.84
C GLU C 100 12.40 -29.52 -12.01
N ARG C 101 13.56 -28.84 -11.97
CA ARG C 101 13.92 -27.97 -13.08
C ARG C 101 15.27 -28.35 -13.72
N VAL C 102 15.77 -29.58 -13.46
CA VAL C 102 17.01 -30.05 -14.09
C VAL C 102 16.71 -30.31 -15.59
N LYS C 103 17.40 -29.58 -16.45
CA LYS C 103 17.22 -29.66 -17.89
C LYS C 103 18.30 -30.54 -18.50
N LYS C 104 19.56 -30.40 -18.04
CA LYS C 104 20.70 -31.10 -18.62
C LYS C 104 21.43 -31.99 -17.62
N PHE C 105 21.64 -33.25 -18.05
CA PHE C 105 22.40 -34.28 -17.35
C PHE C 105 23.64 -34.57 -18.18
N GLY C 106 24.80 -34.50 -17.55
CA GLY C 106 26.06 -34.78 -18.22
C GLY C 106 26.26 -36.28 -18.46
N ASP C 107 27.50 -36.67 -18.72
CA ASP C 107 27.87 -38.05 -18.99
C ASP C 107 28.21 -38.78 -17.70
N TYR C 108 27.91 -40.08 -17.65
CA TYR C 108 28.22 -40.98 -16.51
C TYR C 108 27.67 -40.49 -15.17
N VAL C 109 26.63 -39.63 -15.18
CA VAL C 109 26.06 -39.05 -13.97
C VAL C 109 25.64 -40.16 -12.97
N PHE C 110 25.04 -41.26 -13.44
CA PHE C 110 24.57 -42.31 -12.54
C PHE C 110 25.37 -43.61 -12.72
N GLN C 111 26.64 -43.47 -13.13
CA GLN C 111 27.55 -44.59 -13.27
C GLN C 111 27.72 -45.29 -11.88
N GLY C 112 27.63 -46.61 -11.87
CA GLY C 112 27.82 -47.46 -10.69
C GLY C 112 26.84 -47.28 -9.55
N THR C 113 25.66 -46.71 -9.85
CA THR C 113 24.64 -46.42 -8.84
C THR C 113 23.78 -47.66 -8.56
N ASP C 114 23.07 -47.64 -7.42
CA ASP C 114 22.26 -48.75 -6.94
C ASP C 114 20.76 -48.49 -7.21
N LEU C 115 20.45 -48.01 -8.44
CA LEU C 115 19.09 -47.67 -8.84
C LEU C 115 18.26 -48.93 -9.18
N ASP C 116 16.93 -48.78 -9.12
CA ASP C 116 15.99 -49.83 -9.50
C ASP C 116 15.09 -49.23 -10.56
N ASP C 117 14.03 -48.53 -10.12
CA ASP C 117 13.10 -47.85 -11.02
C ASP C 117 13.50 -46.37 -11.05
N PHE C 118 13.94 -45.88 -12.23
CA PHE C 118 14.40 -44.49 -12.36
C PHE C 118 13.59 -43.74 -13.41
N GLU C 119 12.99 -42.65 -13.00
CA GLU C 119 12.26 -41.79 -13.91
C GLU C 119 12.98 -40.45 -13.99
N PHE C 120 13.31 -40.00 -15.20
CA PHE C 120 13.95 -38.71 -15.41
C PHE C 120 12.97 -37.62 -15.02
N PRO C 121 13.44 -36.56 -14.33
CA PRO C 121 12.50 -35.53 -13.87
C PRO C 121 11.86 -34.70 -15.01
N GLY C 122 10.70 -34.12 -14.70
CA GLY C 122 9.83 -33.37 -15.59
C GLY C 122 10.35 -32.33 -16.57
N ALA C 123 11.48 -31.69 -16.28
CA ALA C 123 12.02 -30.66 -17.17
C ALA C 123 13.26 -31.12 -17.96
N THR C 124 13.63 -32.41 -17.84
CA THR C 124 14.80 -32.97 -18.53
C THR C 124 14.70 -32.78 -20.04
N THR C 125 15.72 -32.17 -20.66
CA THR C 125 15.73 -31.98 -22.11
C THR C 125 16.89 -32.76 -22.72
N GLU C 126 18.03 -32.81 -22.00
CA GLU C 126 19.25 -33.46 -22.48
C GLU C 126 19.77 -34.52 -21.49
N ILE C 127 19.95 -35.79 -21.99
CA ILE C 127 20.53 -36.90 -21.23
C ILE C 127 21.88 -37.22 -21.89
N GLY C 128 22.97 -37.09 -21.12
CA GLY C 128 24.35 -37.31 -21.57
C GLY C 128 24.72 -38.76 -21.86
N ASN C 129 25.95 -38.98 -22.33
CA ASN C 129 26.46 -40.30 -22.70
C ASN C 129 26.72 -41.26 -21.55
N TYR C 130 26.45 -42.56 -21.77
CA TYR C 130 26.75 -43.66 -20.85
C TYR C 130 26.39 -43.32 -19.39
N ILE C 131 25.23 -42.69 -19.20
CA ILE C 131 24.74 -42.14 -17.94
C ILE C 131 24.47 -43.23 -16.87
N PHE C 132 24.24 -44.51 -17.28
CA PHE C 132 23.93 -45.58 -16.35
C PHE C 132 24.98 -46.72 -16.36
N TYR C 133 26.19 -46.40 -16.82
CA TYR C 133 27.31 -47.33 -16.88
C TYR C 133 27.54 -48.04 -15.51
N ASN C 134 27.36 -49.35 -15.46
CA ASN C 134 27.50 -50.20 -14.29
C ASN C 134 26.49 -49.90 -13.17
N SER C 135 25.38 -49.25 -13.52
CA SER C 135 24.27 -48.98 -12.61
C SER C 135 23.41 -50.23 -12.54
N SER C 136 22.76 -50.45 -11.41
CA SER C 136 21.90 -51.62 -11.26
C SER C 136 20.44 -51.35 -11.75
N VAL C 137 20.19 -50.16 -12.31
CA VAL C 137 18.93 -49.66 -12.88
C VAL C 137 18.18 -50.78 -13.69
N LYS C 138 16.91 -51.02 -13.32
CA LYS C 138 16.04 -52.03 -13.93
C LYS C 138 15.04 -51.41 -14.92
N ARG C 139 14.63 -50.16 -14.67
CA ARG C 139 13.69 -49.45 -15.55
C ARG C 139 14.03 -47.99 -15.62
N ILE C 140 14.03 -47.45 -16.87
CA ILE C 140 14.23 -46.03 -17.19
C ILE C 140 12.92 -45.48 -17.78
N VAL C 141 12.43 -44.36 -17.24
CA VAL C 141 11.24 -43.71 -17.77
C VAL C 141 11.66 -42.33 -18.33
N ILE C 142 11.34 -42.08 -19.63
CA ILE C 142 11.66 -40.84 -20.33
C ILE C 142 10.40 -39.94 -20.41
N PRO C 143 10.41 -38.76 -19.75
CA PRO C 143 9.24 -37.87 -19.80
C PRO C 143 9.09 -37.15 -21.15
N LYS C 144 7.92 -36.48 -21.38
CA LYS C 144 7.64 -35.83 -22.66
C LYS C 144 8.66 -34.72 -23.04
N SER C 145 9.30 -34.10 -22.03
CA SER C 145 10.24 -32.98 -22.19
C SER C 145 11.59 -33.31 -22.87
N VAL C 146 12.06 -34.58 -22.80
CA VAL C 146 13.39 -34.97 -23.32
C VAL C 146 13.45 -34.82 -24.85
N THR C 147 14.41 -33.99 -25.33
CA THR C 147 14.63 -33.72 -26.75
C THR C 147 15.91 -34.34 -27.26
N THR C 148 16.89 -34.62 -26.36
CA THR C 148 18.18 -35.18 -26.72
C THR C 148 18.65 -36.29 -25.74
N ILE C 149 18.89 -37.50 -26.27
CA ILE C 149 19.47 -38.62 -25.54
C ILE C 149 20.76 -38.98 -26.30
N LYS C 150 21.91 -38.76 -25.68
CA LYS C 150 23.22 -39.04 -26.29
C LYS C 150 23.46 -40.56 -26.29
N ASP C 151 24.46 -41.03 -27.05
CA ASP C 151 24.78 -42.45 -27.21
C ASP C 151 24.97 -43.22 -25.89
N GLY C 152 24.43 -44.43 -25.86
CA GLY C 152 24.55 -45.40 -24.78
C GLY C 152 23.82 -45.20 -23.49
N ILE C 153 22.52 -44.85 -23.51
CA ILE C 153 21.74 -44.68 -22.26
C ILE C 153 21.72 -46.00 -21.44
N GLY C 154 21.65 -47.15 -22.14
CA GLY C 154 21.66 -48.46 -21.51
C GLY C 154 22.98 -49.20 -21.52
N TYR C 155 24.05 -48.55 -22.02
CA TYR C 155 25.39 -49.15 -22.09
C TYR C 155 25.92 -49.52 -20.68
N LYS C 156 26.10 -50.85 -20.51
CA LYS C 156 26.55 -51.58 -19.34
C LYS C 156 25.61 -51.35 -18.14
N ALA C 157 24.31 -51.09 -18.43
CA ALA C 157 23.22 -51.10 -17.48
C ALA C 157 22.67 -52.53 -17.59
N GLU C 158 23.46 -53.50 -17.05
CA GLU C 158 23.24 -54.94 -17.24
C GLU C 158 21.96 -55.51 -16.59
N ASN C 159 21.27 -54.75 -15.74
CA ASN C 159 20.03 -55.27 -15.16
C ASN C 159 18.80 -54.59 -15.77
N LEU C 160 19.04 -53.68 -16.75
CA LEU C 160 17.99 -52.91 -17.41
C LEU C 160 17.06 -53.80 -18.20
N GLU C 161 15.79 -53.77 -17.82
CA GLU C 161 14.75 -54.60 -18.44
C GLU C 161 13.82 -53.77 -19.30
N LYS C 162 13.54 -52.52 -18.89
CA LYS C 162 12.60 -51.67 -19.58
C LYS C 162 13.08 -50.24 -19.76
N ILE C 163 12.74 -49.69 -20.91
CA ILE C 163 12.86 -48.29 -21.27
C ILE C 163 11.43 -47.89 -21.68
N GLU C 164 10.83 -46.93 -20.97
CA GLU C 164 9.50 -46.45 -21.30
C GLU C 164 9.58 -44.96 -21.61
N VAL C 165 8.86 -44.53 -22.67
CA VAL C 165 8.84 -43.13 -23.11
C VAL C 165 7.41 -42.62 -23.14
N SER C 166 7.17 -41.42 -22.59
CA SER C 166 5.88 -40.74 -22.64
C SER C 166 5.39 -40.65 -24.11
N SER C 167 4.11 -40.96 -24.32
CA SER C 167 3.48 -40.90 -25.64
C SER C 167 3.56 -39.48 -26.24
N ASN C 168 3.65 -38.47 -25.37
CA ASN C 168 3.71 -37.06 -25.73
C ASN C 168 5.15 -36.57 -26.00
N ASN C 169 6.18 -37.44 -25.86
CA ASN C 169 7.55 -37.06 -26.20
C ASN C 169 7.62 -36.83 -27.71
N LYS C 170 8.24 -35.73 -28.14
CA LYS C 170 8.29 -35.36 -29.55
C LYS C 170 9.49 -35.97 -30.30
N ASN C 171 10.51 -36.45 -29.59
CA ASN C 171 11.73 -36.94 -30.22
C ASN C 171 12.05 -38.43 -30.01
N TYR C 172 11.41 -39.07 -29.04
CA TYR C 172 11.70 -40.48 -28.74
C TYR C 172 10.42 -41.26 -28.50
N VAL C 173 10.51 -42.57 -28.65
CA VAL C 173 9.40 -43.50 -28.45
C VAL C 173 9.98 -44.85 -28.02
N ALA C 174 9.20 -45.64 -27.29
CA ALA C 174 9.58 -46.98 -26.88
C ALA C 174 8.56 -47.97 -27.43
N GLU C 175 9.06 -49.03 -28.08
CA GLU C 175 8.24 -50.11 -28.64
C GLU C 175 8.77 -51.41 -28.08
N ASN C 176 7.96 -52.05 -27.21
CA ASN C 176 8.26 -53.28 -26.49
C ASN C 176 9.47 -53.07 -25.58
N TYR C 177 9.51 -51.89 -24.92
CA TYR C 177 10.52 -51.44 -23.97
C TYR C 177 11.90 -51.17 -24.63
N VAL C 178 11.95 -51.12 -25.97
CA VAL C 178 13.14 -50.79 -26.77
C VAL C 178 13.03 -49.31 -27.18
N LEU C 179 14.05 -48.53 -26.87
CA LEU C 179 14.11 -47.10 -27.15
C LEU C 179 14.48 -46.83 -28.62
N TYR C 180 13.69 -45.96 -29.23
CA TYR C 180 13.83 -45.45 -30.59
C TYR C 180 13.72 -43.95 -30.60
N ASN C 181 14.07 -43.31 -31.73
CA ASN C 181 13.71 -41.93 -31.95
C ASN C 181 12.22 -41.94 -32.34
N LYS C 182 11.49 -40.82 -32.22
CA LYS C 182 10.05 -40.72 -32.51
C LYS C 182 9.58 -41.43 -33.78
N ASN C 183 10.35 -41.30 -34.88
CA ASN C 183 9.98 -41.86 -36.19
C ASN C 183 10.58 -43.25 -36.41
N LYS C 184 11.14 -43.89 -35.36
CA LYS C 184 11.71 -45.26 -35.37
C LYS C 184 12.72 -45.46 -36.53
N THR C 185 13.51 -44.41 -36.86
CA THR C 185 14.53 -44.51 -37.90
C THR C 185 15.92 -44.74 -37.28
N ILE C 186 16.00 -44.62 -35.93
CA ILE C 186 17.18 -44.91 -35.11
C ILE C 186 16.73 -45.78 -33.93
N LEU C 187 17.37 -46.95 -33.79
CA LEU C 187 17.17 -47.84 -32.64
C LEU C 187 18.23 -47.40 -31.66
N GLU C 188 17.80 -46.74 -30.57
CA GLU C 188 18.72 -46.12 -29.58
C GLU C 188 19.26 -47.08 -28.54
N SER C 189 18.38 -47.92 -27.93
CA SER C 189 18.82 -48.81 -26.86
C SER C 189 17.88 -49.99 -26.66
N TYR C 190 18.46 -51.19 -26.60
CA TYR C 190 17.80 -52.45 -26.29
C TYR C 190 18.22 -52.83 -24.87
N PRO C 191 17.28 -52.80 -23.87
CA PRO C 191 17.66 -53.15 -22.48
C PRO C 191 18.36 -54.51 -22.39
N ALA C 192 19.54 -54.57 -21.75
CA ALA C 192 20.39 -55.76 -21.64
C ALA C 192 19.69 -56.99 -21.01
N ALA C 193 18.80 -56.75 -20.03
CA ALA C 193 18.09 -57.83 -19.33
C ALA C 193 16.65 -58.03 -19.86
N LYS C 194 16.32 -57.39 -21.02
CA LYS C 194 15.01 -57.53 -21.66
C LYS C 194 14.84 -58.96 -22.12
N THR C 195 13.70 -59.54 -21.78
CA THR C 195 13.32 -60.92 -22.11
C THR C 195 13.04 -61.05 -23.59
N GLY C 196 13.48 -62.15 -24.17
CA GLY C 196 13.29 -62.38 -25.59
C GLY C 196 14.48 -63.07 -26.21
N THR C 197 14.24 -64.13 -26.97
CA THR C 197 15.29 -64.92 -27.61
C THR C 197 15.60 -64.43 -29.04
N GLU C 198 14.64 -63.76 -29.68
CA GLU C 198 14.84 -63.29 -31.07
C GLU C 198 14.35 -61.84 -31.19
N PHE C 199 14.99 -61.08 -32.10
CA PHE C 199 14.60 -59.70 -32.36
C PHE C 199 14.79 -59.34 -33.84
N THR C 200 13.78 -58.70 -34.40
CA THR C 200 13.84 -58.22 -35.77
C THR C 200 13.88 -56.69 -35.71
N ILE C 201 14.96 -56.08 -36.24
CA ILE C 201 15.09 -54.62 -36.25
C ILE C 201 13.99 -54.08 -37.16
N PRO C 202 13.11 -53.14 -36.71
CA PRO C 202 12.06 -52.63 -37.61
C PRO C 202 12.62 -52.11 -38.93
N SER C 203 11.89 -52.38 -40.00
CA SER C 203 12.21 -52.03 -41.39
C SER C 203 12.40 -50.50 -41.59
N THR C 204 11.85 -49.71 -40.66
CA THR C 204 11.88 -48.26 -40.66
C THR C 204 13.26 -47.72 -40.12
N VAL C 205 14.05 -48.54 -39.41
CA VAL C 205 15.35 -48.17 -38.80
C VAL C 205 16.48 -48.10 -39.85
N LYS C 206 17.16 -46.97 -39.89
CA LYS C 206 18.31 -46.71 -40.76
C LYS C 206 19.62 -46.83 -39.98
N THR C 207 19.58 -46.56 -38.67
CA THR C 207 20.75 -46.56 -37.81
C THR C 207 20.52 -47.30 -36.47
N VAL C 208 21.49 -48.11 -36.07
CA VAL C 208 21.54 -48.73 -34.75
C VAL C 208 22.61 -47.94 -34.01
N THR C 209 22.20 -47.17 -33.00
CA THR C 209 23.10 -46.38 -32.16
C THR C 209 24.20 -47.28 -31.53
N ALA C 210 25.39 -46.69 -31.36
CA ALA C 210 26.52 -47.34 -30.70
C ALA C 210 26.06 -47.93 -29.40
N TYR C 211 26.48 -49.21 -29.14
CA TYR C 211 26.21 -50.00 -27.92
C TYR C 211 24.74 -50.36 -27.72
N GLY C 212 23.91 -50.21 -28.75
CA GLY C 212 22.48 -50.48 -28.71
C GLY C 212 22.04 -51.82 -28.16
N PHE C 213 22.77 -52.88 -28.48
CA PHE C 213 22.47 -54.24 -28.04
C PHE C 213 23.59 -54.77 -27.16
N SER C 214 24.53 -53.92 -26.76
CA SER C 214 25.66 -54.31 -25.92
C SER C 214 25.22 -55.00 -24.61
N TYR C 215 25.99 -56.04 -24.20
CA TYR C 215 25.81 -56.84 -22.97
C TYR C 215 24.46 -57.55 -22.91
N GLY C 216 23.80 -57.69 -24.07
CA GLY C 216 22.50 -58.36 -24.17
C GLY C 216 22.57 -59.78 -23.66
N LYS C 217 21.74 -60.10 -22.64
CA LYS C 217 21.76 -61.39 -21.98
C LYS C 217 21.01 -62.49 -22.72
N ASN C 218 19.85 -62.16 -23.34
CA ASN C 218 18.93 -63.18 -23.83
C ASN C 218 18.74 -63.41 -25.33
N LEU C 219 19.09 -62.45 -26.20
CA LEU C 219 18.86 -62.63 -27.64
C LEU C 219 19.81 -63.63 -28.24
N LYS C 220 19.24 -64.53 -29.05
CA LYS C 220 19.94 -65.59 -29.78
C LYS C 220 20.18 -65.15 -31.23
N LYS C 221 19.20 -64.41 -31.75
CA LYS C 221 19.13 -63.95 -33.13
C LYS C 221 18.77 -62.45 -33.19
N ILE C 222 19.41 -61.74 -34.14
CA ILE C 222 19.07 -60.36 -34.50
C ILE C 222 18.96 -60.34 -36.02
N THR C 223 17.80 -59.86 -36.51
CA THR C 223 17.59 -59.71 -37.95
C THR C 223 17.81 -58.25 -38.31
N ILE C 224 18.90 -57.98 -39.08
CA ILE C 224 19.18 -56.62 -39.54
C ILE C 224 18.44 -56.46 -40.85
N THR C 225 17.33 -55.71 -40.81
CA THR C 225 16.45 -55.51 -41.95
C THR C 225 17.10 -54.59 -43.01
N SER C 226 16.54 -54.58 -44.22
CA SER C 226 17.00 -53.88 -45.42
C SER C 226 17.20 -52.35 -45.27
N GLY C 227 16.56 -51.72 -44.29
CA GLY C 227 16.69 -50.28 -44.10
C GLY C 227 17.95 -49.83 -43.38
N VAL C 228 18.56 -50.72 -42.60
CA VAL C 228 19.73 -50.35 -41.80
C VAL C 228 20.97 -50.10 -42.68
N THR C 229 21.53 -48.88 -42.58
CA THR C 229 22.73 -48.45 -43.32
C THR C 229 23.90 -48.22 -42.35
N THR C 230 23.61 -47.90 -41.07
CA THR C 230 24.62 -47.59 -40.07
C THR C 230 24.52 -48.42 -38.79
N LEU C 231 25.66 -49.02 -38.40
CA LEU C 231 25.83 -49.78 -37.17
C LEU C 231 26.90 -49.08 -36.35
N GLY C 232 26.49 -48.49 -35.24
CA GLY C 232 27.41 -47.79 -34.35
C GLY C 232 28.45 -48.64 -33.65
N ASP C 233 29.45 -48.00 -33.03
CA ASP C 233 30.52 -48.68 -32.29
C ASP C 233 29.92 -49.63 -31.32
N GLY C 234 30.48 -50.85 -31.32
CA GLY C 234 30.05 -51.93 -30.43
C GLY C 234 28.55 -52.09 -30.26
N ALA C 235 27.77 -51.97 -31.37
CA ALA C 235 26.30 -52.11 -31.39
C ALA C 235 25.89 -53.48 -30.88
N PHE C 236 26.74 -54.49 -31.08
CA PHE C 236 26.45 -55.85 -30.63
C PHE C 236 27.52 -56.36 -29.66
N TYR C 237 28.31 -55.46 -29.03
CA TYR C 237 29.40 -55.77 -28.09
C TYR C 237 28.94 -56.68 -26.94
N GLY C 238 29.76 -57.70 -26.67
CA GLY C 238 29.63 -58.62 -25.53
C GLY C 238 28.27 -59.20 -25.24
N LYS C 240 25.75 -61.96 -24.72
CA LYS C 240 25.94 -63.23 -24.03
C LYS C 240 25.42 -64.44 -24.78
N ALA C 241 24.31 -64.30 -25.53
CA ALA C 241 23.65 -65.46 -26.15
C ALA C 241 23.61 -65.49 -27.68
N LEU C 242 23.92 -64.37 -28.35
CA LEU C 242 23.89 -64.29 -29.84
C LEU C 242 24.72 -65.44 -30.45
N ASP C 243 24.08 -66.42 -31.12
CA ASP C 243 24.82 -67.56 -31.68
C ASP C 243 25.17 -67.40 -33.18
N GLU C 244 24.56 -66.40 -33.83
CA GLU C 244 24.76 -66.13 -35.25
C GLU C 244 24.33 -64.71 -35.60
N ILE C 245 24.92 -64.13 -36.65
CA ILE C 245 24.48 -62.82 -37.15
C ILE C 245 24.86 -62.68 -38.63
N ALA C 246 23.99 -61.98 -39.36
CA ALA C 246 24.22 -61.63 -40.74
C ALA C 246 24.24 -60.12 -40.86
N ILE C 247 25.36 -59.55 -41.36
CA ILE C 247 25.50 -58.12 -41.63
C ILE C 247 25.14 -57.97 -43.09
N PRO C 248 23.95 -57.40 -43.42
CA PRO C 248 23.49 -57.39 -44.82
C PRO C 248 24.11 -56.31 -45.69
N LYS C 249 23.99 -56.46 -47.02
CA LYS C 249 24.54 -55.56 -48.06
C LYS C 249 24.16 -54.09 -47.88
N ASN C 250 22.96 -53.82 -47.32
CA ASN C 250 22.44 -52.47 -47.10
C ASN C 250 23.27 -51.67 -46.10
N VAL C 251 24.01 -52.34 -45.21
CA VAL C 251 24.87 -51.68 -44.23
C VAL C 251 26.11 -51.13 -44.94
N THR C 252 26.30 -49.80 -44.87
CA THR C 252 27.40 -49.08 -45.52
C THR C 252 28.30 -48.35 -44.53
N SER C 253 28.00 -48.41 -43.24
CA SER C 253 28.80 -47.77 -42.20
C SER C 253 28.77 -48.59 -40.90
N ILE C 254 29.95 -49.03 -40.45
CA ILE C 254 30.08 -49.87 -39.27
C ILE C 254 31.17 -49.32 -38.38
N GLY C 255 30.86 -49.22 -37.09
CA GLY C 255 31.77 -48.75 -36.06
C GLY C 255 32.76 -49.81 -35.63
N SER C 256 33.62 -49.47 -34.67
CA SER C 256 34.65 -50.36 -34.16
C SER C 256 34.06 -51.31 -33.16
N PHE C 257 34.80 -52.43 -32.87
CA PHE C 257 34.52 -53.49 -31.89
C PHE C 257 33.01 -53.88 -31.88
N LEU C 258 32.40 -53.99 -33.11
CA LEU C 258 30.98 -54.24 -33.34
C LEU C 258 30.44 -55.46 -32.59
N LEU C 259 31.12 -56.61 -32.72
CA LEU C 259 30.70 -57.88 -32.13
C LEU C 259 31.77 -58.41 -31.17
N GLN C 260 32.60 -57.49 -30.66
CA GLN C 260 33.68 -57.86 -29.76
C GLN C 260 33.13 -58.51 -28.50
N ASN C 261 33.82 -59.63 -28.13
CA ASN C 261 33.58 -60.48 -26.96
C ASN C 261 32.16 -61.08 -26.94
N CYS C 262 31.63 -61.47 -28.10
CA CYS C 262 30.38 -62.22 -28.28
C CYS C 262 30.81 -63.65 -28.23
N THR C 263 30.95 -64.16 -27.00
CA THR C 263 31.50 -65.48 -26.70
C THR C 263 30.63 -66.62 -27.15
N ALA C 264 29.34 -66.37 -27.48
CA ALA C 264 28.49 -67.48 -27.97
C ALA C 264 28.31 -67.46 -29.52
N LEU C 265 28.84 -66.43 -30.19
CA LEU C 265 28.73 -66.28 -31.63
C LEU C 265 29.51 -67.39 -32.32
N LYS C 266 28.81 -68.24 -33.07
CA LYS C 266 29.41 -69.37 -33.76
C LYS C 266 29.66 -69.02 -35.23
N THR C 267 28.80 -68.17 -35.82
CA THR C 267 28.87 -67.88 -37.25
C THR C 267 28.62 -66.41 -37.56
N LEU C 268 29.44 -65.87 -38.49
CA LEU C 268 29.30 -64.52 -39.01
C LEU C 268 29.18 -64.54 -40.52
N ASN C 269 28.09 -63.95 -41.04
CA ASN C 269 27.84 -63.74 -42.47
C ASN C 269 27.91 -62.25 -42.67
N PHE C 270 29.01 -61.77 -43.27
CA PHE C 270 29.27 -60.35 -43.46
C PHE C 270 29.14 -60.03 -44.93
N TYR C 271 28.12 -59.22 -45.29
CA TYR C 271 27.82 -58.86 -46.68
C TYR C 271 27.78 -57.35 -46.88
N ALA C 272 28.10 -56.58 -45.85
CA ALA C 272 28.07 -55.11 -45.86
C ALA C 272 28.87 -54.48 -47.01
N LYS C 273 28.31 -53.44 -47.63
CA LYS C 273 28.94 -52.67 -48.69
C LYS C 273 29.82 -51.61 -48.01
N VAL C 274 31.01 -52.04 -47.54
CA VAL C 274 32.00 -51.21 -46.84
C VAL C 274 33.39 -51.45 -47.44
N LYS C 275 34.24 -50.41 -47.52
CA LYS C 275 35.59 -50.55 -48.05
C LYS C 275 36.46 -51.35 -47.07
N THR C 276 36.27 -51.14 -45.75
CA THR C 276 37.06 -51.86 -44.76
C THR C 276 36.19 -52.59 -43.70
N VAL C 277 36.64 -53.79 -43.26
CA VAL C 277 36.05 -54.56 -42.16
C VAL C 277 36.62 -53.86 -40.92
N PRO C 278 35.79 -53.19 -40.09
CA PRO C 278 36.34 -52.34 -39.03
C PRO C 278 36.98 -53.02 -37.82
N TYR C 279 38.02 -52.33 -37.34
CA TYR C 279 38.87 -52.63 -36.19
C TYR C 279 38.11 -53.31 -35.03
N LEU C 280 38.66 -54.45 -34.56
CA LEU C 280 38.21 -55.25 -33.43
C LEU C 280 36.80 -55.91 -33.64
N LEU C 281 36.31 -55.98 -34.92
CA LEU C 281 35.00 -56.51 -35.30
C LEU C 281 34.56 -57.69 -34.44
N CYS C 282 35.31 -58.80 -34.48
CA CYS C 282 34.99 -60.04 -33.77
C CYS C 282 36.11 -60.48 -32.83
N SER C 283 36.85 -59.50 -32.28
CA SER C 283 37.89 -59.77 -31.32
C SER C 283 37.28 -60.49 -30.11
N GLY C 284 37.93 -61.57 -29.71
CA GLY C 284 37.54 -62.36 -28.55
C GLY C 284 36.32 -63.25 -28.68
N CYS C 285 35.79 -63.41 -29.90
CA CYS C 285 34.67 -64.30 -30.17
C CYS C 285 35.22 -65.72 -30.14
N SER C 286 35.41 -66.20 -28.89
CA SER C 286 36.02 -67.44 -28.44
C SER C 286 35.39 -68.73 -29.05
N ASN C 287 34.15 -68.66 -29.55
CA ASN C 287 33.47 -69.84 -30.12
C ASN C 287 33.10 -69.69 -31.61
N LEU C 288 33.57 -68.60 -32.26
CA LEU C 288 33.33 -68.35 -33.69
C LEU C 288 34.09 -69.39 -34.52
N THR C 289 33.37 -70.20 -35.32
CA THR C 289 33.99 -71.27 -36.09
C THR C 289 33.97 -71.01 -37.59
N LYS C 290 33.04 -70.13 -38.06
CA LYS C 290 32.85 -69.82 -39.47
C LYS C 290 32.58 -68.34 -39.75
N VAL C 291 33.24 -67.81 -40.79
CA VAL C 291 33.09 -66.44 -41.29
C VAL C 291 32.92 -66.50 -42.83
N VAL C 292 31.92 -65.80 -43.34
CA VAL C 292 31.66 -65.64 -44.75
C VAL C 292 31.69 -64.12 -45.00
N ASP C 294 31.45 -61.61 -47.91
CA ASP C 294 31.11 -61.58 -49.32
C ASP C 294 30.53 -60.26 -49.76
N ASN C 295 31.39 -59.45 -50.38
CA ASN C 295 31.09 -58.17 -50.95
C ASN C 295 32.31 -57.68 -51.71
N SER C 296 32.04 -57.24 -52.94
CA SER C 296 33.03 -56.73 -53.87
C SER C 296 33.64 -55.39 -53.43
N ALA C 297 32.99 -54.66 -52.49
CA ALA C 297 33.48 -53.34 -52.04
C ALA C 297 34.60 -53.44 -51.00
N ILE C 298 34.73 -54.59 -50.31
CA ILE C 298 35.70 -54.81 -49.23
C ILE C 298 37.16 -54.89 -49.76
N GLU C 299 37.95 -53.83 -49.47
CA GLU C 299 39.35 -53.65 -49.87
C GLU C 299 40.31 -53.99 -48.75
N THR C 300 39.94 -53.77 -47.47
CA THR C 300 40.87 -54.03 -46.36
C THR C 300 40.18 -54.57 -45.07
N LEU C 301 40.83 -55.56 -44.42
CA LEU C 301 40.46 -56.02 -43.08
C LEU C 301 41.38 -55.28 -42.12
N GLU C 302 40.81 -54.38 -41.29
CA GLU C 302 41.52 -53.57 -40.29
C GLU C 302 42.13 -54.47 -39.17
N PRO C 303 43.07 -53.96 -38.34
CA PRO C 303 43.66 -54.82 -37.32
C PRO C 303 42.67 -55.40 -36.32
N ARG C 304 42.99 -56.63 -35.84
CA ARG C 304 42.32 -57.37 -34.77
C ARG C 304 40.86 -57.72 -35.05
N VAL C 305 40.45 -57.75 -36.34
CA VAL C 305 39.06 -58.07 -36.71
C VAL C 305 38.64 -59.48 -36.20
N PHE C 306 39.55 -60.48 -36.22
CA PHE C 306 39.25 -61.83 -35.72
C PHE C 306 40.31 -62.28 -34.72
N ASP C 308 42.03 -63.49 -31.44
CA ASP C 308 41.71 -64.44 -30.38
C ASP C 308 40.41 -65.25 -30.67
N CYS C 309 40.14 -65.49 -31.99
CA CYS C 309 39.06 -66.37 -32.46
C CYS C 309 39.71 -67.73 -32.70
N VAL C 310 40.12 -68.33 -31.58
CA VAL C 310 40.86 -69.57 -31.35
C VAL C 310 40.18 -70.82 -31.92
N LYS C 311 38.86 -70.76 -32.19
CA LYS C 311 38.09 -71.90 -32.73
C LYS C 311 37.72 -71.71 -34.22
N LEU C 312 37.93 -70.49 -34.75
CA LEU C 312 37.66 -70.13 -36.14
C LEU C 312 38.50 -70.97 -37.11
N SER C 313 37.86 -71.91 -37.80
CA SER C 313 38.53 -72.81 -38.73
C SER C 313 38.25 -72.49 -40.22
N SER C 314 37.07 -71.89 -40.51
CA SER C 314 36.70 -71.54 -41.88
C SER C 314 36.50 -70.03 -42.01
N VAL C 315 37.31 -69.42 -42.89
CA VAL C 315 37.27 -68.00 -43.19
C VAL C 315 37.17 -67.83 -44.69
N THR C 316 36.06 -67.24 -45.15
CA THR C 316 35.84 -66.94 -46.55
C THR C 316 36.15 -65.47 -46.73
N LEU C 317 37.23 -65.17 -47.45
CA LEU C 317 37.66 -63.79 -47.70
C LEU C 317 36.83 -63.17 -48.84
N PRO C 318 36.63 -61.81 -48.83
CA PRO C 318 35.89 -61.18 -49.95
C PRO C 318 36.69 -61.30 -51.26
N THR C 319 36.01 -61.70 -52.34
CA THR C 319 36.55 -61.93 -53.69
C THR C 319 37.39 -60.79 -54.29
N ALA C 320 37.37 -59.58 -53.64
CA ALA C 320 38.10 -58.40 -54.13
C ALA C 320 39.05 -57.80 -53.10
N LEU C 321 39.30 -58.50 -51.95
CA LEU C 321 40.15 -58.03 -50.85
C LEU C 321 41.59 -57.71 -51.32
N LYS C 322 42.12 -56.54 -50.91
CA LYS C 322 43.44 -56.06 -51.30
C LYS C 322 44.47 -56.03 -50.16
N THR C 323 44.04 -55.80 -48.89
CA THR C 323 44.95 -55.69 -47.74
C THR C 323 44.47 -56.43 -46.47
N ILE C 324 45.33 -57.27 -45.88
CA ILE C 324 45.07 -57.94 -44.59
C ILE C 324 46.01 -57.27 -43.55
N GLN C 325 45.44 -56.43 -42.67
CA GLN C 325 46.22 -55.68 -41.70
C GLN C 325 46.72 -56.54 -40.49
N VAL C 326 47.70 -56.00 -39.73
CA VAL C 326 48.34 -56.59 -38.57
C VAL C 326 47.30 -57.13 -37.57
N TYR C 327 47.51 -58.38 -37.10
CA TYR C 327 46.70 -59.08 -36.08
C TYR C 327 45.26 -59.40 -36.50
N ALA C 328 44.91 -59.21 -37.79
CA ALA C 328 43.56 -59.49 -38.26
C ALA C 328 43.11 -60.91 -37.86
N PHE C 329 44.05 -61.88 -37.85
CA PHE C 329 43.82 -63.28 -37.46
C PHE C 329 44.77 -63.72 -36.33
N LYS C 330 45.09 -62.78 -35.41
CA LYS C 330 45.98 -63.03 -34.29
C LYS C 330 45.39 -64.13 -33.41
N ASN C 331 46.21 -65.17 -33.16
CA ASN C 331 45.93 -66.35 -32.32
C ASN C 331 44.74 -67.19 -32.83
N CYS C 332 44.53 -67.24 -34.17
CA CYS C 332 43.47 -68.05 -34.73
C CYS C 332 43.99 -69.50 -34.92
N LYS C 333 44.22 -70.15 -33.77
CA LYS C 333 44.78 -71.50 -33.60
C LYS C 333 44.13 -72.54 -34.52
N ALA C 334 42.79 -72.52 -34.64
CA ALA C 334 42.06 -73.47 -35.47
C ALA C 334 42.06 -73.11 -36.99
N LEU C 335 42.54 -71.89 -37.35
CA LEU C 335 42.58 -71.49 -38.77
C LEU C 335 43.86 -72.08 -39.38
N SER C 336 43.72 -73.24 -40.02
CA SER C 336 44.79 -74.00 -40.64
C SER C 336 44.91 -73.71 -42.13
N THR C 337 43.78 -73.46 -42.80
CA THR C 337 43.78 -73.21 -44.24
C THR C 337 42.82 -72.06 -44.64
N ILE C 338 43.20 -71.32 -45.71
CA ILE C 338 42.48 -70.16 -46.22
C ILE C 338 42.74 -69.99 -47.72
N SER C 339 41.69 -69.64 -48.48
CA SER C 339 41.83 -69.35 -49.91
C SER C 339 42.05 -67.85 -50.05
N TYR C 340 43.15 -67.47 -50.72
CA TYR C 340 43.55 -66.08 -50.93
C TYR C 340 42.98 -65.52 -52.25
N PRO C 341 42.34 -64.31 -52.20
CA PRO C 341 41.82 -63.73 -53.45
C PRO C 341 42.95 -63.19 -54.30
N LYS C 342 42.81 -63.37 -55.62
CA LYS C 342 43.75 -62.90 -56.64
C LYS C 342 43.84 -61.33 -56.66
N SER C 343 43.28 -60.65 -55.63
CA SER C 343 43.26 -59.19 -55.50
C SER C 343 44.21 -58.69 -54.36
N ILE C 344 44.58 -59.59 -53.40
CA ILE C 344 45.42 -59.31 -52.22
C ILE C 344 46.81 -58.78 -52.62
N THR C 345 46.94 -57.44 -52.61
CA THR C 345 48.18 -56.74 -52.94
C THR C 345 49.19 -56.83 -51.76
N LEU C 346 48.84 -56.31 -50.56
CA LEU C 346 49.77 -56.34 -49.43
C LEU C 346 49.14 -56.77 -48.12
N ILE C 347 49.67 -57.87 -47.53
CA ILE C 347 49.30 -58.46 -46.24
C ILE C 347 50.34 -58.02 -45.19
N GLU C 348 49.90 -57.35 -44.12
CA GLU C 348 50.77 -56.83 -43.06
C GLU C 348 51.43 -57.91 -42.19
N SER C 349 52.65 -57.60 -41.73
CA SER C 349 53.45 -58.42 -40.81
C SER C 349 52.68 -58.57 -39.51
N GLY C 350 52.42 -59.83 -39.16
CA GLY C 350 51.67 -60.17 -37.97
C GLY C 350 50.19 -60.40 -38.21
N ALA C 351 49.74 -60.37 -39.48
CA ALA C 351 48.35 -60.58 -39.84
C ALA C 351 47.86 -61.96 -39.40
N PHE C 352 48.76 -62.97 -39.45
CA PHE C 352 48.43 -64.35 -39.09
C PHE C 352 49.26 -64.87 -37.92
N GLU C 353 49.75 -63.96 -37.06
CA GLU C 353 50.57 -64.31 -35.90
C GLU C 353 49.73 -65.12 -34.88
N GLY C 354 50.25 -66.29 -34.49
CA GLY C 354 49.60 -67.17 -33.53
C GLY C 354 48.56 -68.09 -34.13
N SER C 355 48.32 -67.97 -35.46
CA SER C 355 47.39 -68.80 -36.19
C SER C 355 48.11 -70.01 -36.74
N SER C 356 47.37 -70.94 -37.36
CA SER C 356 47.98 -72.13 -37.95
C SER C 356 48.14 -71.95 -39.47
N ILE C 357 48.15 -70.69 -39.94
CA ILE C 357 48.38 -70.35 -41.35
C ILE C 357 49.89 -70.22 -41.52
N THR C 358 50.48 -71.16 -42.29
CA THR C 358 51.92 -71.23 -42.53
C THR C 358 52.29 -70.63 -43.89
N LYS C 359 51.50 -70.91 -44.94
CA LYS C 359 51.71 -70.41 -46.29
C LYS C 359 50.95 -69.11 -46.57
N TYR C 360 51.59 -68.18 -47.29
CA TYR C 360 51.04 -66.91 -47.74
C TYR C 360 51.01 -66.93 -49.30
N PRO C 361 50.33 -65.99 -50.01
CA PRO C 361 50.28 -66.08 -51.49
C PRO C 361 51.65 -66.14 -52.17
N THR C 362 51.71 -66.90 -53.28
CA THR C 362 52.92 -67.10 -54.08
C THR C 362 53.36 -65.79 -54.76
N TRP C 363 52.39 -64.94 -55.12
CA TRP C 363 52.63 -63.68 -55.81
C TRP C 363 53.03 -62.54 -54.88
N LEU C 364 53.12 -62.81 -53.59
CA LEU C 364 53.58 -61.81 -52.63
C LEU C 364 55.01 -62.17 -52.18
N SER C 365 55.80 -61.16 -51.79
CA SER C 365 57.18 -61.34 -51.33
C SER C 365 57.41 -60.61 -50.03
N LYS C 366 58.19 -61.21 -49.10
CA LYS C 366 58.48 -60.64 -47.79
C LYS C 366 59.37 -59.39 -47.90
N GLY C 367 58.79 -58.26 -47.51
CA GLY C 367 59.46 -56.97 -47.53
C GLY C 367 60.43 -56.79 -46.39
N ASN C 368 61.16 -55.67 -46.40
CA ASN C 368 62.15 -55.32 -45.38
C ASN C 368 61.50 -55.08 -44.01
N ASN C 369 60.24 -54.61 -43.99
CA ASN C 369 59.48 -54.35 -42.75
C ASN C 369 58.71 -55.60 -42.25
N GLY C 370 58.85 -56.73 -42.96
CA GLY C 370 58.19 -57.97 -42.61
C GLY C 370 56.87 -58.19 -43.30
N ASP C 371 56.32 -57.13 -43.96
CA ASP C 371 55.05 -57.19 -44.69
C ASP C 371 55.21 -57.97 -45.96
N TYR C 372 54.14 -58.64 -46.42
CA TYR C 372 54.15 -59.40 -47.66
C TYR C 372 53.38 -58.63 -48.73
N GLY C 373 54.09 -58.10 -49.73
CA GLY C 373 53.49 -57.30 -50.80
C GLY C 373 54.13 -57.52 -52.15
N GLY D 1 -5.83 45.56 -57.45
CA GLY D 1 -6.52 45.28 -56.19
C GLY D 1 -6.19 46.28 -55.11
N ALA D 2 -6.90 46.20 -53.97
CA ALA D 2 -6.68 47.08 -52.79
C ALA D 2 -5.35 46.82 -52.19
N SER D 3 -4.55 47.86 -52.07
CA SER D 3 -3.23 47.76 -51.49
C SER D 3 -3.02 48.96 -50.58
N ILE D 4 -2.71 48.71 -49.32
CA ILE D 4 -2.58 49.76 -48.29
C ILE D 4 -1.14 49.99 -47.93
N THR D 5 -0.72 51.26 -47.96
CA THR D 5 0.63 51.68 -47.64
C THR D 5 0.67 52.35 -46.27
N TYR D 6 1.70 52.01 -45.49
CA TYR D 6 1.92 52.54 -44.15
C TYR D 6 3.24 53.25 -44.09
N ASN D 7 3.21 54.48 -43.58
CA ASN D 7 4.45 55.23 -43.41
C ASN D 7 5.02 54.83 -42.09
N VAL D 8 6.12 54.04 -42.11
CA VAL D 8 6.67 53.50 -40.86
C VAL D 8 7.70 54.48 -40.35
N SER D 9 8.66 54.86 -41.22
CA SER D 9 9.72 55.83 -40.96
C SER D 9 10.13 56.41 -42.31
N SER D 10 11.12 57.30 -42.31
CA SER D 10 11.62 57.91 -43.53
C SER D 10 12.36 56.88 -44.40
N THR D 11 12.72 55.71 -43.82
CA THR D 11 13.46 54.66 -44.55
C THR D 11 12.71 53.33 -44.56
N ILE D 12 11.56 53.26 -43.90
CA ILE D 12 10.79 52.01 -43.84
C ILE D 12 9.33 52.23 -44.21
N LYS D 13 8.76 51.31 -44.98
CA LYS D 13 7.34 51.33 -45.32
C LYS D 13 6.74 49.94 -45.12
N GLY D 14 5.43 49.92 -45.01
CA GLY D 14 4.64 48.71 -44.94
C GLY D 14 3.62 48.72 -46.06
N VAL D 15 3.42 47.56 -46.69
CA VAL D 15 2.39 47.40 -47.72
C VAL D 15 1.58 46.15 -47.41
N LEU D 16 0.27 46.33 -47.18
CA LEU D 16 -0.69 45.27 -46.97
C LEU D 16 -1.43 45.04 -48.25
N THR D 17 -1.28 43.83 -48.81
CA THR D 17 -1.92 43.40 -50.07
C THR D 17 -3.20 42.59 -49.79
N ASP D 18 -4.11 42.49 -50.78
CA ASP D 18 -5.40 41.81 -50.61
C ASP D 18 -5.30 40.29 -50.27
N ASP D 19 -4.08 39.71 -50.32
CA ASP D 19 -3.81 38.32 -49.93
C ASP D 19 -3.56 38.21 -48.39
N GLY D 20 -3.65 39.35 -47.69
CA GLY D 20 -3.48 39.46 -46.24
C GLY D 20 -2.05 39.50 -45.78
N VAL D 21 -1.12 39.74 -46.73
CA VAL D 21 0.30 39.80 -46.44
C VAL D 21 0.71 41.25 -46.19
N LEU D 22 1.37 41.48 -45.03
CA LEU D 22 1.93 42.75 -44.62
C LEU D 22 3.45 42.66 -44.84
N THR D 23 3.94 43.41 -45.86
CA THR D 23 5.34 43.40 -46.20
C THR D 23 6.01 44.68 -45.72
N ILE D 24 7.03 44.50 -44.87
CA ILE D 24 7.85 45.60 -44.37
C ILE D 24 9.09 45.68 -45.24
N SER D 25 9.29 46.83 -45.89
CA SER D 25 10.44 47.03 -46.75
C SER D 25 11.14 48.35 -46.41
N GLY D 26 12.41 48.42 -46.78
CA GLY D 26 13.25 49.58 -46.53
C GLY D 26 14.54 49.23 -45.84
N THR D 27 15.09 50.18 -45.07
CA THR D 27 16.36 49.95 -44.38
C THR D 27 16.37 50.45 -42.94
N GLY D 28 17.09 49.71 -42.12
CA GLY D 28 17.33 50.08 -40.73
C GLY D 28 16.43 49.46 -39.70
N ALA D 29 16.44 50.09 -38.54
CA ALA D 29 15.71 49.67 -37.38
C ALA D 29 14.28 50.15 -37.45
N PRO D 31 10.72 51.30 -35.86
CA PRO D 31 10.49 52.05 -34.62
C PRO D 31 9.92 51.20 -33.49
N ASP D 32 10.02 51.75 -32.28
CA ASP D 32 9.47 51.12 -31.09
C ASP D 32 8.13 51.79 -30.82
N TYR D 33 7.08 51.00 -30.59
CA TYR D 33 5.79 51.62 -30.27
C TYR D 33 5.48 51.38 -28.81
N THR D 34 5.10 52.43 -28.09
CA THR D 34 4.77 52.25 -26.66
C THR D 34 3.27 52.07 -26.49
N LYS D 35 2.47 52.57 -27.44
CA LYS D 35 1.02 52.40 -27.46
C LYS D 35 0.64 51.60 -28.70
N ILE D 36 -0.08 50.47 -28.49
CA ILE D 36 -0.55 49.55 -29.53
C ILE D 36 -1.35 50.36 -30.59
N ALA D 37 -2.14 51.35 -30.16
CA ALA D 37 -2.94 52.17 -31.09
C ALA D 37 -2.12 53.12 -31.95
N ASN D 38 -0.80 53.21 -31.74
CA ASN D 38 0.06 54.10 -32.58
C ASN D 38 0.70 53.32 -33.72
N ILE D 39 0.59 51.95 -33.73
CA ILE D 39 1.18 51.13 -34.78
CA ILE D 39 1.15 51.08 -34.77
C ILE D 39 0.44 51.47 -36.09
N PRO D 40 1.18 51.65 -37.22
CA PRO D 40 0.53 52.15 -38.43
C PRO D 40 -0.67 51.32 -38.95
N TRP D 41 -0.64 50.00 -38.74
CA TRP D 41 -1.67 49.08 -39.23
C TRP D 41 -2.72 48.71 -38.16
N TYR D 42 -2.82 49.53 -37.08
CA TYR D 42 -3.74 49.31 -35.97
C TYR D 42 -5.18 49.08 -36.44
N LYS D 43 -5.66 49.94 -37.36
CA LYS D 43 -7.02 49.87 -37.87
C LYS D 43 -7.23 48.70 -38.89
N ASP D 44 -6.16 47.99 -39.30
CA ASP D 44 -6.25 46.91 -40.29
C ASP D 44 -5.80 45.54 -39.78
N ARG D 45 -5.75 45.36 -38.44
CA ARG D 45 -5.29 44.12 -37.82
C ARG D 45 -6.15 42.89 -38.19
N ASP D 46 -7.41 43.10 -38.55
CA ASP D 46 -8.26 42.00 -38.98
C ASP D 46 -7.78 41.35 -40.30
N ARG D 47 -7.16 42.17 -41.19
CA ARG D 47 -6.70 41.83 -42.52
C ARG D 47 -5.32 41.19 -42.57
N ILE D 48 -4.51 41.33 -41.53
CA ILE D 48 -3.15 40.80 -41.54
C ILE D 48 -3.10 39.34 -41.10
N SER D 49 -2.78 38.44 -42.05
CA SER D 49 -2.69 37.01 -41.75
C SER D 49 -1.25 36.55 -41.73
N GLU D 50 -0.37 37.30 -42.40
CA GLU D 50 1.05 37.00 -42.51
C GLU D 50 1.88 38.30 -42.60
N VAL D 51 3.07 38.30 -41.99
CA VAL D 51 4.00 39.42 -42.03
C VAL D 51 5.31 38.95 -42.68
N ARG D 52 5.86 39.79 -43.60
CA ARG D 52 7.15 39.54 -44.23
C ARG D 52 8.06 40.75 -44.01
N VAL D 53 9.17 40.55 -43.33
CA VAL D 53 10.16 41.61 -43.03
C VAL D 53 11.34 41.33 -43.98
N ASN D 54 11.50 42.21 -44.99
CA ASN D 54 12.44 42.07 -46.09
C ASN D 54 13.88 42.54 -45.80
N SER D 55 14.82 42.11 -46.67
CA SER D 55 16.25 42.46 -46.59
C SER D 55 16.42 43.99 -46.56
N GLY D 56 17.26 44.46 -45.63
CA GLY D 56 17.48 45.88 -45.43
C GLY D 56 17.10 46.29 -44.04
N ILE D 57 16.04 45.67 -43.50
CA ILE D 57 15.56 45.93 -42.13
C ILE D 57 16.53 45.22 -41.17
N THR D 58 16.98 45.92 -40.13
CA THR D 58 18.00 45.37 -39.23
C THR D 58 17.43 44.92 -37.90
N SER D 59 16.24 45.42 -37.55
CA SER D 59 15.56 45.03 -36.33
C SER D 59 14.02 45.29 -36.39
N ILE D 60 13.26 44.38 -35.71
CA ILE D 60 11.82 44.52 -35.51
C ILE D 60 11.71 45.21 -34.15
N GLY D 61 10.97 46.32 -34.10
CA GLY D 61 10.85 47.13 -32.90
C GLY D 61 9.83 46.65 -31.90
N GLU D 62 9.78 47.34 -30.78
CA GLU D 62 8.85 47.08 -29.70
C GLU D 62 7.39 47.12 -30.19
N ALA D 63 6.61 46.06 -29.84
CA ALA D 63 5.18 45.91 -30.11
C ALA D 63 4.78 46.09 -31.59
N ASN D 64 5.69 45.91 -32.54
CA ASN D 64 5.39 46.14 -33.96
C ASN D 64 4.16 45.38 -34.51
N PHE D 65 4.00 44.10 -34.15
CA PHE D 65 2.87 43.30 -34.63
C PHE D 65 2.02 42.86 -33.46
N ASN D 66 2.12 43.63 -32.35
CA ASN D 66 1.32 43.41 -31.15
C ASN D 66 -0.17 43.53 -31.47
N SER D 67 -0.96 42.53 -31.03
CA SER D 67 -2.41 42.43 -31.19
C SER D 67 -2.83 42.28 -32.68
N CYS D 68 -1.93 41.76 -33.55
CA CYS D 68 -2.32 41.42 -34.92
C CYS D 68 -2.84 40.02 -34.78
N TYR D 69 -4.08 39.93 -34.23
CA TYR D 69 -4.75 38.75 -33.74
C TYR D 69 -5.04 37.67 -34.79
N ASN D 70 -4.92 38.01 -36.07
CA ASN D 70 -5.14 37.04 -37.15
C ASN D 70 -3.84 36.64 -37.86
N THR D 72 -0.68 34.52 -38.40
CA THR D 72 -0.26 33.15 -38.02
C THR D 72 1.18 32.85 -38.39
N LYS D 73 1.77 33.67 -39.29
CA LYS D 73 3.13 33.45 -39.77
C LYS D 73 3.89 34.75 -39.93
N VAL D 74 5.22 34.68 -39.71
CA VAL D 74 6.13 35.78 -39.94
C VAL D 74 7.36 35.25 -40.70
N THR D 75 7.83 36.02 -41.70
CA THR D 75 9.01 35.71 -42.50
C THR D 75 10.00 36.82 -42.20
N VAL D 76 11.15 36.45 -41.65
CA VAL D 76 12.15 37.44 -41.23
C VAL D 76 13.44 37.23 -42.03
N ALA D 77 13.87 38.29 -42.77
CA ALA D 77 15.10 38.28 -43.57
C ALA D 77 16.36 38.19 -42.69
N SER D 78 17.47 37.78 -43.32
CA SER D 78 18.79 37.58 -42.72
C SER D 78 19.43 38.88 -42.20
N THR D 79 18.94 40.07 -42.62
CA THR D 79 19.48 41.36 -42.17
C THR D 79 18.98 41.74 -40.75
N VAL D 80 17.90 41.09 -40.26
CA VAL D 80 17.31 41.36 -38.95
C VAL D 80 18.13 40.64 -37.89
N THR D 81 18.70 41.41 -36.94
CA THR D 81 19.57 40.87 -35.90
C THR D 81 18.93 40.92 -34.51
N SER D 82 17.80 41.67 -34.38
CA SER D 82 17.10 41.73 -33.10
C SER D 82 15.57 41.92 -33.28
N ILE D 83 14.80 41.33 -32.35
CA ILE D 83 13.34 41.44 -32.33
C ILE D 83 12.98 42.03 -30.97
N GLY D 84 12.35 43.21 -30.98
CA GLY D 84 11.98 43.99 -29.79
C GLY D 84 10.86 43.41 -28.95
N ASP D 85 10.74 43.97 -27.74
CA ASP D 85 9.76 43.58 -26.74
C ASP D 85 8.35 43.52 -27.30
N GLY D 86 7.68 42.40 -27.04
CA GLY D 86 6.30 42.13 -27.45
C GLY D 86 5.99 42.28 -28.92
N ALA D 87 7.01 42.09 -29.80
CA ALA D 87 6.88 42.26 -31.25
C ALA D 87 5.76 41.42 -31.82
N PHE D 88 5.54 40.20 -31.28
CA PHE D 88 4.46 39.33 -31.74
C PHE D 88 3.46 39.00 -30.60
N ALA D 89 3.43 39.86 -29.55
CA ALA D 89 2.55 39.67 -28.42
C ALA D 89 1.10 39.75 -28.88
N ASP D 90 0.36 38.72 -28.54
CA ASP D 90 -1.04 38.55 -28.80
C ASP D 90 -1.39 38.50 -30.32
N THR D 91 -0.49 37.88 -31.11
CA THR D 91 -0.73 37.48 -32.48
C THR D 91 -1.26 36.04 -32.40
N LYS D 92 -1.58 35.43 -33.54
CA LYS D 92 -1.96 34.03 -33.59
C LYS D 92 -0.76 33.27 -34.17
N LEU D 93 0.48 33.72 -33.85
CA LEU D 93 1.71 33.17 -34.43
C LEU D 93 1.80 31.69 -34.21
N GLN D 94 1.91 30.95 -35.31
CA GLN D 94 1.97 29.48 -35.31
C GLN D 94 3.31 28.94 -35.80
N SER D 95 4.00 29.71 -36.67
CA SER D 95 5.28 29.34 -37.26
C SER D 95 6.00 30.56 -37.82
N TYR D 96 7.28 30.37 -38.13
CA TYR D 96 8.08 31.40 -38.77
C TYR D 96 9.01 30.74 -39.75
N THR D 97 9.46 31.50 -40.74
CA THR D 97 10.54 31.13 -41.64
C THR D 97 11.59 32.26 -41.56
N GLY D 98 12.86 31.91 -41.68
CA GLY D 98 13.93 32.89 -41.60
C GLY D 98 14.47 33.06 -40.20
N GLU D 100 17.38 33.90 -39.55
CA GLU D 100 18.70 33.28 -39.66
C GLU D 100 19.79 34.02 -38.91
N ARG D 101 19.67 35.36 -38.76
CA ARG D 101 20.69 36.13 -38.08
C ARG D 101 20.17 36.89 -36.84
N VAL D 102 18.98 36.52 -36.33
CA VAL D 102 18.45 37.15 -35.11
C VAL D 102 19.32 36.64 -33.93
N LYS D 103 19.96 37.58 -33.24
CA LYS D 103 20.81 37.26 -32.09
C LYS D 103 20.09 37.53 -30.79
N LYS D 104 19.29 38.63 -30.74
CA LYS D 104 18.60 39.05 -29.52
C LYS D 104 17.07 39.15 -29.68
N PHE D 105 16.38 38.52 -28.72
CA PHE D 105 14.93 38.54 -28.55
C PHE D 105 14.63 39.28 -27.26
N GLY D 106 13.73 40.26 -27.35
CA GLY D 106 13.28 41.06 -26.21
C GLY D 106 12.35 40.27 -25.31
N ASP D 107 11.63 40.99 -24.46
CA ASP D 107 10.70 40.38 -23.51
C ASP D 107 9.33 40.26 -24.10
N TYR D 108 8.59 39.22 -23.70
CA TYR D 108 7.20 38.97 -24.13
C TYR D 108 7.02 38.92 -25.66
N VAL D 109 8.10 38.63 -26.42
CA VAL D 109 8.05 38.62 -27.89
C VAL D 109 6.97 37.66 -28.39
N PHE D 110 6.82 36.48 -27.77
CA PHE D 110 5.82 35.49 -28.20
C PHE D 110 4.71 35.30 -27.17
N GLN D 111 4.41 36.37 -26.43
CA GLN D 111 3.30 36.38 -25.48
C GLN D 111 1.97 36.15 -26.23
N GLY D 112 1.13 35.26 -25.69
CA GLY D 112 -0.20 34.93 -26.21
C GLY D 112 -0.28 34.34 -27.60
N THR D 113 0.83 33.75 -28.08
CA THR D 113 0.94 33.21 -29.43
C THR D 113 0.37 31.81 -29.50
N ASP D 114 0.10 31.32 -30.72
CA ASP D 114 -0.52 30.03 -30.95
C ASP D 114 0.53 29.01 -31.43
N LEU D 115 1.66 28.99 -30.75
CA LEU D 115 2.77 28.10 -31.09
C LEU D 115 2.53 26.68 -30.56
N ASP D 116 3.17 25.71 -31.21
CA ASP D 116 3.13 24.31 -30.80
C ASP D 116 4.57 23.90 -30.53
N ASP D 117 5.28 23.52 -31.59
CA ASP D 117 6.69 23.17 -31.53
C ASP D 117 7.50 24.38 -31.97
N PHE D 118 8.33 24.93 -31.07
CA PHE D 118 9.12 26.14 -31.38
C PHE D 118 10.58 25.91 -31.17
N GLU D 119 11.37 26.16 -32.21
CA GLU D 119 12.83 26.07 -32.13
C GLU D 119 13.42 27.45 -32.36
N PHE D 120 14.26 27.91 -31.41
CA PHE D 120 14.92 29.21 -31.56
C PHE D 120 15.90 29.15 -32.74
N PRO D 121 15.98 30.23 -33.56
CA PRO D 121 16.85 30.17 -34.75
C PRO D 121 18.35 30.11 -34.40
N GLY D 122 19.12 29.58 -35.35
CA GLY D 122 20.54 29.28 -35.27
C GLY D 122 21.54 30.28 -34.73
N ALA D 123 21.25 31.60 -34.81
CA ALA D 123 22.18 32.64 -34.34
C ALA D 123 21.74 33.27 -32.99
N THR D 124 20.67 32.74 -32.37
CA THR D 124 20.14 33.26 -31.11
C THR D 124 21.18 33.17 -30.01
N THR D 125 21.46 34.31 -29.34
CA THR D 125 22.38 34.30 -28.21
C THR D 125 21.66 34.71 -26.95
N GLU D 126 20.69 35.64 -27.06
CA GLU D 126 19.93 36.18 -25.94
C GLU D 126 18.40 36.01 -26.12
N ILE D 127 17.74 35.42 -25.09
CA ILE D 127 16.31 35.22 -25.00
C ILE D 127 15.84 36.07 -23.81
N GLY D 128 14.96 37.04 -24.09
CA GLY D 128 14.41 37.95 -23.07
C GLY D 128 13.45 37.31 -22.10
N ASN D 129 12.96 38.12 -21.15
CA ASN D 129 12.04 37.67 -20.07
C ASN D 129 10.64 37.34 -20.52
N TYR D 130 10.05 36.31 -19.90
CA TYR D 130 8.66 35.89 -20.07
C TYR D 130 8.24 35.92 -21.54
N ILE D 131 9.13 35.39 -22.41
CA ILE D 131 8.97 35.41 -23.87
C ILE D 131 7.75 34.55 -24.32
N PHE D 132 7.32 33.57 -23.52
CA PHE D 132 6.19 32.73 -23.93
C PHE D 132 4.95 32.88 -23.02
N TYR D 133 4.84 34.04 -22.35
CA TYR D 133 3.74 34.34 -21.45
C TYR D 133 2.38 34.18 -22.12
N ASN D 134 1.58 33.22 -21.63
CA ASN D 134 0.25 32.90 -22.15
C ASN D 134 0.29 32.36 -23.59
N SER D 135 1.47 31.90 -24.04
CA SER D 135 1.59 31.24 -25.35
C SER D 135 1.08 29.81 -25.21
N SER D 136 0.70 29.20 -26.33
CA SER D 136 0.22 27.82 -26.30
C SER D 136 1.37 26.83 -26.57
N VAL D 137 2.64 27.32 -26.65
CA VAL D 137 3.85 26.54 -26.94
C VAL D 137 3.88 25.25 -26.10
N LYS D 138 4.09 24.11 -26.79
CA LYS D 138 4.14 22.79 -26.19
C LYS D 138 5.59 22.29 -26.05
N ARG D 139 6.49 22.71 -26.96
CA ARG D 139 7.90 22.35 -26.92
C ARG D 139 8.79 23.52 -27.36
N ILE D 140 9.86 23.76 -26.57
CA ILE D 140 10.89 24.77 -26.82
C ILE D 140 12.20 24.05 -27.11
N VAL D 141 12.88 24.41 -28.22
CA VAL D 141 14.17 23.84 -28.56
C VAL D 141 15.23 24.97 -28.52
N ILE D 142 16.28 24.77 -27.69
CA ILE D 142 17.37 25.74 -27.49
C ILE D 142 18.60 25.31 -28.32
N PRO D 143 19.00 26.10 -29.36
CA PRO D 143 20.19 25.71 -30.16
C PRO D 143 21.50 25.94 -29.40
N LYS D 144 22.64 25.42 -29.93
CA LYS D 144 23.95 25.51 -29.27
C LYS D 144 24.43 26.97 -29.03
N SER D 145 23.94 27.92 -29.86
CA SER D 145 24.31 29.35 -29.85
C SER D 145 23.83 30.17 -28.62
N VAL D 146 22.73 29.75 -27.97
CA VAL D 146 22.14 30.53 -26.86
C VAL D 146 23.08 30.54 -25.63
N THR D 147 23.43 31.76 -25.21
CA THR D 147 24.32 31.98 -24.08
C THR D 147 23.56 32.57 -22.90
N THR D 148 22.46 33.27 -23.18
CA THR D 148 21.66 33.93 -22.14
C THR D 148 20.17 33.70 -22.31
N ILE D 149 19.55 33.12 -21.26
CA ILE D 149 18.11 32.94 -21.16
C ILE D 149 17.72 33.71 -19.90
N LYS D 150 16.94 34.81 -20.06
CA LYS D 150 16.46 35.63 -18.95
C LYS D 150 15.32 34.94 -18.24
N ASP D 151 14.71 35.61 -17.26
CA ASP D 151 13.61 35.11 -16.44
C ASP D 151 12.45 34.48 -17.19
N GLY D 152 11.91 33.44 -16.57
CA GLY D 152 10.75 32.66 -16.93
C GLY D 152 10.47 32.33 -18.37
N ILE D 153 11.38 31.60 -19.00
CA ILE D 153 11.18 31.17 -20.38
C ILE D 153 9.86 30.37 -20.47
N GLY D 154 9.55 29.57 -19.44
CA GLY D 154 8.33 28.79 -19.36
C GLY D 154 7.27 29.40 -18.47
N TYR D 155 7.53 30.60 -17.97
CA TYR D 155 6.57 31.31 -17.13
C TYR D 155 5.29 31.59 -17.90
N LYS D 156 4.21 31.04 -17.37
CA LYS D 156 2.83 31.07 -17.83
C LYS D 156 2.69 30.52 -19.26
N ALA D 157 3.62 29.62 -19.65
CA ALA D 157 3.51 28.81 -20.84
C ALA D 157 2.86 27.50 -20.32
N GLU D 158 1.56 27.60 -20.03
CA GLU D 158 0.77 26.57 -19.36
C GLU D 158 0.59 25.27 -20.18
N ASN D 159 0.92 25.24 -21.49
CA ASN D 159 0.81 23.99 -22.25
C ASN D 159 2.19 23.38 -22.52
N LEU D 160 3.27 24.03 -22.01
CA LEU D 160 4.65 23.58 -22.21
C LEU D 160 4.89 22.23 -21.55
N GLU D 161 5.30 21.27 -22.38
CA GLU D 161 5.56 19.89 -21.95
C GLU D 161 7.05 19.56 -21.97
N LYS D 162 7.79 20.13 -22.95
CA LYS D 162 9.20 19.83 -23.14
C LYS D 162 10.04 21.08 -23.41
N ILE D 163 11.24 21.08 -22.84
CA ILE D 163 12.33 22.00 -23.10
C ILE D 163 13.48 21.10 -23.50
N GLU D 164 14.00 21.29 -24.73
CA GLU D 164 15.14 20.52 -25.20
C GLU D 164 16.28 21.47 -25.54
N VAL D 165 17.51 21.11 -25.14
CA VAL D 165 18.72 21.91 -25.36
C VAL D 165 19.75 21.09 -26.12
N SER D 166 20.38 21.72 -27.15
CA SER D 166 21.49 21.12 -27.90
C SER D 166 22.61 20.70 -26.94
N SER D 167 23.14 19.49 -27.13
CA SER D 167 24.24 18.94 -26.32
C SER D 167 25.49 19.82 -26.41
N ASN D 168 25.63 20.57 -27.51
CA ASN D 168 26.75 21.47 -27.79
C ASN D 168 26.55 22.89 -27.19
N ASN D 169 25.39 23.18 -26.56
CA ASN D 169 25.18 24.47 -25.88
C ASN D 169 26.15 24.54 -24.71
N LYS D 170 26.85 25.69 -24.56
CA LYS D 170 27.87 25.82 -23.52
C LYS D 170 27.31 26.33 -22.15
N ASN D 171 26.09 26.86 -22.13
CA ASN D 171 25.54 27.47 -20.92
C ASN D 171 24.30 26.76 -20.31
N TYR D 172 23.61 25.96 -21.11
CA TYR D 172 22.38 25.32 -20.67
C TYR D 172 22.33 23.85 -21.09
N VAL D 173 21.50 23.06 -20.40
CA VAL D 173 21.27 21.64 -20.66
C VAL D 173 19.83 21.28 -20.21
N ALA D 174 19.25 20.24 -20.80
CA ALA D 174 17.93 19.75 -20.41
C ALA D 174 18.03 18.29 -20.01
N GLU D 175 17.47 17.94 -18.84
CA GLU D 175 17.44 16.59 -18.31
C GLU D 175 15.98 16.25 -17.98
N ASN D 176 15.42 15.29 -18.75
CA ASN D 176 14.03 14.82 -18.64
C ASN D 176 13.09 16.01 -18.98
N TYR D 177 13.52 16.82 -19.99
CA TYR D 177 12.81 17.98 -20.54
C TYR D 177 12.72 19.17 -19.55
N VAL D 178 13.50 19.10 -18.45
CA VAL D 178 13.62 20.17 -17.45
C VAL D 178 14.90 20.96 -17.78
N LEU D 179 14.79 22.28 -17.92
CA LEU D 179 15.90 23.18 -18.23
C LEU D 179 16.76 23.48 -17.00
N TYR D 180 18.08 23.34 -17.18
CA TYR D 180 19.15 23.60 -16.23
C TYR D 180 20.23 24.46 -16.89
N ASN D 181 21.14 24.99 -16.07
CA ASN D 181 22.37 25.57 -16.59
C ASN D 181 23.29 24.38 -16.91
N LYS D 182 24.29 24.56 -17.77
CA LYS D 182 25.19 23.49 -18.23
C LYS D 182 25.66 22.49 -17.12
N ASN D 183 26.04 23.00 -15.94
CA ASN D 183 26.56 22.16 -14.83
C ASN D 183 25.46 21.73 -13.82
N LYS D 184 24.18 21.89 -14.19
CA LYS D 184 23.00 21.48 -13.40
C LYS D 184 23.06 21.95 -11.90
N THR D 185 23.56 23.17 -11.66
CA THR D 185 23.65 23.78 -10.33
C THR D 185 22.47 24.67 -10.13
N ILE D 186 21.81 25.05 -11.24
CA ILE D 186 20.59 25.86 -11.29
C ILE D 186 19.51 25.14 -12.10
N LEU D 187 18.32 24.98 -11.50
CA LEU D 187 17.14 24.42 -12.15
C LEU D 187 16.41 25.65 -12.68
N GLU D 188 16.43 25.83 -14.00
CA GLU D 188 15.92 27.01 -14.69
C GLU D 188 14.40 27.01 -14.96
N SER D 189 13.85 25.92 -15.50
CA SER D 189 12.43 25.88 -15.86
C SER D 189 11.93 24.43 -15.94
N TYR D 190 10.83 24.17 -15.23
CA TYR D 190 10.12 22.90 -15.24
C TYR D 190 8.84 23.13 -16.07
N PRO D 191 8.71 22.48 -17.27
CA PRO D 191 7.51 22.72 -18.11
C PRO D 191 6.20 22.47 -17.33
N ALA D 192 5.28 23.46 -17.35
CA ALA D 192 4.01 23.44 -16.58
C ALA D 192 3.12 22.25 -16.89
N ALA D 193 3.13 21.74 -18.14
CA ALA D 193 2.30 20.60 -18.54
C ALA D 193 3.10 19.30 -18.61
N LYS D 194 4.31 19.28 -18.04
CA LYS D 194 5.13 18.07 -17.99
C LYS D 194 4.45 17.07 -17.09
N THR D 195 4.36 15.81 -17.57
CA THR D 195 3.73 14.71 -16.86
C THR D 195 4.59 14.27 -15.68
N GLY D 196 3.89 13.81 -14.63
CA GLY D 196 4.48 13.32 -13.40
C GLY D 196 3.87 13.94 -12.16
N THR D 197 3.60 13.10 -11.14
CA THR D 197 3.01 13.56 -9.87
C THR D 197 4.10 13.89 -8.82
N GLU D 198 5.35 13.37 -8.99
CA GLU D 198 6.45 13.62 -8.05
C GLU D 198 7.73 14.02 -8.78
N PHE D 199 8.54 14.88 -8.13
CA PHE D 199 9.82 15.32 -8.67
C PHE D 199 10.82 15.52 -7.54
N THR D 200 12.03 15.03 -7.75
CA THR D 200 13.12 15.19 -6.79
C THR D 200 14.12 16.11 -7.45
N ILE D 201 14.40 17.27 -6.83
CA ILE D 201 15.35 18.22 -7.36
C ILE D 201 16.73 17.55 -7.31
N PRO D 202 17.46 17.41 -8.45
CA PRO D 202 18.79 16.75 -8.42
C PRO D 202 19.78 17.34 -7.39
N SER D 203 20.43 16.48 -6.58
CA SER D 203 21.37 16.82 -5.50
C SER D 203 22.48 17.83 -5.87
N THR D 204 22.75 17.93 -7.17
CA THR D 204 23.67 18.87 -7.81
C THR D 204 23.13 20.35 -7.80
N VAL D 205 21.81 20.53 -7.68
CA VAL D 205 21.19 21.85 -7.74
C VAL D 205 21.35 22.61 -6.42
N LYS D 206 21.77 23.88 -6.53
CA LYS D 206 21.98 24.85 -5.45
C LYS D 206 20.90 25.92 -5.47
N THR D 207 20.36 26.21 -6.69
CA THR D 207 19.37 27.26 -6.90
C THR D 207 18.19 26.82 -7.79
N VAL D 208 16.98 27.19 -7.38
CA VAL D 208 15.80 27.03 -8.21
C VAL D 208 15.49 28.44 -8.69
N THR D 209 15.67 28.70 -10.00
CA THR D 209 15.42 30.02 -10.61
C THR D 209 13.99 30.48 -10.33
N ALA D 210 13.81 31.81 -10.21
CA ALA D 210 12.49 32.41 -10.01
C ALA D 210 11.53 31.84 -11.03
N TYR D 211 10.34 31.43 -10.53
CA TYR D 211 9.23 30.87 -11.30
C TYR D 211 9.51 29.46 -11.91
N GLY D 212 10.58 28.80 -11.46
CA GLY D 212 10.99 27.48 -11.94
C GLY D 212 9.87 26.48 -12.18
N PHE D 213 9.01 26.27 -11.17
CA PHE D 213 7.87 25.35 -11.16
C PHE D 213 6.48 26.04 -11.18
N SER D 214 6.44 27.32 -11.57
CA SER D 214 5.20 28.12 -11.61
C SER D 214 4.14 27.53 -12.53
N TYR D 215 2.88 27.58 -12.11
CA TYR D 215 1.70 27.11 -12.87
C TYR D 215 1.73 25.61 -13.17
N GLY D 216 2.56 24.86 -12.42
CA GLY D 216 2.69 23.42 -12.58
C GLY D 216 1.37 22.72 -12.41
N LYS D 217 0.95 21.98 -13.44
CA LYS D 217 -0.34 21.31 -13.44
C LYS D 217 -0.37 20.00 -12.69
N ASN D 218 0.69 19.19 -12.78
CA ASN D 218 0.68 17.80 -12.34
C ASN D 218 1.45 17.39 -11.08
N LEU D 219 2.50 18.11 -10.66
CA LEU D 219 3.26 17.67 -9.50
C LEU D 219 2.48 17.84 -8.20
N LYS D 220 2.38 16.74 -7.43
CA LYS D 220 1.74 16.72 -6.13
C LYS D 220 2.77 16.90 -5.05
N LYS D 221 4.04 16.43 -5.32
CA LYS D 221 5.16 16.44 -4.39
CA LYS D 221 5.16 16.46 -4.40
C LYS D 221 6.47 16.87 -5.07
N ILE D 222 7.26 17.74 -4.39
CA ILE D 222 8.58 18.22 -4.79
C ILE D 222 9.53 17.95 -3.60
N THR D 223 10.65 17.27 -3.86
CA THR D 223 11.65 17.00 -2.84
C THR D 223 12.80 17.98 -3.05
N ILE D 224 12.96 18.89 -2.09
CA ILE D 224 14.05 19.86 -2.12
C ILE D 224 15.23 19.17 -1.44
N THR D 225 16.20 18.73 -2.26
CA THR D 225 17.39 18.01 -1.80
C THR D 225 18.34 18.97 -1.01
N SER D 226 19.26 18.38 -0.24
CA SER D 226 20.21 19.04 0.67
C SER D 226 21.09 20.13 0.05
N GLY D 227 21.30 20.10 -1.27
CA GLY D 227 22.12 21.09 -1.97
C GLY D 227 21.46 22.43 -2.20
N VAL D 228 20.12 22.48 -2.23
CA VAL D 228 19.41 23.73 -2.53
C VAL D 228 19.54 24.76 -1.37
N THR D 229 20.09 25.92 -1.71
CA THR D 229 20.29 27.02 -0.75
C THR D 229 19.42 28.19 -1.12
N THR D 230 18.97 28.22 -2.38
CA THR D 230 18.23 29.36 -2.90
C THR D 230 16.98 28.95 -3.67
N LEU D 231 15.86 29.59 -3.34
CA LEU D 231 14.60 29.46 -4.06
C LEU D 231 14.20 30.84 -4.51
N GLY D 232 14.18 31.09 -5.82
CA GLY D 232 13.83 32.36 -6.44
C GLY D 232 12.39 32.76 -6.23
N ASP D 233 12.06 34.02 -6.56
CA ASP D 233 10.70 34.55 -6.48
C ASP D 233 9.74 33.63 -7.19
N GLY D 234 8.64 33.30 -6.50
CA GLY D 234 7.58 32.43 -7.02
C GLY D 234 8.06 31.14 -7.67
N ALA D 235 9.08 30.50 -7.09
CA ALA D 235 9.66 29.25 -7.60
C ALA D 235 8.60 28.17 -7.69
N PHE D 236 7.59 28.22 -6.79
CA PHE D 236 6.49 27.27 -6.74
C PHE D 236 5.15 27.99 -6.93
N TYR D 237 5.17 29.12 -7.68
CA TYR D 237 4.00 29.95 -7.85
C TYR D 237 2.87 29.23 -8.59
N GLY D 238 1.67 29.30 -8.02
CA GLY D 238 0.42 28.82 -8.60
C GLY D 238 0.38 27.40 -9.11
N LYS D 240 -0.96 23.85 -9.38
CA LYS D 240 -2.33 23.37 -9.35
C LYS D 240 -2.59 22.11 -8.50
N ALA D 241 -1.59 21.21 -8.39
CA ALA D 241 -1.72 19.91 -7.71
C ALA D 241 -0.78 19.74 -6.48
N LEU D 242 0.19 20.65 -6.23
CA LEU D 242 1.09 20.52 -5.08
C LEU D 242 0.27 20.41 -3.78
N ASP D 243 0.34 19.27 -3.07
CA ASP D 243 -0.52 19.11 -1.88
C ASP D 243 0.21 19.27 -0.54
N GLU D 244 1.55 19.18 -0.58
CA GLU D 244 2.40 19.38 0.60
C GLU D 244 3.84 19.66 0.15
N ILE D 245 4.58 20.37 1.00
CA ILE D 245 5.96 20.71 0.70
C ILE D 245 6.71 20.94 1.99
N ALA D 246 7.99 20.56 1.97
CA ALA D 246 8.91 20.81 3.04
C ALA D 246 10.03 21.67 2.52
N ILE D 247 10.24 22.82 3.17
CA ILE D 247 11.34 23.74 2.89
C ILE D 247 12.42 23.36 3.89
N PRO D 248 13.48 22.64 3.44
CA PRO D 248 14.50 22.17 4.40
C PRO D 248 15.44 23.26 4.94
N LYS D 249 16.19 22.90 6.02
CA LYS D 249 17.15 23.73 6.72
C LYS D 249 18.23 24.31 5.80
N ASN D 250 18.62 23.57 4.73
CA ASN D 250 19.70 23.97 3.80
C ASN D 250 19.35 25.23 3.02
N VAL D 251 18.07 25.54 2.90
CA VAL D 251 17.61 26.73 2.16
C VAL D 251 17.84 27.95 3.06
N THR D 252 18.67 28.89 2.55
CA THR D 252 19.07 30.09 3.28
C THR D 252 18.67 31.37 2.54
N SER D 253 18.05 31.20 1.37
CA SER D 253 17.63 32.31 0.55
C SER D 253 16.32 31.97 -0.16
N ILE D 254 15.25 32.77 0.13
CA ILE D 254 13.92 32.56 -0.44
C ILE D 254 13.35 33.90 -0.92
N GLY D 255 12.87 33.90 -2.18
CA GLY D 255 12.26 35.06 -2.83
C GLY D 255 10.83 35.27 -2.35
N SER D 256 10.16 36.27 -2.92
CA SER D 256 8.78 36.59 -2.56
C SER D 256 7.81 35.65 -3.25
N PHE D 257 6.56 35.61 -2.73
CA PHE D 257 5.39 34.88 -3.23
C PHE D 257 5.78 33.45 -3.70
N LEU D 258 6.64 32.77 -2.90
CA LEU D 258 7.21 31.45 -3.20
C LEU D 258 6.18 30.40 -3.56
N LEU D 259 5.13 30.25 -2.71
CA LEU D 259 4.09 29.26 -2.89
C LEU D 259 2.73 29.90 -3.01
N GLN D 260 2.70 31.16 -3.42
CA GLN D 260 1.47 31.91 -3.56
C GLN D 260 0.54 31.28 -4.57
N ASN D 261 -0.73 31.18 -4.16
CA ASN D 261 -1.86 30.69 -4.93
C ASN D 261 -1.70 29.21 -5.37
N CYS D 262 -1.08 28.40 -4.47
CA CYS D 262 -0.98 26.94 -4.54
C CYS D 262 -2.28 26.40 -3.86
N THR D 263 -3.37 26.42 -4.62
CA THR D 263 -4.72 26.14 -4.12
C THR D 263 -4.93 24.68 -3.68
N ALA D 264 -4.03 23.74 -4.06
CA ALA D 264 -4.11 22.33 -3.62
C ALA D 264 -3.24 22.08 -2.35
N LEU D 265 -2.35 23.04 -1.97
CA LEU D 265 -1.44 22.87 -0.84
C LEU D 265 -2.16 22.75 0.51
N LYS D 266 -2.03 21.59 1.14
CA LYS D 266 -2.69 21.31 2.41
C LYS D 266 -1.78 21.56 3.61
N THR D 267 -0.47 21.24 3.47
CA THR D 267 0.46 21.36 4.58
C THR D 267 1.83 21.91 4.14
N LEU D 268 2.39 22.78 5.00
CA LEU D 268 3.70 23.40 4.84
C LEU D 268 4.56 23.11 6.06
N ASN D 269 5.74 22.52 5.81
CA ASN D 269 6.80 22.28 6.78
C ASN D 269 7.95 23.17 6.39
N PHE D 270 8.15 24.27 7.13
CA PHE D 270 9.16 25.28 6.84
C PHE D 270 10.27 25.20 7.87
N TYR D 271 11.48 24.79 7.43
CA TYR D 271 12.64 24.59 8.30
C TYR D 271 13.84 25.41 7.86
N ALA D 272 13.66 26.25 6.82
CA ALA D 272 14.72 27.08 6.22
C ALA D 272 15.46 27.94 7.25
N LYS D 273 16.80 28.01 7.10
CA LYS D 273 17.65 28.85 7.93
C LYS D 273 17.64 30.26 7.31
N VAL D 274 16.56 31.01 7.59
CA VAL D 274 16.33 32.37 7.11
C VAL D 274 15.88 33.25 8.28
N LYS D 275 16.29 34.54 8.30
CA LYS D 275 15.87 35.46 9.38
C LYS D 275 14.37 35.78 9.23
N THR D 276 13.90 35.96 7.99
CA THR D 276 12.49 36.27 7.78
C THR D 276 11.75 35.27 6.86
N VAL D 277 10.44 35.01 7.14
CA VAL D 277 9.53 34.22 6.29
C VAL D 277 9.10 35.21 5.23
N PRO D 278 9.50 35.04 3.94
CA PRO D 278 9.31 36.13 2.95
C PRO D 278 7.89 36.40 2.48
N TYR D 279 7.67 37.70 2.24
CA TYR D 279 6.47 38.35 1.75
C TYR D 279 5.69 37.48 0.76
N LEU D 280 4.37 37.33 1.02
CA LEU D 280 3.36 36.61 0.23
C LEU D 280 3.63 35.09 0.09
N LEU D 281 4.48 34.50 0.96
CA LEU D 281 4.89 33.09 0.95
C LEU D 281 3.77 32.14 0.52
N CYS D 282 2.67 32.10 1.29
CA CYS D 282 1.53 31.22 1.07
C CYS D 282 0.23 31.98 0.90
N SER D 283 0.31 33.20 0.36
CA SER D 283 -0.88 33.99 0.10
C SER D 283 -1.77 33.24 -0.87
N GLY D 284 -3.05 33.14 -0.52
CA GLY D 284 -4.02 32.49 -1.39
C GLY D 284 -3.95 30.99 -1.48
N CYS D 285 -3.30 30.34 -0.51
CA CYS D 285 -3.24 28.89 -0.41
C CYS D 285 -4.51 28.47 0.35
N SER D 286 -5.61 28.58 -0.38
CA SER D 286 -7.02 28.38 0.00
C SER D 286 -7.32 27.08 0.73
N ASN D 287 -6.42 26.06 0.62
CA ASN D 287 -6.66 24.75 1.22
C ASN D 287 -5.61 24.34 2.24
N LEU D 288 -4.67 25.26 2.58
CA LEU D 288 -3.60 25.04 3.54
C LEU D 288 -4.18 25.07 4.94
N THR D 289 -4.11 23.94 5.62
CA THR D 289 -4.71 23.74 6.94
C THR D 289 -3.71 23.74 8.09
N LYS D 290 -2.45 23.29 7.83
CA LYS D 290 -1.41 23.16 8.86
C LYS D 290 -0.09 23.70 8.39
N VAL D 291 0.55 24.51 9.25
CA VAL D 291 1.84 25.11 8.99
C VAL D 291 2.71 24.90 10.22
N VAL D 292 3.91 24.34 9.99
CA VAL D 292 4.93 24.15 11.00
C VAL D 292 6.15 24.95 10.55
N ASP D 294 9.86 25.83 11.90
CA ASP D 294 10.81 25.40 12.91
C ASP D 294 12.27 25.63 12.50
N ASN D 295 12.82 26.76 12.98
CA ASN D 295 14.20 27.16 12.83
C ASN D 295 14.51 28.33 13.76
N SER D 296 15.54 28.14 14.60
CA SER D 296 16.02 29.11 15.58
C SER D 296 16.47 30.43 14.93
N ALA D 297 16.63 30.46 13.59
CA ALA D 297 17.03 31.66 12.86
C ALA D 297 15.84 32.57 12.51
N ILE D 298 14.62 32.06 12.43
CA ILE D 298 13.47 32.87 12.02
C ILE D 298 13.07 33.87 13.13
N GLU D 299 13.16 35.18 12.80
CA GLU D 299 12.88 36.31 13.71
C GLU D 299 11.63 37.07 13.30
N THR D 300 11.33 37.12 12.01
CA THR D 300 10.22 37.91 11.45
C THR D 300 9.33 37.12 10.47
N LEU D 301 8.03 37.49 10.45
CA LEU D 301 7.02 37.02 9.50
C LEU D 301 6.67 38.23 8.69
N GLU D 302 7.14 38.29 7.44
CA GLU D 302 6.88 39.44 6.58
C GLU D 302 5.38 39.55 6.28
N PRO D 303 4.89 40.69 5.77
CA PRO D 303 3.46 40.80 5.50
C PRO D 303 2.92 39.78 4.50
N ARG D 304 1.64 39.40 4.69
CA ARG D 304 0.81 38.55 3.83
C ARG D 304 1.37 37.13 3.62
N VAL D 305 2.20 36.62 4.54
CA VAL D 305 2.79 35.28 4.42
C VAL D 305 1.72 34.16 4.40
N PHE D 306 0.59 34.33 5.12
CA PHE D 306 -0.51 33.36 5.12
C PHE D 306 -1.83 34.07 4.89
N ASP D 308 -5.22 35.14 3.35
CA ASP D 308 -6.36 34.46 2.71
C ASP D 308 -6.21 32.91 2.73
N CYS D 309 -5.46 32.41 3.71
CA CYS D 309 -5.37 30.98 3.97
C CYS D 309 -6.50 30.75 4.99
N VAL D 310 -7.72 30.75 4.44
CA VAL D 310 -9.02 30.68 5.12
C VAL D 310 -9.25 29.35 5.84
N LYS D 311 -8.53 28.28 5.43
CA LYS D 311 -8.67 26.95 6.02
C LYS D 311 -7.55 26.63 7.02
N LEU D 312 -6.62 27.55 7.24
CA LEU D 312 -5.48 27.33 8.12
C LEU D 312 -5.89 27.37 9.57
N SER D 313 -5.78 26.24 10.25
CA SER D 313 -6.21 26.14 11.64
C SER D 313 -5.05 25.93 12.64
N SER D 314 -3.95 25.24 12.23
CA SER D 314 -2.82 25.05 13.13
C SER D 314 -1.55 25.66 12.55
N VAL D 315 -0.98 26.57 13.33
CA VAL D 315 0.23 27.32 13.02
C VAL D 315 1.20 27.15 14.17
N THR D 316 2.35 26.52 13.88
CA THR D 316 3.43 26.38 14.85
C THR D 316 4.46 27.46 14.52
N LEU D 317 4.59 28.43 15.42
CA LEU D 317 5.50 29.54 15.23
C LEU D 317 6.93 29.12 15.59
N PRO D 318 7.99 29.69 14.94
CA PRO D 318 9.35 29.28 15.31
C PRO D 318 9.69 29.81 16.71
N THR D 319 10.30 28.93 17.54
CA THR D 319 10.66 29.11 18.95
C THR D 319 11.42 30.43 19.30
N ALA D 320 12.10 31.06 18.32
CA ALA D 320 12.87 32.30 18.54
C ALA D 320 12.30 33.49 17.76
N LEU D 321 11.02 33.41 17.33
CA LEU D 321 10.37 34.49 16.58
C LEU D 321 10.27 35.77 17.44
N LYS D 322 10.42 36.93 16.81
CA LYS D 322 10.39 38.20 17.51
C LYS D 322 9.35 39.16 16.93
N THR D 323 9.05 39.05 15.60
CA THR D 323 8.09 39.95 14.93
C THR D 323 7.07 39.19 14.01
N ILE D 324 5.80 39.68 14.02
CA ILE D 324 4.68 39.26 13.15
C ILE D 324 4.21 40.55 12.50
N GLN D 325 4.44 40.70 11.21
CA GLN D 325 4.08 41.95 10.56
C GLN D 325 2.64 41.96 10.09
N VAL D 326 2.20 43.14 9.60
CA VAL D 326 0.87 43.45 9.09
C VAL D 326 0.41 42.41 8.08
N TYR D 327 -0.81 41.90 8.25
CA TYR D 327 -1.50 40.97 7.33
C TYR D 327 -0.84 39.58 7.21
N ALA D 328 0.13 39.24 8.08
CA ALA D 328 0.80 37.93 8.06
C ALA D 328 -0.23 36.76 8.14
N PHE D 329 -1.37 36.97 8.86
CA PHE D 329 -2.47 36.03 9.00
C PHE D 329 -3.81 36.69 8.64
N LYS D 330 -3.79 37.57 7.63
CA LYS D 330 -4.97 38.28 7.14
C LYS D 330 -5.99 37.28 6.62
N ASN D 331 -7.21 37.37 7.16
CA ASN D 331 -8.40 36.57 6.82
C ASN D 331 -8.22 35.06 7.07
N CYS D 332 -7.44 34.71 8.11
CA CYS D 332 -7.24 33.32 8.50
C CYS D 332 -8.38 32.91 9.45
N LYS D 333 -9.59 32.85 8.86
CA LYS D 333 -10.88 32.52 9.47
C LYS D 333 -10.81 31.28 10.37
N ALA D 334 -10.15 30.19 9.91
CA ALA D 334 -10.02 28.93 10.65
C ALA D 334 -8.95 28.99 11.76
N LEU D 335 -8.11 30.05 11.81
CA LEU D 335 -7.06 30.14 12.84
C LEU D 335 -7.67 30.75 14.09
N SER D 336 -8.07 29.87 15.01
CA SER D 336 -8.75 30.21 16.26
C SER D 336 -7.76 30.28 17.43
N THR D 337 -6.70 29.44 17.40
CA THR D 337 -5.71 29.38 18.48
C THR D 337 -4.27 29.29 17.95
N ILE D 338 -3.34 29.90 18.70
CA ILE D 338 -1.91 29.95 18.37
C ILE D 338 -1.07 30.06 19.65
N SER D 339 0.03 29.29 19.73
CA SER D 339 0.94 29.38 20.87
C SER D 339 2.01 30.40 20.56
N TYR D 340 2.14 31.41 21.42
CA TYR D 340 3.10 32.48 21.23
C TYR D 340 4.44 32.16 21.90
N PRO D 341 5.57 32.18 21.16
CA PRO D 341 6.87 31.95 21.81
C PRO D 341 7.27 33.15 22.68
N LYS D 342 7.79 32.89 23.90
CA LYS D 342 8.16 33.93 24.87
C LYS D 342 9.11 34.99 24.28
N SER D 343 9.71 34.70 23.12
CA SER D 343 10.64 35.60 22.42
C SER D 343 9.96 36.73 21.63
N ILE D 344 8.62 36.72 21.48
CA ILE D 344 7.92 37.75 20.70
C ILE D 344 8.10 39.12 21.33
N THR D 345 8.46 40.09 20.50
CA THR D 345 8.70 41.48 20.91
C THR D 345 7.69 42.42 20.27
N LEU D 346 7.28 42.13 19.02
CA LEU D 346 6.33 42.99 18.31
C LEU D 346 5.35 42.18 17.48
N ILE D 347 4.07 42.60 17.49
CA ILE D 347 2.98 42.11 16.65
C ILE D 347 2.40 43.38 16.01
N GLU D 348 2.67 43.59 14.73
CA GLU D 348 2.23 44.79 14.02
C GLU D 348 0.73 44.82 13.90
N SER D 349 0.15 46.04 13.93
CA SER D 349 -1.29 46.27 13.82
C SER D 349 -1.78 45.69 12.50
N GLY D 350 -2.73 44.76 12.60
CA GLY D 350 -3.34 44.11 11.45
C GLY D 350 -2.73 42.77 11.12
N ALA D 351 -1.81 42.29 11.97
CA ALA D 351 -1.16 40.98 11.79
C ALA D 351 -2.18 39.84 11.76
N PHE D 352 -3.26 39.96 12.57
CA PHE D 352 -4.29 38.95 12.67
C PHE D 352 -5.67 39.48 12.26
N GLU D 353 -5.71 40.49 11.36
CA GLU D 353 -6.96 41.07 10.87
C GLU D 353 -7.72 40.07 10.00
N GLY D 354 -8.98 39.85 10.35
CA GLY D 354 -9.84 38.93 9.63
C GLY D 354 -9.75 37.49 10.08
N SER D 355 -8.82 37.21 11.03
CA SER D 355 -8.62 35.88 11.59
C SER D 355 -9.50 35.70 12.84
N SER D 356 -9.50 34.48 13.41
CA SER D 356 -10.28 34.20 14.61
C SER D 356 -9.38 34.25 15.88
N ILE D 357 -8.22 34.94 15.76
CA ILE D 357 -7.30 35.16 16.86
C ILE D 357 -7.74 36.44 17.56
N THR D 358 -8.19 36.28 18.80
CA THR D 358 -8.72 37.39 19.60
C THR D 358 -7.68 37.84 20.64
N LYS D 359 -7.03 36.88 21.35
CA LYS D 359 -6.05 37.18 22.38
C LYS D 359 -4.62 37.26 21.84
N TYR D 360 -3.83 38.16 22.44
CA TYR D 360 -2.43 38.40 22.10
C TYR D 360 -1.57 38.14 23.38
N PRO D 361 -0.20 38.05 23.30
CA PRO D 361 0.60 37.75 24.51
C PRO D 361 0.38 38.73 25.68
N THR D 362 0.53 38.19 26.90
CA THR D 362 0.37 38.93 28.14
C THR D 362 1.46 40.01 28.29
N TRP D 363 2.70 39.71 27.85
CA TRP D 363 3.85 40.60 27.94
C TRP D 363 3.86 41.73 26.87
N LEU D 364 2.85 41.76 26.00
CA LEU D 364 2.73 42.82 24.99
C LEU D 364 1.59 43.78 25.35
N SER D 365 1.71 45.05 24.94
CA SER D 365 0.71 46.09 25.21
C SER D 365 0.40 46.88 23.94
N LYS D 366 -0.88 47.23 23.74
CA LYS D 366 -1.34 47.97 22.56
C LYS D 366 -0.82 49.41 22.57
N GLY D 367 0.03 49.72 21.59
CA GLY D 367 0.59 51.05 21.42
C GLY D 367 -0.40 52.03 20.81
N ASN D 368 0.01 53.31 20.72
CA ASN D 368 -0.82 54.40 20.17
C ASN D 368 -1.12 54.20 18.67
N ASN D 369 -0.20 53.55 17.94
CA ASN D 369 -0.32 53.26 16.50
C ASN D 369 -1.09 51.95 16.22
N GLY D 370 -1.52 51.27 17.29
CA GLY D 370 -2.25 50.01 17.18
C GLY D 370 -1.38 48.77 17.25
N ASP D 371 -0.03 48.94 17.17
CA ASP D 371 0.94 47.84 17.25
C ASP D 371 1.02 47.30 18.68
N TYR D 372 1.29 46.00 18.84
CA TYR D 372 1.42 45.39 20.16
C TYR D 372 2.91 45.18 20.44
N GLY D 373 3.44 46.15 21.19
CA GLY D 373 4.84 46.27 21.56
C GLY D 373 5.22 45.43 22.75
N ILE D 374 6.03 45.96 23.67
CA ILE D 374 6.47 45.23 24.85
C ILE D 374 6.05 46.01 26.11
N PHE D 375 5.99 45.32 27.27
CA PHE D 375 5.55 45.86 28.58
C PHE D 375 6.40 47.07 29.08
N THR D 376 7.26 47.66 28.20
CA THR D 376 8.13 48.81 28.48
C THR D 376 8.30 49.67 27.21
N LYS D 377 7.72 50.90 27.23
CA LYS D 377 7.72 51.87 26.13
C LYS D 377 7.62 53.30 26.71
N ALA E 2 53.57 29.91 24.80
CA ALA E 2 52.83 30.00 23.54
C ALA E 2 51.26 30.07 23.76
N SER E 3 50.71 31.29 24.13
CA SER E 3 49.26 31.54 24.37
C SER E 3 48.63 32.21 23.14
N ILE E 4 47.56 31.59 22.64
CA ILE E 4 46.91 32.03 21.42
C ILE E 4 45.59 32.69 21.72
N THR E 5 45.40 33.91 21.16
CA THR E 5 44.16 34.64 21.27
C THR E 5 43.43 34.55 19.93
N TYR E 6 42.12 34.30 20.00
CA TYR E 6 41.25 34.21 18.83
C TYR E 6 40.18 35.29 18.89
N ASN E 7 40.04 36.06 17.81
CA ASN E 7 38.97 37.03 17.69
C ASN E 7 37.74 36.24 17.28
N VAL E 8 36.74 36.13 18.17
CA VAL E 8 35.55 35.34 17.84
C VAL E 8 34.51 36.31 17.31
N SER E 9 34.21 37.37 18.08
CA SER E 9 33.27 38.44 17.74
C SER E 9 33.69 39.67 18.48
N SER E 10 32.92 40.76 18.36
CA SER E 10 33.25 42.01 19.03
C SER E 10 33.06 41.91 20.55
N THR E 11 32.36 40.85 21.02
CA THR E 11 32.09 40.65 22.45
C THR E 11 32.57 39.29 22.95
N ILE E 12 33.17 38.47 22.07
CA ILE E 12 33.63 37.15 22.45
C ILE E 12 35.08 36.93 21.99
N LYS E 13 35.89 36.31 22.86
CA LYS E 13 37.25 35.93 22.53
C LYS E 13 37.50 34.47 22.96
N GLY E 14 38.54 33.90 22.38
CA GLY E 14 39.05 32.57 22.72
C GLY E 14 40.51 32.72 23.10
N VAL E 15 40.94 32.02 24.16
CA VAL E 15 42.33 31.98 24.58
C VAL E 15 42.71 30.53 24.75
N LEU E 16 43.71 30.10 23.98
CA LEU E 16 44.24 28.75 24.07
C LEU E 16 45.54 28.85 24.80
N THR E 17 45.61 28.22 25.96
CA THR E 17 46.78 28.25 26.83
C THR E 17 47.62 27.00 26.60
N ASP E 18 48.90 27.05 26.98
CA ASP E 18 49.88 25.98 26.79
C ASP E 18 49.52 24.67 27.54
N ASP E 19 48.48 24.68 28.42
CA ASP E 19 47.95 23.51 29.13
C ASP E 19 46.92 22.75 28.25
N GLY E 20 46.67 23.27 27.04
CA GLY E 20 45.72 22.68 26.09
C GLY E 20 44.26 23.07 26.28
N VAL E 21 44.01 24.11 27.08
CA VAL E 21 42.65 24.55 27.36
C VAL E 21 42.29 25.71 26.44
N LEU E 22 41.09 25.61 25.81
CA LEU E 22 40.50 26.65 24.97
C LEU E 22 39.39 27.27 25.76
N THR E 23 39.63 28.50 26.24
CA THR E 23 38.66 29.22 27.05
C THR E 23 37.98 30.26 26.22
N ILE E 24 36.63 30.14 26.15
CA ILE E 24 35.77 31.09 25.45
C ILE E 24 35.22 32.03 26.51
N SER E 25 35.50 33.32 26.35
CA SER E 25 35.02 34.32 27.29
C SER E 25 34.37 35.49 26.56
N GLY E 26 33.52 36.21 27.28
CA GLY E 26 32.80 37.37 26.76
C GLY E 26 31.32 37.26 26.98
N THR E 27 30.53 37.85 26.07
CA THR E 27 29.08 37.85 26.21
C THR E 27 28.37 37.61 24.90
N GLY E 28 27.24 36.93 25.02
CA GLY E 28 26.34 36.70 23.90
C GLY E 28 26.45 35.37 23.19
N ALA E 29 25.87 35.36 22.00
CA ALA E 29 25.80 34.21 21.15
C ALA E 29 27.10 34.03 20.36
N PRO E 31 29.26 32.81 17.18
CA PRO E 31 28.87 32.71 15.76
C PRO E 31 28.66 31.26 15.27
N ASP E 32 27.99 31.15 14.13
CA ASP E 32 27.77 29.88 13.45
C ASP E 32 28.80 29.79 12.36
N TYR E 33 29.50 28.67 12.26
CA TYR E 33 30.48 28.51 11.18
C TYR E 33 29.93 27.52 10.16
N THR E 34 29.94 27.89 8.88
CA THR E 34 29.40 27.03 7.82
C THR E 34 30.50 26.16 7.23
N LYS E 35 31.75 26.60 7.36
CA LYS E 35 32.91 25.84 6.93
C LYS E 35 33.77 25.58 8.17
N ILE E 36 34.08 24.30 8.45
CA ILE E 36 34.92 23.84 9.56
C ILE E 36 36.22 24.63 9.55
N ALA E 37 36.76 24.90 8.35
CA ALA E 37 38.02 25.64 8.24
C ALA E 37 37.92 27.11 8.67
N ASN E 38 36.72 27.66 8.88
CA ASN E 38 36.50 29.07 9.27
C ASN E 38 36.50 29.28 10.79
N ILE E 39 36.50 28.16 11.57
CA ILE E 39 36.54 28.26 13.03
C ILE E 39 37.91 28.88 13.40
N PRO E 40 37.94 29.88 14.30
CA PRO E 40 39.21 30.59 14.55
C PRO E 40 40.41 29.70 14.96
N TRP E 41 40.16 28.60 15.67
CA TRP E 41 41.20 27.69 16.17
C TRP E 41 41.43 26.47 15.25
N TYR E 42 40.94 26.52 13.99
CA TYR E 42 41.07 25.42 13.03
C TYR E 42 42.49 24.91 12.91
N LYS E 43 43.47 25.82 12.79
CA LYS E 43 44.87 25.45 12.61
C LYS E 43 45.52 24.94 13.90
N ASP E 44 44.84 25.04 15.07
CA ASP E 44 45.41 24.67 16.37
C ASP E 44 44.66 23.54 17.05
N ARG E 45 43.87 22.82 16.28
CA ARG E 45 43.05 21.71 16.73
C ARG E 45 43.87 20.64 17.49
N ASP E 46 45.10 20.38 17.06
CA ASP E 46 45.96 19.39 17.69
C ASP E 46 46.25 19.70 19.15
N ARG E 47 46.27 21.00 19.50
CA ARG E 47 46.62 21.54 20.82
C ARG E 47 45.44 21.61 21.79
N ILE E 48 44.20 21.50 21.31
CA ILE E 48 43.01 21.62 22.16
C ILE E 48 42.62 20.28 22.77
N SER E 49 42.78 20.14 24.10
CA SER E 49 42.41 18.92 24.81
C SER E 49 41.11 19.12 25.61
N GLU E 50 40.80 20.38 25.93
CA GLU E 50 39.64 20.73 26.73
C GLU E 50 39.11 22.12 26.33
N VAL E 51 37.77 22.29 26.33
CA VAL E 51 37.13 23.56 26.05
C VAL E 51 36.34 24.02 27.28
N ARG E 52 36.45 25.32 27.61
CA ARG E 52 35.69 25.95 28.70
C ARG E 52 34.94 27.15 28.14
N VAL E 53 33.59 27.10 28.21
CA VAL E 53 32.73 28.19 27.75
C VAL E 53 32.21 28.85 29.03
N ASN E 54 32.71 30.08 29.29
CA ASN E 54 32.50 30.84 30.54
C ASN E 54 31.19 31.63 30.60
N SER E 55 30.80 32.05 31.83
CA SER E 55 29.60 32.85 32.12
C SER E 55 29.59 34.12 31.28
N GLY E 56 28.44 34.41 30.69
CA GLY E 56 28.27 35.54 29.79
C GLY E 56 27.90 35.09 28.39
N ILE E 57 28.43 33.92 27.96
CA ILE E 57 28.12 33.31 26.66
C ILE E 57 26.73 32.67 26.76
N THR E 58 25.86 32.93 25.77
CA THR E 58 24.47 32.48 25.84
C THR E 58 24.17 31.29 24.93
N SER E 59 25.03 31.07 23.94
CA SER E 59 24.90 29.92 23.04
C SER E 59 26.25 29.55 22.37
N ILE E 60 26.42 28.24 22.12
CA ILE E 60 27.53 27.67 21.35
C ILE E 60 26.97 27.52 19.94
N GLY E 61 27.67 28.09 18.97
CA GLY E 61 27.22 28.09 17.59
C GLY E 61 27.50 26.84 16.80
N GLU E 62 27.00 26.82 15.57
CA GLU E 62 27.20 25.75 14.62
C GLU E 62 28.70 25.48 14.39
N ALA E 63 29.06 24.18 14.48
CA ALA E 63 30.40 23.65 14.22
C ALA E 63 31.53 24.31 15.04
N ASN E 64 31.24 24.96 16.15
CA ASN E 64 32.25 25.70 16.92
C ASN E 64 33.49 24.87 17.30
N PHE E 65 33.31 23.61 17.75
CA PHE E 65 34.46 22.76 18.13
C PHE E 65 34.50 21.53 17.25
N ASN E 66 33.92 21.66 16.05
CA ASN E 66 33.92 20.61 15.06
C ASN E 66 35.34 20.26 14.65
N SER E 67 35.67 18.96 14.68
CA SER E 67 36.98 18.39 14.29
C SER E 67 38.11 18.74 15.27
N CYS E 68 37.78 19.14 16.51
CA CYS E 68 38.78 19.33 17.55
C CYS E 68 38.98 17.94 18.15
N TYR E 69 39.73 17.12 17.37
CA TYR E 69 39.90 15.69 17.51
C TYR E 69 40.59 15.25 18.78
N ASN E 70 41.14 16.19 19.58
CA ASN E 70 41.82 15.87 20.84
C ASN E 70 41.03 16.40 22.04
N THR E 72 38.61 16.18 24.79
CA THR E 72 37.96 15.07 25.50
C THR E 72 36.95 15.55 26.53
N LYS E 73 36.98 16.84 26.87
CA LYS E 73 36.08 17.44 27.86
C LYS E 73 35.66 18.86 27.49
N VAL E 74 34.43 19.22 27.87
CA VAL E 74 33.88 20.56 27.67
C VAL E 74 33.20 21.00 28.98
N THR E 75 33.43 22.24 29.38
CA THR E 75 32.81 22.85 30.54
C THR E 75 31.92 23.95 30.02
N VAL E 76 30.62 23.84 30.30
CA VAL E 76 29.64 24.79 29.78
C VAL E 76 28.96 25.52 30.93
N ALA E 77 29.09 26.87 30.93
CA ALA E 77 28.50 27.70 31.97
C ALA E 77 26.96 27.72 31.92
N SER E 78 26.38 28.14 33.04
CA SER E 78 24.97 28.26 33.32
C SER E 78 24.24 29.21 32.34
N THR E 79 24.95 30.20 31.75
CA THR E 79 24.38 31.21 30.85
C THR E 79 24.09 30.65 29.43
N VAL E 80 24.68 29.49 29.06
CA VAL E 80 24.50 28.88 27.74
C VAL E 80 23.17 28.12 27.70
N THR E 81 22.27 28.52 26.80
CA THR E 81 20.92 27.95 26.66
C THR E 81 20.73 27.11 25.40
N SER E 82 21.67 27.20 24.46
CA SER E 82 21.59 26.37 23.25
C SER E 82 22.96 26.01 22.71
N ILE E 83 23.07 24.79 22.12
CA ILE E 83 24.30 24.29 21.50
C ILE E 83 23.93 23.98 20.04
N GLY E 84 24.61 24.66 19.10
CA GLY E 84 24.36 24.55 17.67
C GLY E 84 24.76 23.25 16.99
N ASP E 85 24.29 23.09 15.75
CA ASP E 85 24.57 21.92 14.90
C ASP E 85 26.06 21.59 14.84
N GLY E 86 26.37 20.33 15.10
CA GLY E 86 27.71 19.77 15.04
C GLY E 86 28.76 20.47 15.89
N ALA E 87 28.33 21.13 16.98
CA ALA E 87 29.21 21.91 17.86
C ALA E 87 30.36 21.07 18.37
N PHE E 88 30.14 19.77 18.64
CA PHE E 88 31.22 18.87 19.10
C PHE E 88 31.41 17.69 18.15
N ALA E 89 30.98 17.86 16.88
CA ALA E 89 31.14 16.82 15.86
C ALA E 89 32.62 16.55 15.60
N ASP E 90 32.97 15.28 15.76
CA ASP E 90 34.28 14.71 15.51
C ASP E 90 35.32 15.24 16.49
N THR E 91 34.89 15.42 17.74
CA THR E 91 35.79 15.68 18.87
C THR E 91 36.05 14.31 19.51
N LYS E 92 36.90 14.22 20.53
CA LYS E 92 37.11 12.99 21.29
C LYS E 92 36.32 13.14 22.61
N LEU E 93 35.15 13.84 22.55
CA LEU E 93 34.36 14.16 23.74
C LEU E 93 34.02 12.92 24.51
N GLN E 94 34.42 12.91 25.77
CA GLN E 94 34.19 11.78 26.68
C GLN E 94 33.26 12.14 27.82
N SER E 95 33.28 13.41 28.25
CA SER E 95 32.46 13.90 29.36
C SER E 95 32.28 15.41 29.29
N TYR E 96 31.32 15.91 30.05
CA TYR E 96 31.08 17.33 30.14
C TYR E 96 30.72 17.67 31.57
N THR E 97 30.95 18.92 31.96
CA THR E 97 30.49 19.46 33.23
C THR E 97 29.69 20.73 32.85
N GLY E 98 28.62 20.98 33.61
CA GLY E 98 27.77 22.12 33.38
C GLY E 98 26.60 21.79 32.48
N GLU E 100 23.87 23.23 32.60
CA GLU E 100 22.73 23.27 33.52
C GLU E 100 21.49 23.97 32.95
N ARG E 101 21.68 24.91 32.00
CA ARG E 101 20.55 25.63 31.44
C ARG E 101 20.43 25.46 29.91
N VAL E 102 21.10 24.47 29.32
CA VAL E 102 20.98 24.20 27.88
C VAL E 102 19.62 23.59 27.63
N LYS E 103 18.81 24.27 26.82
CA LYS E 103 17.46 23.82 26.48
C LYS E 103 17.43 23.12 25.11
N LYS E 104 18.20 23.65 24.13
CA LYS E 104 18.18 23.15 22.77
C LYS E 104 19.55 22.69 22.29
N PHE E 105 19.55 21.48 21.71
CA PHE E 105 20.69 20.82 21.06
C PHE E 105 20.35 20.67 19.62
N GLY E 106 21.26 21.15 18.75
CA GLY E 106 21.09 21.07 17.30
C GLY E 106 21.31 19.65 16.78
N ASP E 107 21.53 19.53 15.48
CA ASP E 107 21.75 18.23 14.84
C ASP E 107 23.22 17.86 14.87
N TYR E 108 23.53 16.55 14.95
CA TYR E 108 24.90 16.03 14.91
C TYR E 108 25.84 16.64 15.96
N VAL E 109 25.30 17.19 17.05
CA VAL E 109 26.10 17.86 18.08
C VAL E 109 27.19 16.92 18.63
N PHE E 110 26.87 15.63 18.84
CA PHE E 110 27.84 14.68 19.39
C PHE E 110 28.23 13.60 18.37
N GLN E 111 28.20 13.97 17.09
CA GLN E 111 28.65 13.12 16.00
C GLN E 111 30.15 12.77 16.20
N GLY E 112 30.50 11.50 16.05
CA GLY E 112 31.87 11.00 16.12
C GLY E 112 32.59 11.14 17.45
N THR E 113 31.83 11.35 18.54
CA THR E 113 32.40 11.56 19.88
C THR E 113 32.77 10.25 20.54
N ASP E 114 33.61 10.32 21.60
CA ASP E 114 34.11 9.17 22.33
C ASP E 114 33.35 9.00 23.65
N LEU E 115 32.03 9.11 23.60
CA LEU E 115 31.18 8.97 24.77
C LEU E 115 30.97 7.50 25.17
N ASP E 116 30.64 7.28 26.44
CA ASP E 116 30.29 5.96 26.97
C ASP E 116 28.88 6.10 27.55
N ASP E 117 28.77 6.59 28.78
CA ASP E 117 27.50 6.85 29.43
C ASP E 117 27.19 8.34 29.27
N PHE E 118 26.06 8.68 28.61
CA PHE E 118 25.68 10.09 28.41
C PHE E 118 24.28 10.38 28.92
N GLU E 119 24.17 11.38 29.80
CA GLU E 119 22.91 11.86 30.31
C GLU E 119 22.71 13.29 29.85
N PHE E 120 21.56 13.55 29.21
CA PHE E 120 21.22 14.90 28.77
C PHE E 120 20.99 15.78 30.00
N PRO E 121 21.49 17.04 29.97
CA PRO E 121 21.37 17.89 31.18
C PRO E 121 19.91 18.24 31.51
N GLY E 122 19.68 18.55 32.80
CA GLY E 122 18.39 18.85 33.43
C GLY E 122 17.38 19.78 32.79
N ALA E 123 17.82 20.75 31.95
CA ALA E 123 16.92 21.72 31.31
C ALA E 123 16.69 21.43 29.83
N THR E 124 17.21 20.31 29.30
CA THR E 124 17.07 19.94 27.88
C THR E 124 15.59 19.76 27.50
N THR E 125 15.15 20.45 26.44
CA THR E 125 13.76 20.30 25.97
C THR E 125 13.75 19.72 24.56
N GLU E 126 14.75 20.11 23.75
CA GLU E 126 14.86 19.73 22.34
C GLU E 126 16.20 19.09 22.04
N ILE E 127 16.16 17.89 21.42
CA ILE E 127 17.30 17.10 20.98
C ILE E 127 17.20 16.99 19.45
N GLY E 128 18.23 17.46 18.77
CA GLY E 128 18.31 17.54 17.32
C GLY E 128 18.49 16.21 16.64
N ASN E 129 18.39 16.21 15.29
CA ASN E 129 18.52 15.01 14.47
C ASN E 129 19.93 14.40 14.46
N TYR E 130 19.99 13.05 14.42
CA TYR E 130 21.22 12.28 14.26
C TYR E 130 22.35 12.79 15.17
N ILE E 131 21.98 13.12 16.41
CA ILE E 131 22.86 13.77 17.39
C ILE E 131 24.04 12.89 17.83
N PHE E 132 23.96 11.55 17.67
CA PHE E 132 25.06 10.64 18.08
C PHE E 132 25.63 9.84 16.91
N TYR E 133 25.50 10.37 15.69
CA TYR E 133 26.01 9.76 14.48
C TYR E 133 27.51 9.44 14.60
N ASN E 134 27.86 8.14 14.56
CA ASN E 134 29.24 7.60 14.65
C ASN E 134 29.85 7.87 16.04
N SER E 135 29.03 8.22 17.04
CA SER E 135 29.50 8.36 18.43
C SER E 135 29.64 6.98 19.02
N SER E 136 30.57 6.82 19.96
CA SER E 136 30.80 5.53 20.61
C SER E 136 29.87 5.35 21.82
N VAL E 137 28.91 6.29 22.06
CA VAL E 137 27.94 6.26 23.15
C VAL E 137 27.33 4.84 23.33
N LYS E 138 27.35 4.34 24.57
CA LYS E 138 26.84 3.03 24.95
C LYS E 138 25.48 3.16 25.63
N ARG E 139 25.25 4.28 26.36
CA ARG E 139 23.98 4.53 27.04
C ARG E 139 23.60 6.00 26.96
N ILE E 140 22.31 6.26 26.64
CA ILE E 140 21.68 7.57 26.59
C ILE E 140 20.61 7.64 27.68
N VAL E 141 20.64 8.71 28.48
CA VAL E 141 19.63 8.94 29.50
C VAL E 141 18.87 10.20 29.11
N ILE E 142 17.52 10.10 29.11
CA ILE E 142 16.62 11.21 28.78
C ILE E 142 15.95 11.73 30.05
N PRO E 143 16.22 13.01 30.47
CA PRO E 143 15.58 13.54 31.68
C PRO E 143 14.10 13.90 31.45
N LYS E 144 13.36 14.17 32.54
CA LYS E 144 11.91 14.47 32.48
C LYS E 144 11.56 15.70 31.61
N SER E 145 12.51 16.65 31.49
CA SER E 145 12.37 17.94 30.78
C SER E 145 12.25 17.82 29.26
N VAL E 146 12.82 16.77 28.67
CA VAL E 146 12.80 16.60 27.20
C VAL E 146 11.34 16.43 26.71
N THR E 147 10.96 17.29 25.74
CA THR E 147 9.65 17.28 25.10
C THR E 147 9.74 16.90 23.62
N THR E 148 10.92 17.11 23.00
CA THR E 148 11.13 16.87 21.59
C THR E 148 12.46 16.17 21.31
N ILE E 149 12.40 14.98 20.71
CA ILE E 149 13.54 14.23 20.23
C ILE E 149 13.31 14.07 18.74
N LYS E 150 14.16 14.72 17.91
CA LYS E 150 14.02 14.66 16.46
C LYS E 150 14.45 13.28 15.97
N ASP E 151 14.16 12.93 14.71
CA ASP E 151 14.45 11.60 14.15
C ASP E 151 15.90 11.20 14.21
N GLY E 152 16.11 9.93 14.57
CA GLY E 152 17.39 9.27 14.62
C GLY E 152 18.35 9.57 15.76
N ILE E 153 17.87 9.56 17.03
CA ILE E 153 18.75 9.78 18.19
C ILE E 153 19.87 8.73 18.24
N GLY E 154 19.55 7.48 17.85
CA GLY E 154 20.49 6.37 17.86
C GLY E 154 21.03 6.02 16.48
N TYR E 155 20.70 6.82 15.44
CA TYR E 155 21.16 6.59 14.07
C TYR E 155 22.70 6.61 13.99
N LYS E 156 23.25 5.44 13.64
CA LYS E 156 24.66 5.12 13.50
C LYS E 156 25.43 5.31 14.82
N ALA E 157 24.72 5.13 15.94
CA ALA E 157 25.30 5.03 17.27
C ALA E 157 25.44 3.51 17.45
N GLU E 158 26.45 2.95 16.76
CA GLU E 158 26.64 1.51 16.60
C GLU E 158 27.03 0.79 17.90
N ASN E 159 27.41 1.50 18.97
CA ASN E 159 27.77 0.83 20.23
C ASN E 159 26.66 1.02 21.26
N LEU E 160 25.57 1.71 20.90
CA LEU E 160 24.45 2.01 21.79
C LEU E 160 23.75 0.74 22.22
N GLU E 161 23.71 0.53 23.52
CA GLU E 161 23.09 -0.66 24.11
C GLU E 161 21.81 -0.32 24.84
N LYS E 162 21.75 0.88 25.46
CA LYS E 162 20.61 1.31 26.27
C LYS E 162 20.18 2.74 26.03
N ILE E 163 18.87 2.94 26.04
CA ILE E 163 18.19 4.22 26.05
C ILE E 163 17.29 4.15 27.27
N GLU E 164 17.49 5.07 28.22
CA GLU E 164 16.67 5.12 29.43
C GLU E 164 16.00 6.49 29.51
N VAL E 165 14.70 6.49 29.87
CA VAL E 165 13.90 7.72 29.98
C VAL E 165 13.31 7.84 31.37
N SER E 166 13.40 9.06 31.98
CA SER E 166 12.80 9.37 33.28
C SER E 166 11.32 9.03 33.26
N SER E 167 10.84 8.37 34.32
CA SER E 167 9.44 7.98 34.48
C SER E 167 8.51 9.21 34.43
N ASN E 168 9.04 10.38 34.80
CA ASN E 168 8.33 11.65 34.85
C ASN E 168 8.35 12.41 33.51
N ASN E 169 9.04 11.88 32.46
CA ASN E 169 9.01 12.50 31.14
C ASN E 169 7.59 12.37 30.59
N LYS E 170 7.03 13.46 30.07
CA LYS E 170 5.65 13.50 29.61
C LYS E 170 5.47 13.03 28.13
N ASN E 171 6.55 12.99 27.35
CA ASN E 171 6.47 12.70 25.93
C ASN E 171 7.15 11.40 25.47
N TYR E 172 8.06 10.86 26.27
CA TYR E 172 8.81 9.66 25.89
C TYR E 172 8.90 8.66 27.05
N VAL E 173 9.15 7.38 26.69
CA VAL E 173 9.29 6.28 27.63
C VAL E 173 10.24 5.23 27.00
N ALA E 174 10.90 4.44 27.85
CA ALA E 174 11.77 3.37 27.39
C ALA E 174 11.29 2.04 27.97
N GLU E 175 11.14 1.03 27.13
CA GLU E 175 10.71 -0.31 27.51
C GLU E 175 11.75 -1.29 26.99
N ASN E 176 12.51 -1.91 27.93
CA ASN E 176 13.58 -2.87 27.66
C ASN E 176 14.70 -2.16 26.87
N TYR E 177 14.96 -0.88 27.26
CA TYR E 177 15.99 0.03 26.73
C TYR E 177 15.70 0.48 25.28
N VAL E 178 14.46 0.23 24.79
CA VAL E 178 13.98 0.67 23.46
C VAL E 178 13.15 1.96 23.69
N LEU E 179 13.49 3.01 22.96
CA LEU E 179 12.82 4.31 23.08
C LEU E 179 11.50 4.34 22.30
N TYR E 180 10.47 4.83 22.99
CA TYR E 180 9.11 5.04 22.49
C TYR E 180 8.64 6.43 22.87
N ASN E 181 7.51 6.85 22.27
CA ASN E 181 6.81 8.04 22.74
C ASN E 181 6.03 7.56 23.98
N LYS E 182 5.64 8.48 24.88
CA LYS E 182 4.96 8.16 26.13
C LYS E 182 3.88 7.06 26.02
N ASN E 183 3.02 7.10 25.00
CA ASN E 183 1.89 6.16 24.81
C ASN E 183 2.26 4.94 23.93
N LYS E 184 3.57 4.71 23.68
CA LYS E 184 4.09 3.58 22.89
C LYS E 184 3.36 3.35 21.53
N THR E 185 3.00 4.43 20.84
CA THR E 185 2.39 4.33 19.52
C THR E 185 3.43 4.56 18.43
N ILE E 186 4.59 5.12 18.86
CA ILE E 186 5.77 5.34 18.00
C ILE E 186 6.97 4.66 18.65
N LEU E 187 7.64 3.79 17.89
CA LEU E 187 8.90 3.15 18.29
C LEU E 187 9.96 4.09 17.73
N GLU E 188 10.64 4.86 18.61
CA GLU E 188 11.59 5.90 18.19
C GLU E 188 12.99 5.38 17.89
N SER E 189 13.54 4.50 18.73
CA SER E 189 14.91 4.03 18.54
C SER E 189 15.17 2.73 19.27
N TYR E 190 15.71 1.74 18.53
CA TYR E 190 16.15 0.44 19.04
C TYR E 190 17.70 0.51 19.08
N PRO E 191 18.34 0.47 20.28
CA PRO E 191 19.82 0.57 20.35
C PRO E 191 20.51 -0.50 19.48
N ALA E 192 21.42 -0.08 18.59
CA ALA E 192 22.08 -0.94 17.60
C ALA E 192 22.85 -2.13 18.23
N ALA E 193 23.41 -1.96 19.43
CA ALA E 193 24.18 -3.00 20.11
C ALA E 193 23.36 -3.69 21.21
N LYS E 194 22.04 -3.45 21.25
CA LYS E 194 21.15 -4.13 22.20
C LYS E 194 21.13 -5.62 21.89
N THR E 195 21.29 -6.44 22.93
CA THR E 195 21.31 -7.90 22.83
C THR E 195 19.92 -8.43 22.52
N GLY E 196 19.89 -9.51 21.73
CA GLY E 196 18.67 -10.20 21.32
C GLY E 196 18.65 -10.54 19.85
N THR E 197 18.24 -11.79 19.51
CA THR E 197 18.15 -12.29 18.13
C THR E 197 16.77 -12.02 17.49
N GLU E 198 15.72 -11.90 18.33
CA GLU E 198 14.36 -11.66 17.86
C GLU E 198 13.67 -10.53 18.62
N PHE E 199 12.77 -9.80 17.93
CA PHE E 199 12.02 -8.69 18.50
C PHE E 199 10.64 -8.62 17.90
N THR E 200 9.64 -8.44 18.75
CA THR E 200 8.26 -8.28 18.32
C THR E 200 7.88 -6.84 18.61
N ILE E 201 7.50 -6.08 17.56
CA ILE E 201 7.09 -4.68 17.72
C ILE E 201 5.77 -4.70 18.52
N PRO E 202 5.65 -3.96 19.66
CA PRO E 202 4.38 -3.97 20.40
C PRO E 202 3.19 -3.61 19.49
N SER E 203 2.07 -4.35 19.56
CA SER E 203 0.92 -4.09 18.68
C SER E 203 0.30 -2.69 18.91
N THR E 204 0.71 -1.96 19.98
CA THR E 204 0.29 -0.59 20.32
C THR E 204 0.98 0.42 19.34
N VAL E 205 2.09 0.02 18.70
CA VAL E 205 2.88 0.85 17.80
C VAL E 205 2.20 0.99 16.44
N LYS E 206 2.08 2.23 15.97
CA LYS E 206 1.50 2.60 14.67
C LYS E 206 2.62 3.05 13.70
N THR E 207 3.71 3.60 14.26
CA THR E 207 4.82 4.12 13.49
C THR E 207 6.18 3.67 14.01
N VAL E 208 7.05 3.28 13.09
CA VAL E 208 8.47 3.02 13.39
C VAL E 208 9.19 4.23 12.82
N THR E 209 9.71 5.11 13.69
CA THR E 209 10.47 6.31 13.29
C THR E 209 11.59 5.95 12.33
N ALA E 210 11.88 6.88 11.40
CA ALA E 210 13.00 6.77 10.46
C ALA E 210 14.25 6.37 11.20
N TYR E 211 14.97 5.35 10.68
CA TYR E 211 16.22 4.80 11.22
C TYR E 211 16.10 4.10 12.56
N GLY E 212 14.88 3.77 13.00
CA GLY E 212 14.64 3.10 14.27
C GLY E 212 15.47 1.87 14.58
N PHE E 213 15.63 0.96 13.60
CA PHE E 213 16.38 -0.31 13.77
C PHE E 213 17.68 -0.34 12.94
N SER E 214 18.08 0.83 12.36
CA SER E 214 19.27 1.00 11.52
C SER E 214 20.49 0.47 12.24
N TYR E 215 21.41 -0.10 11.46
CA TYR E 215 22.71 -0.66 11.88
C TYR E 215 22.61 -1.69 13.03
N GLY E 216 21.44 -2.30 13.18
CA GLY E 216 21.21 -3.31 14.22
C GLY E 216 22.17 -4.47 14.07
N LYS E 217 22.91 -4.75 15.13
CA LYS E 217 23.95 -5.78 15.08
C LYS E 217 23.42 -7.20 15.30
N ASN E 218 22.43 -7.35 16.20
CA ASN E 218 22.03 -8.68 16.65
C ASN E 218 20.68 -9.26 16.21
N LEU E 219 19.68 -8.45 15.85
CA LEU E 219 18.37 -9.02 15.51
C LEU E 219 18.40 -9.76 14.17
N LYS E 220 17.94 -11.02 14.20
CA LYS E 220 17.82 -11.87 13.03
C LYS E 220 16.41 -11.75 12.47
N LYS E 221 15.42 -11.54 13.38
CA LYS E 221 14.01 -11.42 13.01
C LYS E 221 13.29 -10.31 13.77
N ILE E 222 12.39 -9.61 13.04
CA ILE E 222 11.51 -8.55 13.54
C ILE E 222 10.09 -8.90 13.11
N THR E 223 9.16 -8.90 14.09
CA THR E 223 7.76 -9.14 13.83
C THR E 223 7.05 -7.80 13.80
N ILE E 224 6.57 -7.41 12.60
CA ILE E 224 5.82 -6.16 12.44
C ILE E 224 4.37 -6.52 12.71
N THR E 225 3.87 -6.13 13.88
CA THR E 225 2.51 -6.41 14.34
C THR E 225 1.47 -5.58 13.55
N SER E 226 0.20 -5.99 13.63
CA SER E 226 -0.96 -5.42 12.89
C SER E 226 -1.18 -3.90 13.03
N GLY E 227 -0.67 -3.29 14.09
CA GLY E 227 -0.89 -1.87 14.32
C GLY E 227 -0.02 -0.95 13.48
N VAL E 228 1.15 -1.44 13.01
CA VAL E 228 2.09 -0.62 12.28
C VAL E 228 1.55 -0.22 10.90
N THR E 229 1.41 1.10 10.66
CA THR E 229 0.94 1.67 9.39
C THR E 229 2.06 2.44 8.69
N THR E 230 3.04 2.93 9.46
CA THR E 230 4.12 3.77 8.93
C THR E 230 5.52 3.24 9.31
N LEU E 231 6.35 3.10 8.29
CA LEU E 231 7.76 2.74 8.40
C LEU E 231 8.56 3.91 7.83
N GLY E 232 9.27 4.61 8.69
CA GLY E 232 10.07 5.77 8.30
C GLY E 232 11.26 5.43 7.42
N ASP E 233 11.88 6.47 6.82
CA ASP E 233 13.10 6.35 6.01
C ASP E 233 14.11 5.47 6.70
N GLY E 234 14.66 4.47 6.00
CA GLY E 234 15.66 3.55 6.55
C GLY E 234 15.38 3.00 7.94
N ALA E 235 14.09 2.70 8.27
CA ALA E 235 13.69 2.15 9.57
C ALA E 235 14.47 0.87 9.90
N PHE E 236 14.87 0.08 8.88
CA PHE E 236 15.64 -1.14 9.06
C PHE E 236 16.96 -1.05 8.27
N TYR E 237 17.48 0.17 8.06
CA TYR E 237 18.72 0.39 7.31
C TYR E 237 19.93 -0.41 7.87
N GLY E 238 20.67 -1.05 6.94
CA GLY E 238 21.93 -1.74 7.18
C GLY E 238 22.02 -2.64 8.41
N LYS E 240 22.79 -5.88 10.40
CA LYS E 240 23.90 -6.82 10.20
C LYS E 240 23.48 -8.30 10.20
N ALA E 241 22.48 -8.65 11.02
CA ALA E 241 22.04 -10.03 11.22
C ALA E 241 20.62 -10.32 10.71
N LEU E 242 19.82 -9.28 10.38
CA LEU E 242 18.45 -9.52 9.89
C LEU E 242 18.46 -10.47 8.65
N ASP E 243 17.86 -11.68 8.78
CA ASP E 243 17.93 -12.68 7.69
C ASP E 243 16.63 -12.86 6.88
N GLU E 244 15.51 -12.33 7.40
CA GLU E 244 14.20 -12.36 6.74
C GLU E 244 13.27 -11.40 7.39
N ILE E 245 12.31 -10.87 6.60
CA ILE E 245 11.33 -9.92 7.09
C ILE E 245 10.09 -9.99 6.26
N ALA E 246 8.97 -9.75 6.94
CA ALA E 246 7.67 -9.65 6.29
C ALA E 246 7.13 -8.27 6.56
N ILE E 247 6.81 -7.54 5.49
CA ILE E 247 6.18 -6.22 5.55
C ILE E 247 4.70 -6.52 5.39
N PRO E 248 3.91 -6.46 6.50
CA PRO E 248 2.49 -6.84 6.42
C PRO E 248 1.59 -5.83 5.69
N LYS E 249 0.35 -6.29 5.38
CA LYS E 249 -0.72 -5.55 4.72
C LYS E 249 -1.08 -4.26 5.43
N ASN E 250 -0.99 -4.24 6.78
CA ASN E 250 -1.36 -3.05 7.58
C ASN E 250 -0.45 -1.83 7.31
N VAL E 251 0.77 -2.06 6.79
CA VAL E 251 1.69 -0.96 6.49
C VAL E 251 1.18 -0.24 5.20
N THR E 252 0.89 1.07 5.32
CA THR E 252 0.36 1.89 4.23
C THR E 252 1.27 3.06 3.88
N SER E 253 2.41 3.21 4.58
CA SER E 253 3.37 4.31 4.32
C SER E 253 4.77 3.86 4.63
N ILE E 254 5.62 3.86 3.60
CA ILE E 254 7.01 3.40 3.73
C ILE E 254 7.95 4.44 3.14
N GLY E 255 8.98 4.77 3.91
CA GLY E 255 10.02 5.70 3.50
C GLY E 255 11.02 5.07 2.56
N SER E 256 12.06 5.83 2.21
CA SER E 256 13.10 5.38 1.29
C SER E 256 14.10 4.53 2.01
N PHE E 257 14.88 3.78 1.20
CA PHE E 257 15.97 2.86 1.62
C PHE E 257 15.64 2.11 2.94
N LEU E 258 14.41 1.56 3.04
CA LEU E 258 13.85 0.87 4.22
C LEU E 258 14.75 -0.24 4.75
N LEU E 259 15.18 -1.14 3.84
CA LEU E 259 16.02 -2.27 4.15
C LEU E 259 17.36 -2.24 3.39
N GLN E 260 17.79 -1.05 2.98
CA GLN E 260 19.01 -0.88 2.22
C GLN E 260 20.25 -1.41 3.00
N ASN E 261 21.08 -2.17 2.29
CA ASN E 261 22.36 -2.74 2.75
C ASN E 261 22.19 -3.67 3.99
N CYS E 262 21.10 -4.46 3.99
CA CYS E 262 20.81 -5.53 4.96
C CYS E 262 21.41 -6.77 4.33
N THR E 263 22.72 -6.91 4.50
CA THR E 263 23.57 -7.90 3.86
C THR E 263 23.31 -9.34 4.31
N ALA E 264 22.60 -9.54 5.44
CA ALA E 264 22.26 -10.89 5.89
C ALA E 264 20.79 -11.23 5.50
N LEU E 265 20.01 -10.29 4.94
CA LEU E 265 18.62 -10.56 4.54
C LEU E 265 18.55 -11.48 3.32
N LYS E 266 17.93 -12.66 3.50
CA LYS E 266 17.82 -13.70 2.49
C LYS E 266 16.48 -13.69 1.82
N THR E 267 15.41 -13.39 2.56
CA THR E 267 14.05 -13.41 2.01
C THR E 267 13.21 -12.20 2.46
N LEU E 268 12.48 -11.60 1.49
CA LEU E 268 11.57 -10.50 1.71
C LEU E 268 10.18 -10.89 1.25
N ASN E 269 9.20 -10.76 2.18
CA ASN E 269 7.77 -10.93 1.94
C ASN E 269 7.16 -9.57 2.12
N PHE E 270 6.78 -8.94 1.02
CA PHE E 270 6.25 -7.58 0.99
C PHE E 270 4.75 -7.64 0.66
N TYR E 271 3.90 -7.26 1.63
CA TYR E 271 2.44 -7.33 1.50
C TYR E 271 1.78 -6.00 1.78
N ALA E 272 2.57 -4.94 1.98
CA ALA E 272 2.12 -3.60 2.32
C ALA E 272 1.10 -3.04 1.32
N LYS E 273 0.04 -2.38 1.85
CA LYS E 273 -0.99 -1.75 1.03
C LYS E 273 -0.46 -0.36 0.66
N VAL E 274 0.43 -0.31 -0.34
CA VAL E 274 1.08 0.91 -0.84
C VAL E 274 0.98 0.95 -2.37
N LYS E 275 0.83 2.17 -2.98
CA LYS E 275 0.76 2.26 -4.45
C LYS E 275 2.14 1.95 -5.05
N THR E 276 3.24 2.41 -4.41
CA THR E 276 4.57 2.12 -4.96
C THR E 276 5.52 1.42 -3.94
N VAL E 277 6.45 0.57 -4.45
CA VAL E 277 7.51 -0.04 -3.65
C VAL E 277 8.59 1.06 -3.58
N PRO E 278 8.88 1.63 -2.40
CA PRO E 278 9.71 2.86 -2.37
C PRO E 278 11.20 2.71 -2.66
N TYR E 279 11.72 3.78 -3.29
CA TYR E 279 13.08 4.02 -3.73
C TYR E 279 14.13 3.43 -2.77
N LEU E 280 15.06 2.66 -3.34
CA LEU E 280 16.21 2.02 -2.67
C LEU E 280 15.82 0.96 -1.60
N LEU E 281 14.55 0.46 -1.60
CA LEU E 281 14.00 -0.51 -0.62
C LEU E 281 15.02 -1.54 -0.17
N CYS E 282 15.55 -2.35 -1.11
CA CYS E 282 16.50 -3.44 -0.82
C CYS E 282 17.80 -3.29 -1.59
N SER E 283 18.20 -2.04 -1.86
CA SER E 283 19.46 -1.75 -2.53
C SER E 283 20.59 -2.31 -1.68
N GLY E 284 21.49 -3.05 -2.33
CA GLY E 284 22.65 -3.63 -1.67
C GLY E 284 22.39 -4.79 -0.71
N CYS E 285 21.25 -5.50 -0.86
CA CYS E 285 20.94 -6.67 -0.03
C CYS E 285 21.53 -7.82 -0.78
N SER E 286 22.87 -7.86 -0.73
CA SER E 286 23.76 -8.75 -1.45
C SER E 286 23.46 -10.24 -1.25
N ASN E 287 22.66 -10.62 -0.22
CA ASN E 287 22.34 -12.03 0.01
C ASN E 287 20.85 -12.32 -0.13
N LEU E 288 20.06 -11.34 -0.62
CA LEU E 288 18.62 -11.52 -0.85
C LEU E 288 18.42 -12.40 -2.07
N THR E 289 17.81 -13.57 -1.86
CA THR E 289 17.62 -14.55 -2.92
C THR E 289 16.16 -14.65 -3.41
N LYS E 290 15.16 -14.39 -2.52
CA LYS E 290 13.74 -14.50 -2.85
C LYS E 290 12.99 -13.29 -2.40
N VAL E 291 12.13 -12.77 -3.30
CA VAL E 291 11.27 -11.63 -3.02
C VAL E 291 9.86 -11.97 -3.46
N VAL E 292 8.90 -11.80 -2.55
CA VAL E 292 7.48 -11.99 -2.81
C VAL E 292 6.76 -10.66 -2.52
N ASP E 294 3.10 -9.03 -2.82
CA ASP E 294 1.72 -9.42 -3.00
C ASP E 294 0.76 -8.45 -2.32
N ASN E 295 0.20 -7.54 -3.16
CA ASN E 295 -0.84 -6.59 -2.79
C ASN E 295 -1.43 -5.95 -4.04
N SER E 296 -2.76 -6.05 -4.17
CA SER E 296 -3.53 -5.49 -5.29
C SER E 296 -3.37 -3.97 -5.42
N ALA E 297 -2.81 -3.27 -4.41
CA ALA E 297 -2.61 -1.82 -4.43
C ALA E 297 -1.30 -1.42 -5.10
N ILE E 298 -0.31 -2.32 -5.17
CA ILE E 298 1.01 -1.97 -5.74
C ILE E 298 0.94 -1.83 -7.27
N GLU E 299 1.25 -0.62 -7.76
CA GLU E 299 1.23 -0.22 -9.17
C GLU E 299 2.62 0.00 -9.76
N THR E 300 3.56 0.53 -8.94
CA THR E 300 4.92 0.86 -9.38
C THR E 300 6.01 0.29 -8.46
N LEU E 301 7.20 0.06 -9.03
CA LEU E 301 8.43 -0.29 -8.34
C LEU E 301 9.39 0.84 -8.62
N GLU E 302 9.58 1.75 -7.65
CA GLU E 302 10.44 2.92 -7.79
C GLU E 302 11.90 2.55 -8.14
N PRO E 303 12.75 3.49 -8.59
CA PRO E 303 14.12 3.11 -8.95
C PRO E 303 14.92 2.51 -7.80
N ARG E 304 15.84 1.60 -8.17
CA ARG E 304 16.84 0.97 -7.33
C ARG E 304 16.25 0.14 -6.16
N VAL E 305 15.00 -0.33 -6.28
CA VAL E 305 14.35 -1.12 -5.21
C VAL E 305 15.09 -2.44 -4.91
N PHE E 306 15.69 -3.08 -5.94
CA PHE E 306 16.48 -4.31 -5.76
C PHE E 306 17.84 -4.16 -6.45
N ASP E 308 21.67 -4.03 -7.07
CA ASP E 308 22.85 -4.76 -6.58
C ASP E 308 22.47 -5.94 -5.67
N CYS E 309 21.28 -6.51 -5.94
CA CYS E 309 20.79 -7.74 -5.32
C CYS E 309 21.25 -8.89 -6.21
N VAL E 310 22.57 -9.05 -6.21
CA VAL E 310 23.34 -9.95 -7.05
C VAL E 310 22.95 -11.42 -6.89
N LYS E 311 22.35 -11.79 -5.74
CA LYS E 311 21.94 -13.16 -5.45
C LYS E 311 20.43 -13.35 -5.60
N LEU E 312 19.69 -12.28 -5.97
CA LEU E 312 18.24 -12.40 -6.13
C LEU E 312 17.90 -13.18 -7.39
N SER E 313 17.22 -14.34 -7.20
CA SER E 313 16.86 -15.25 -8.29
C SER E 313 15.35 -15.38 -8.50
N SER E 314 14.53 -15.33 -7.43
CA SER E 314 13.07 -15.44 -7.59
C SER E 314 12.37 -14.18 -7.08
N VAL E 315 11.64 -13.55 -7.99
CA VAL E 315 10.89 -12.32 -7.77
C VAL E 315 9.45 -12.57 -8.17
N THR E 316 8.52 -12.45 -7.21
CA THR E 316 7.09 -12.56 -7.46
C THR E 316 6.57 -11.13 -7.51
N LEU E 317 6.14 -10.71 -8.69
CA LEU E 317 5.63 -9.36 -8.89
C LEU E 317 4.15 -9.26 -8.41
N PRO E 318 3.69 -8.09 -7.92
CA PRO E 318 2.29 -8.00 -7.48
C PRO E 318 1.36 -8.07 -8.69
N THR E 319 0.28 -8.87 -8.57
CA THR E 319 -0.71 -9.22 -9.59
C THR E 319 -1.32 -8.02 -10.35
N ALA E 320 -1.29 -6.79 -9.79
CA ALA E 320 -1.86 -5.59 -10.40
C ALA E 320 -0.79 -4.52 -10.71
N LEU E 321 0.49 -4.95 -10.78
CA LEU E 321 1.62 -4.06 -11.09
C LEU E 321 1.46 -3.46 -12.49
N LYS E 322 1.81 -2.17 -12.65
CA LYS E 322 1.67 -1.47 -13.92
C LYS E 322 3.01 -0.88 -14.43
N THR E 323 3.92 -0.48 -13.51
CA THR E 323 5.20 0.13 -13.86
C THR E 323 6.42 -0.44 -13.07
N ILE E 324 7.53 -0.68 -13.79
CA ILE E 324 8.81 -1.11 -13.27
C ILE E 324 9.76 -0.01 -13.71
N GLN E 325 10.19 0.84 -12.78
CA GLN E 325 11.04 1.98 -13.09
C GLN E 325 12.53 1.61 -13.24
N VAL E 326 13.34 2.59 -13.69
CA VAL E 326 14.77 2.51 -13.93
C VAL E 326 15.51 1.84 -12.76
N TYR E 327 16.56 1.04 -13.07
CA TYR E 327 17.46 0.39 -12.10
C TYR E 327 16.76 -0.40 -10.99
N ALA E 328 15.46 -0.74 -11.16
CA ALA E 328 14.71 -1.50 -10.15
C ALA E 328 15.42 -2.82 -9.86
N PHE E 329 15.88 -3.48 -10.93
CA PHE E 329 16.59 -4.73 -10.82
C PHE E 329 18.02 -4.59 -11.36
N LYS E 330 18.66 -3.46 -11.03
CA LYS E 330 20.00 -3.15 -11.46
C LYS E 330 20.99 -4.17 -10.88
N ASN E 331 21.77 -4.77 -11.79
CA ASN E 331 22.82 -5.75 -11.51
C ASN E 331 22.30 -7.00 -10.77
N CYS E 332 21.05 -7.42 -11.06
CA CYS E 332 20.47 -8.61 -10.45
C CYS E 332 20.89 -9.84 -11.28
N LYS E 333 22.20 -10.10 -11.25
CA LYS E 333 22.92 -11.15 -11.97
C LYS E 333 22.22 -12.52 -11.89
N ALA E 334 21.72 -12.90 -10.68
CA ALA E 334 21.03 -14.16 -10.45
C ALA E 334 19.56 -14.16 -10.93
N LEU E 335 18.98 -12.99 -11.25
CA LEU E 335 17.60 -12.94 -11.73
C LEU E 335 17.55 -13.44 -13.18
N SER E 336 17.31 -14.76 -13.36
CA SER E 336 17.28 -15.43 -14.66
C SER E 336 15.89 -15.37 -15.32
N THR E 337 14.81 -15.62 -14.55
CA THR E 337 13.43 -15.67 -15.03
C THR E 337 12.45 -14.88 -14.12
N ILE E 338 11.35 -14.38 -14.71
CA ILE E 338 10.33 -13.61 -13.99
C ILE E 338 8.98 -13.74 -14.71
N SER E 339 7.89 -13.89 -13.93
CA SER E 339 6.53 -13.94 -14.48
C SER E 339 5.98 -12.52 -14.47
N TYR E 340 5.57 -12.03 -15.64
CA TYR E 340 5.02 -10.69 -15.80
C TYR E 340 3.49 -10.70 -15.66
N PRO E 341 2.93 -9.89 -14.73
CA PRO E 341 1.45 -9.83 -14.63
C PRO E 341 0.86 -9.09 -15.83
N LYS E 342 -0.23 -9.62 -16.42
CA LYS E 342 -0.89 -9.06 -17.61
C LYS E 342 -1.22 -7.56 -17.47
N SER E 343 -1.19 -7.02 -16.23
CA SER E 343 -1.48 -5.62 -15.93
C SER E 343 -0.31 -4.65 -16.24
N ILE E 344 0.90 -5.15 -16.55
CA ILE E 344 2.07 -4.29 -16.82
C ILE E 344 1.81 -3.41 -18.02
N THR E 345 2.09 -2.12 -17.88
CA THR E 345 1.89 -1.12 -18.92
C THR E 345 3.23 -0.53 -19.38
N LEU E 346 4.21 -0.41 -18.46
CA LEU E 346 5.49 0.19 -18.81
C LEU E 346 6.66 -0.38 -18.00
N ILE E 347 7.76 -0.69 -18.70
CA ILE E 347 9.04 -1.11 -18.14
C ILE E 347 10.04 -0.07 -18.64
N GLU E 348 10.46 0.84 -17.76
CA GLU E 348 11.40 1.90 -18.10
C GLU E 348 12.72 1.31 -18.60
N SER E 349 13.43 2.06 -19.45
CA SER E 349 14.72 1.65 -20.00
C SER E 349 15.74 1.51 -18.90
N GLY E 350 16.36 0.34 -18.84
CA GLY E 350 17.38 0.03 -17.85
C GLY E 350 16.83 -0.46 -16.53
N ALA E 351 15.57 -0.90 -16.52
CA ALA E 351 14.91 -1.44 -15.33
C ALA E 351 15.56 -2.77 -14.96
N PHE E 352 16.05 -3.49 -15.97
CA PHE E 352 16.71 -4.78 -15.84
C PHE E 352 18.18 -4.72 -16.30
N GLU E 353 18.82 -3.53 -16.20
CA GLU E 353 20.21 -3.33 -16.58
C GLU E 353 21.14 -4.09 -15.63
N GLY E 354 21.98 -4.94 -16.20
CA GLY E 354 22.96 -5.72 -15.44
C GLY E 354 22.44 -7.04 -14.90
N SER E 355 21.16 -7.36 -15.15
CA SER E 355 20.53 -8.59 -14.67
C SER E 355 20.49 -9.67 -15.78
N SER E 356 20.10 -10.91 -15.45
CA SER E 356 20.02 -11.96 -16.47
C SER E 356 18.58 -12.06 -17.02
N ILE E 357 17.99 -10.91 -17.40
CA ILE E 357 16.65 -10.83 -18.00
C ILE E 357 16.80 -10.27 -19.41
N THR E 358 16.58 -11.15 -20.40
CA THR E 358 16.68 -10.84 -21.82
C THR E 358 15.40 -11.32 -22.52
N LYS E 359 14.27 -11.00 -21.88
CA LYS E 359 12.91 -11.33 -22.31
C LYS E 359 11.93 -10.38 -21.61
N TYR E 360 11.11 -9.66 -22.39
CA TYR E 360 10.15 -8.72 -21.83
C TYR E 360 8.72 -9.11 -22.31
N PRO E 361 7.60 -8.57 -21.73
CA PRO E 361 6.26 -9.01 -22.17
C PRO E 361 5.99 -8.85 -23.66
N THR E 362 5.16 -9.74 -24.21
CA THR E 362 4.77 -9.76 -25.61
C THR E 362 3.96 -8.50 -25.98
N TRP E 363 3.10 -8.02 -25.04
CA TRP E 363 2.22 -6.86 -25.24
C TRP E 363 2.96 -5.50 -25.12
N LEU E 364 4.28 -5.52 -24.85
CA LEU E 364 5.08 -4.30 -24.78
C LEU E 364 6.01 -4.21 -26.01
N SER E 365 6.32 -2.98 -26.43
CA SER E 365 7.20 -2.72 -27.58
C SER E 365 8.21 -1.65 -27.22
N LYS E 366 9.46 -1.79 -27.71
CA LYS E 366 10.56 -0.86 -27.43
C LYS E 366 10.33 0.49 -28.09
N GLY E 367 10.15 1.51 -27.26
CA GLY E 367 9.93 2.88 -27.70
C GLY E 367 11.20 3.56 -28.17
N ASN E 368 11.05 4.80 -28.67
CA ASN E 368 12.14 5.64 -29.17
C ASN E 368 13.14 6.01 -28.06
N ASN E 369 12.66 6.14 -26.81
CA ASN E 369 13.50 6.49 -25.65
C ASN E 369 14.12 5.24 -24.97
N GLY E 370 13.85 4.06 -25.53
CA GLY E 370 14.35 2.80 -24.98
C GLY E 370 13.40 2.12 -24.01
N ASP E 371 12.33 2.82 -23.57
CA ASP E 371 11.31 2.30 -22.67
C ASP E 371 10.44 1.27 -23.37
N TYR E 372 9.93 0.29 -22.63
CA TYR E 372 9.03 -0.73 -23.19
C TYR E 372 7.59 -0.51 -22.75
N GLY E 373 6.69 -0.41 -23.73
CA GLY E 373 5.25 -0.22 -23.53
C GLY E 373 4.43 -0.20 -24.80
N ILE E 374 3.17 0.28 -24.72
CA ILE E 374 2.25 0.36 -25.84
C ILE E 374 2.16 1.81 -26.37
#